data_7JQY
#
_entry.id   7JQY
#
_cell.length_a   195.000
_cell.length_b   98.400
_cell.length_c   170.000
_cell.angle_alpha   90.000
_cell.angle_beta   118.600
_cell.angle_gamma   90.000
#
_symmetry.space_group_name_H-M   'C 1 2 1'
#
loop_
_entity.id
_entity.type
_entity.pdbx_description
1 polymer 'Cif-like 1'
2 water water
#
_entity_poly.entity_id   1
_entity_poly.type   'polypeptide(L)'
_entity_poly.pdbx_seq_one_letter_code
;MQNERSEQSMPGMPAPGLPAGFERRFSRRYAQLDDVRLHYVTGGPDDGEMVVLLHGWPQTWYTWRHVMPALAEDGYRVVA
VDYRGAGESDKPLGGYDKASMAGDIRALVHQLGATRIHLVGRSIGVMVAYAYAAQWPTEIVKLAMLDVPVPGTRIWDEAK
ASADPQIWHFGLHQQRDIAEMLIAGKERAYILDFYKKRTHVALSNDDIAVYADAYAAPGALRAGFELYRAFPQDETRFKA
FMKHKLPMPVLALAGDKSNGAKELDMARELALDVRGAVAPNTGHWLPDENPAFLTRQLLDFFREAASGR
;
_entity_poly.pdbx_strand_id   A,B,C,D,E,F,G,H
#
# COMPACT_ATOMS: atom_id res chain seq x y z
N PRO A 11 -5.72 -22.47 -12.07
CA PRO A 11 -6.47 -23.70 -12.33
C PRO A 11 -6.06 -24.84 -11.39
N GLY A 12 -6.99 -25.77 -11.06
CA GLY A 12 -6.62 -26.91 -10.25
C GLY A 12 -7.59 -27.33 -9.15
N MET A 13 -7.79 -28.65 -8.98
CA MET A 13 -8.55 -29.17 -7.84
C MET A 13 -7.66 -29.18 -6.60
N PRO A 14 -8.25 -29.09 -5.40
CA PRO A 14 -7.42 -29.10 -4.18
C PRO A 14 -6.54 -30.35 -4.14
N ALA A 15 -5.28 -30.15 -3.76
CA ALA A 15 -4.32 -31.24 -3.67
C ALA A 15 -4.09 -31.58 -2.21
N PRO A 16 -4.60 -32.69 -1.70
CA PRO A 16 -4.45 -33.00 -0.28
C PRO A 16 -3.04 -33.46 0.06
N GLY A 17 -2.73 -33.37 1.36
CA GLY A 17 -1.51 -33.97 1.87
C GLY A 17 -0.38 -32.97 2.01
N LEU A 18 0.76 -33.49 2.44
CA LEU A 18 1.96 -32.70 2.55
C LEU A 18 2.47 -32.33 1.16
N PRO A 19 3.11 -31.16 1.03
CA PRO A 19 3.72 -30.81 -0.26
C PRO A 19 4.85 -31.77 -0.59
N ALA A 20 5.15 -31.87 -1.88
CA ALA A 20 6.19 -32.78 -2.35
C ALA A 20 7.52 -32.44 -1.69
N GLY A 21 8.23 -33.47 -1.25
CA GLY A 21 9.51 -33.33 -0.62
C GLY A 21 9.48 -33.05 0.87
N PHE A 22 8.30 -32.78 1.43
CA PHE A 22 8.20 -32.50 2.86
C PHE A 22 8.74 -33.65 3.69
N GLU A 23 8.46 -34.88 3.25
CA GLU A 23 8.77 -36.08 4.03
C GLU A 23 10.26 -36.21 4.29
N ARG A 24 11.09 -35.78 3.35
CA ARG A 24 12.54 -35.92 3.46
C ARG A 24 13.20 -34.77 4.22
N ARG A 25 12.51 -33.68 4.42
CA ARG A 25 13.05 -32.50 5.03
C ARG A 25 12.66 -32.20 6.44
N PHE A 26 11.62 -32.83 6.93
CA PHE A 26 11.10 -32.58 8.26
C PHE A 26 10.97 -33.88 9.02
N SER A 27 10.91 -33.77 10.35
CA SER A 27 10.87 -34.91 11.24
C SER A 27 9.92 -34.62 12.39
N ARG A 28 9.23 -35.65 12.83
CA ARG A 28 8.39 -35.58 14.02
C ARG A 28 9.25 -35.93 15.23
N ARG A 29 9.11 -35.14 16.30
CA ARG A 29 9.90 -35.36 17.50
C ARG A 29 9.04 -35.09 18.73
N TYR A 30 9.52 -35.59 19.87
CA TYR A 30 8.91 -35.35 21.17
C TYR A 30 9.90 -34.65 22.10
N ALA A 31 9.40 -33.82 22.99
CA ALA A 31 10.19 -33.18 24.02
C ALA A 31 9.53 -33.41 25.37
N GLN A 32 10.23 -34.10 26.27
CA GLN A 32 9.71 -34.33 27.61
C GLN A 32 10.02 -33.12 28.47
N LEU A 33 8.99 -32.45 28.95
CA LEU A 33 9.14 -31.40 29.92
C LEU A 33 8.88 -32.01 31.30
N ASP A 34 8.72 -31.14 32.31
CA ASP A 34 8.73 -31.62 33.69
C ASP A 34 7.53 -32.49 34.00
N ASP A 35 6.42 -32.31 33.29
CA ASP A 35 5.28 -33.18 33.46
C ASP A 35 4.68 -33.57 32.12
N VAL A 36 4.77 -32.66 31.15
CA VAL A 36 4.10 -32.80 29.86
C VAL A 36 5.11 -33.15 28.78
N ARG A 37 4.74 -34.09 27.92
CA ARG A 37 5.51 -34.36 26.71
C ARG A 37 4.81 -33.69 25.53
N LEU A 38 5.55 -32.90 24.77
CA LEU A 38 5.04 -32.18 23.62
C LEU A 38 5.58 -32.80 22.34
N HIS A 39 4.72 -32.86 21.32
CA HIS A 39 5.04 -33.33 19.99
C HIS A 39 5.29 -32.12 19.10
N TYR A 40 6.29 -32.21 18.22
CA TYR A 40 6.56 -31.10 17.32
C TYR A 40 7.24 -31.62 16.06
N VAL A 41 7.15 -30.83 14.99
CA VAL A 41 7.75 -31.15 13.71
C VAL A 41 8.78 -30.08 13.38
N THR A 42 9.97 -30.50 12.98
CA THR A 42 11.05 -29.55 12.84
C THR A 42 11.87 -29.85 11.59
N GLY A 43 12.45 -28.80 11.03
CA GLY A 43 13.32 -28.91 9.87
C GLY A 43 14.06 -27.60 9.66
N GLY A 44 14.95 -27.62 8.68
CA GLY A 44 15.83 -26.50 8.43
C GLY A 44 17.13 -26.65 9.20
N PRO A 45 18.03 -25.69 9.04
CA PRO A 45 19.35 -25.81 9.67
C PRO A 45 19.28 -25.79 11.20
N ASP A 46 20.05 -26.68 11.83
CA ASP A 46 20.08 -26.70 13.29
C ASP A 46 20.59 -25.39 13.86
N ASP A 47 21.39 -24.65 13.08
CA ASP A 47 22.01 -23.41 13.54
C ASP A 47 21.20 -22.17 13.20
N GLY A 48 20.13 -22.30 12.43
CA GLY A 48 19.41 -21.12 11.97
C GLY A 48 18.59 -20.47 13.08
N GLU A 49 18.16 -19.24 12.81
CA GLU A 49 17.26 -18.54 13.71
C GLU A 49 15.96 -19.32 13.83
N MET A 50 15.51 -19.54 15.05
CA MET A 50 14.37 -20.40 15.28
C MET A 50 13.05 -19.63 15.11
N VAL A 51 12.14 -20.23 14.34
CA VAL A 51 10.78 -19.74 14.12
C VAL A 51 9.82 -20.78 14.68
N VAL A 52 9.05 -20.40 15.70
CA VAL A 52 8.08 -21.28 16.34
C VAL A 52 6.69 -20.95 15.81
N LEU A 53 5.94 -21.97 15.39
CA LEU A 53 4.60 -21.82 14.84
C LEU A 53 3.58 -22.52 15.73
N LEU A 54 2.53 -21.78 16.11
CA LEU A 54 1.53 -22.28 17.04
C LEU A 54 0.17 -22.27 16.35
N HIS A 55 -0.40 -23.47 16.17
CA HIS A 55 -1.73 -23.64 15.62
C HIS A 55 -2.78 -23.24 16.65
N GLY A 56 -4.06 -23.40 16.29
CA GLY A 56 -5.18 -23.17 17.17
C GLY A 56 -6.14 -24.35 17.16
N TRP A 57 -7.41 -24.05 17.42
CA TRP A 57 -8.54 -24.98 17.40
C TRP A 57 -9.35 -24.82 16.13
N PRO A 58 -9.77 -25.92 15.46
CA PRO A 58 -9.43 -27.31 15.78
C PRO A 58 -8.27 -27.79 14.90
N GLN A 59 -7.03 -27.49 15.31
CA GLN A 59 -5.88 -27.70 14.44
C GLN A 59 -4.79 -28.46 15.17
N THR A 60 -3.76 -28.80 14.39
CA THR A 60 -2.50 -29.34 14.85
C THR A 60 -1.39 -28.61 14.10
N TRP A 61 -0.13 -29.03 14.34
CA TRP A 61 1.00 -28.52 13.58
C TRP A 61 0.77 -28.60 12.06
N TYR A 62 -0.05 -29.57 11.64
CA TYR A 62 -0.26 -29.87 10.23
C TYR A 62 -0.78 -28.68 9.45
N THR A 63 -1.35 -27.69 10.13
CA THR A 63 -1.87 -26.51 9.45
C THR A 63 -0.75 -25.67 8.86
N TRP A 64 0.49 -25.84 9.31
CA TRP A 64 1.63 -25.09 8.79
C TRP A 64 2.33 -25.81 7.64
N ARG A 65 1.75 -26.89 7.10
CA ARG A 65 2.46 -27.75 6.16
C ARG A 65 2.92 -27.02 4.89
N HIS A 66 2.20 -26.00 4.46
CA HIS A 66 2.56 -25.28 3.23
C HIS A 66 3.38 -24.03 3.52
N VAL A 67 3.64 -23.73 4.79
CA VAL A 67 4.46 -22.59 5.19
C VAL A 67 5.86 -23.01 5.59
N MET A 68 5.99 -24.16 6.26
CA MET A 68 7.28 -24.59 6.79
C MET A 68 8.37 -24.82 5.75
N PRO A 69 8.11 -25.39 4.56
CA PRO A 69 9.22 -25.59 3.61
C PRO A 69 9.89 -24.29 3.20
N ALA A 70 9.11 -23.25 2.86
CA ALA A 70 9.72 -22.00 2.43
C ALA A 70 10.53 -21.36 3.55
N LEU A 71 10.05 -21.46 4.80
CA LEU A 71 10.82 -20.92 5.92
C LEU A 71 12.14 -21.65 6.07
N ALA A 72 12.13 -22.99 5.90
CA ALA A 72 13.35 -23.76 6.07
C ALA A 72 14.32 -23.53 4.92
N GLU A 73 13.81 -23.28 3.71
CA GLU A 73 14.69 -23.00 2.59
C GLU A 73 15.41 -21.65 2.76
N ASP A 74 14.83 -20.73 3.53
CA ASP A 74 15.46 -19.43 3.77
C ASP A 74 16.33 -19.45 5.03
N GLY A 75 16.69 -20.63 5.52
CA GLY A 75 17.63 -20.76 6.62
C GLY A 75 17.07 -20.69 8.02
N TYR A 76 15.75 -20.65 8.17
CA TYR A 76 15.17 -20.62 9.51
C TYR A 76 15.05 -22.05 10.04
N ARG A 77 15.17 -22.16 11.37
CA ARG A 77 14.97 -23.43 12.07
C ARG A 77 13.50 -23.50 12.46
N VAL A 78 12.73 -24.29 11.71
CA VAL A 78 11.28 -24.35 11.85
C VAL A 78 10.91 -25.32 12.97
N VAL A 79 10.05 -24.88 13.88
CA VAL A 79 9.53 -25.71 14.96
C VAL A 79 8.02 -25.48 15.01
N ALA A 80 7.25 -26.44 14.49
CA ALA A 80 5.79 -26.40 14.53
C ALA A 80 5.32 -27.31 15.66
N VAL A 81 4.69 -26.73 16.67
CA VAL A 81 4.43 -27.40 17.94
C VAL A 81 2.96 -27.78 18.04
N ASP A 82 2.70 -29.02 18.46
CA ASP A 82 1.40 -29.37 19.01
C ASP A 82 1.40 -28.92 20.47
N TYR A 83 0.67 -27.87 20.78
CA TYR A 83 0.73 -27.40 22.16
C TYR A 83 0.03 -28.39 23.10
N ARG A 84 0.13 -28.09 24.39
CA ARG A 84 -0.42 -28.95 25.45
C ARG A 84 -1.85 -29.36 25.13
N GLY A 85 -2.09 -30.67 25.05
CA GLY A 85 -3.41 -31.19 24.84
C GLY A 85 -3.81 -31.45 23.40
N ALA A 86 -3.03 -30.99 22.43
CA ALA A 86 -3.40 -31.08 21.02
C ALA A 86 -2.54 -32.09 20.29
N GLY A 87 -3.12 -32.68 19.24
CA GLY A 87 -2.36 -33.56 18.36
C GLY A 87 -1.78 -34.76 19.09
N GLU A 88 -0.50 -35.00 18.86
CA GLU A 88 0.20 -36.10 19.49
C GLU A 88 0.83 -35.71 20.83
N SER A 89 0.54 -34.51 21.34
CA SER A 89 1.06 -34.12 22.65
C SER A 89 0.21 -34.71 23.78
N ASP A 90 0.78 -34.71 24.98
CA ASP A 90 0.07 -35.19 26.16
C ASP A 90 -1.16 -34.33 26.40
N LYS A 91 -2.10 -34.90 27.15
CA LYS A 91 -3.37 -34.26 27.51
C LYS A 91 -3.48 -34.24 29.03
N PRO A 92 -2.73 -33.34 29.72
CA PRO A 92 -2.80 -33.34 31.18
C PRO A 92 -4.14 -32.89 31.71
N LEU A 93 -4.29 -32.91 33.04
CA LEU A 93 -5.55 -32.52 33.67
C LEU A 93 -5.84 -31.03 33.46
N GLY A 94 -4.83 -30.18 33.64
CA GLY A 94 -5.03 -28.74 33.57
C GLY A 94 -3.91 -27.98 32.90
N GLY A 95 -3.78 -26.69 33.22
CA GLY A 95 -2.76 -25.87 32.61
C GLY A 95 -3.12 -25.31 31.26
N TYR A 96 -4.40 -25.10 30.99
CA TYR A 96 -4.83 -24.65 29.66
C TYR A 96 -5.08 -23.16 29.61
N ASP A 97 -4.82 -22.45 30.69
CA ASP A 97 -4.70 -21.01 30.60
C ASP A 97 -3.51 -20.70 29.69
N LYS A 98 -3.65 -19.64 28.87
CA LYS A 98 -2.68 -19.44 27.81
C LYS A 98 -1.30 -19.04 28.35
N ALA A 99 -1.26 -18.34 29.49
CA ALA A 99 0.03 -17.94 30.05
C ALA A 99 0.87 -19.15 30.43
N SER A 100 0.26 -20.17 31.04
CA SER A 100 1.02 -21.36 31.40
C SER A 100 1.45 -22.14 30.16
N MET A 101 0.58 -22.19 29.14
CA MET A 101 0.92 -22.87 27.89
C MET A 101 2.08 -22.20 27.17
N ALA A 102 2.19 -20.88 27.28
CA ALA A 102 3.40 -20.20 26.80
C ALA A 102 4.63 -20.71 27.54
N GLY A 103 4.49 -20.98 28.84
CA GLY A 103 5.61 -21.53 29.57
C GLY A 103 6.04 -22.88 29.03
N ASP A 104 5.07 -23.71 28.59
CA ASP A 104 5.40 -24.98 27.97
C ASP A 104 6.26 -24.76 26.72
N ILE A 105 5.82 -23.83 25.86
CA ILE A 105 6.53 -23.59 24.61
C ILE A 105 7.94 -23.05 24.89
N ARG A 106 8.06 -22.19 25.90
CA ARG A 106 9.38 -21.66 26.25
C ARG A 106 10.30 -22.77 26.73
N ALA A 107 9.77 -23.70 27.54
CA ALA A 107 10.60 -24.79 28.03
C ALA A 107 11.08 -25.67 26.89
N LEU A 108 10.23 -25.90 25.88
CA LEU A 108 10.67 -26.70 24.75
C LEU A 108 11.72 -25.96 23.94
N VAL A 109 11.54 -24.65 23.78
CA VAL A 109 12.51 -23.82 23.07
C VAL A 109 13.85 -23.81 23.78
N HIS A 110 13.85 -23.70 25.11
CA HIS A 110 15.11 -23.73 25.85
C HIS A 110 15.76 -25.10 25.75
N GLN A 111 14.95 -26.16 25.74
CA GLN A 111 15.49 -27.51 25.64
C GLN A 111 16.11 -27.77 24.28
N LEU A 112 15.71 -27.03 23.26
CA LEU A 112 16.30 -27.17 21.93
C LEU A 112 17.54 -26.28 21.75
N GLY A 113 18.00 -25.63 22.81
CA GLY A 113 19.21 -24.83 22.76
C GLY A 113 19.03 -23.39 22.36
N ALA A 114 17.80 -22.95 22.13
CA ALA A 114 17.53 -21.59 21.72
C ALA A 114 17.02 -20.77 22.90
N THR A 115 17.09 -19.46 22.74
CA THR A 115 16.45 -18.58 23.71
C THR A 115 15.74 -17.40 23.06
N ARG A 116 16.19 -16.91 21.91
CA ARG A 116 15.50 -15.85 21.18
C ARG A 116 14.89 -16.49 19.93
N ILE A 117 13.63 -16.17 19.65
CA ILE A 117 12.84 -16.86 18.64
C ILE A 117 11.93 -15.89 17.91
N HIS A 118 11.63 -16.20 16.66
CA HIS A 118 10.48 -15.63 15.98
C HIS A 118 9.26 -16.50 16.28
N LEU A 119 8.11 -15.86 16.43
CA LEU A 119 6.93 -16.52 16.97
C LEU A 119 5.74 -16.19 16.08
N VAL A 120 5.03 -17.23 15.61
CA VAL A 120 3.83 -17.09 14.80
C VAL A 120 2.71 -17.90 15.44
N GLY A 121 1.54 -17.28 15.59
CA GLY A 121 0.39 -17.97 16.15
C GLY A 121 -0.89 -17.53 15.47
N ARG A 122 -1.87 -18.44 15.48
CA ARG A 122 -3.23 -18.20 15.04
C ARG A 122 -4.19 -18.87 16.02
N SER A 123 -5.41 -18.33 16.09
CA SER A 123 -6.49 -18.85 16.95
C SER A 123 -5.96 -18.98 18.39
N ILE A 124 -6.10 -20.12 19.04
CA ILE A 124 -5.62 -20.30 20.41
C ILE A 124 -4.11 -20.04 20.49
N GLY A 125 -3.38 -20.41 19.44
CA GLY A 125 -1.94 -20.24 19.45
C GLY A 125 -1.49 -18.80 19.49
N VAL A 126 -2.30 -17.88 18.94
CA VAL A 126 -1.93 -16.46 19.01
C VAL A 126 -2.14 -15.91 20.42
N MET A 127 -3.01 -16.54 21.21
CA MET A 127 -3.12 -16.18 22.62
C MET A 127 -1.92 -16.70 23.40
N VAL A 128 -1.54 -17.96 23.13
CA VAL A 128 -0.30 -18.49 23.69
C VAL A 128 0.88 -17.63 23.27
N ALA A 129 0.94 -17.27 21.98
CA ALA A 129 2.07 -16.50 21.48
C ALA A 129 2.16 -15.14 22.15
N TYR A 130 1.00 -14.48 22.36
CA TYR A 130 0.98 -13.20 23.05
C TYR A 130 1.42 -13.34 24.51
N ALA A 131 0.94 -14.37 25.20
CA ALA A 131 1.36 -14.59 26.58
C ALA A 131 2.85 -14.88 26.68
N TYR A 132 3.42 -15.52 25.67
CA TYR A 132 4.85 -15.72 25.63
C TYR A 132 5.57 -14.37 25.55
N ALA A 133 5.13 -13.51 24.62
CA ALA A 133 5.77 -12.21 24.42
C ALA A 133 5.56 -11.29 25.62
N ALA A 134 4.40 -11.39 26.29
CA ALA A 134 4.14 -10.49 27.42
C ALA A 134 4.97 -10.89 28.62
N GLN A 135 5.17 -12.19 28.84
CA GLN A 135 5.92 -12.64 30.00
C GLN A 135 7.42 -12.57 29.80
N TRP A 136 7.90 -12.75 28.56
CA TRP A 136 9.34 -12.77 28.28
C TRP A 136 9.63 -11.93 27.04
N PRO A 137 9.43 -10.61 27.12
CA PRO A 137 9.53 -9.77 25.92
C PRO A 137 10.93 -9.74 25.31
N THR A 138 11.98 -9.84 26.11
CA THR A 138 13.33 -9.84 25.53
C THR A 138 13.60 -11.07 24.68
N GLU A 139 12.87 -12.17 24.92
CA GLU A 139 13.14 -13.42 24.22
C GLU A 139 12.41 -13.57 22.88
N ILE A 140 11.48 -12.68 22.55
CA ILE A 140 10.72 -12.75 21.29
C ILE A 140 11.26 -11.68 20.36
N VAL A 141 11.95 -12.11 19.30
CA VAL A 141 12.52 -11.16 18.34
C VAL A 141 11.41 -10.43 17.59
N LYS A 142 10.52 -11.19 16.95
CA LYS A 142 9.38 -10.65 16.23
C LYS A 142 8.19 -11.59 16.44
N LEU A 143 7.00 -11.03 16.39
CA LEU A 143 5.78 -11.79 16.66
C LEU A 143 4.77 -11.50 15.55
N ALA A 144 4.23 -12.57 14.95
CA ALA A 144 3.23 -12.47 13.89
C ALA A 144 1.90 -13.05 14.38
N MET A 145 0.83 -12.27 14.25
CA MET A 145 -0.47 -12.61 14.83
C MET A 145 -1.50 -12.81 13.72
N LEU A 146 -2.13 -13.97 13.70
CA LEU A 146 -3.00 -14.37 12.58
C LEU A 146 -4.44 -14.62 13.03
N ASP A 147 -5.38 -14.07 12.26
CA ASP A 147 -6.76 -14.55 12.12
C ASP A 147 -7.71 -14.26 13.28
N VAL A 148 -7.25 -14.36 14.52
CA VAL A 148 -8.16 -14.32 15.67
C VAL A 148 -7.69 -13.27 16.68
N PRO A 149 -8.58 -12.50 17.30
CA PRO A 149 -8.18 -11.58 18.37
C PRO A 149 -7.94 -12.29 19.70
N VAL A 150 -7.13 -11.65 20.56
CA VAL A 150 -6.80 -12.26 21.85
C VAL A 150 -7.70 -11.71 22.96
N PRO A 151 -7.94 -12.48 24.02
CA PRO A 151 -8.77 -11.98 25.12
C PRO A 151 -8.19 -10.73 25.74
N GLY A 152 -9.08 -9.87 26.26
CA GLY A 152 -8.71 -8.62 26.86
C GLY A 152 -8.79 -7.42 25.94
N THR A 153 -8.70 -7.63 24.63
CA THR A 153 -8.78 -6.52 23.70
C THR A 153 -10.23 -6.07 23.51
N ARG A 154 -10.40 -4.88 22.93
CA ARG A 154 -11.77 -4.42 22.70
C ARG A 154 -12.41 -5.16 21.54
N ILE A 155 -11.61 -5.62 20.58
CA ILE A 155 -12.13 -6.47 19.51
C ILE A 155 -12.68 -7.77 20.08
N TRP A 156 -12.01 -8.34 21.08
CA TRP A 156 -12.50 -9.53 21.76
C TRP A 156 -13.80 -9.26 22.51
N ASP A 157 -13.83 -8.17 23.27
CA ASP A 157 -15.02 -7.83 24.06
C ASP A 157 -16.19 -7.44 23.15
N GLU A 158 -15.87 -6.93 21.96
CA GLU A 158 -16.87 -6.45 21.01
C GLU A 158 -17.56 -7.62 20.31
N ALA A 159 -16.82 -8.70 20.04
CA ALA A 159 -17.45 -9.91 19.52
C ALA A 159 -18.38 -10.51 20.56
N LYS A 160 -17.99 -10.43 21.84
CA LYS A 160 -18.81 -10.99 22.91
C LYS A 160 -20.06 -10.18 23.16
N ALA A 161 -19.96 -8.85 23.20
CA ALA A 161 -21.13 -8.04 23.55
C ALA A 161 -22.14 -8.01 22.41
N SER A 162 -21.66 -8.05 21.17
CA SER A 162 -22.50 -8.13 19.98
C SER A 162 -23.19 -9.48 19.77
N ALA A 163 -22.83 -10.52 20.53
CA ALA A 163 -23.23 -11.90 20.26
C ALA A 163 -22.92 -12.32 18.82
N ASP A 164 -21.65 -12.15 18.45
CA ASP A 164 -21.19 -12.47 17.11
C ASP A 164 -21.51 -13.92 16.77
N PRO A 165 -22.18 -14.18 15.64
CA PRO A 165 -22.48 -15.59 15.27
C PRO A 165 -21.24 -16.44 15.12
N GLN A 166 -20.07 -15.85 14.85
CA GLN A 166 -18.91 -16.68 14.62
C GLN A 166 -18.28 -17.20 15.91
N ILE A 167 -18.77 -16.80 17.08
CA ILE A 167 -18.29 -17.39 18.33
C ILE A 167 -19.42 -18.09 19.04
N TRP A 168 -20.43 -18.56 18.29
CA TRP A 168 -21.52 -19.31 18.91
C TRP A 168 -21.00 -20.48 19.73
N HIS A 169 -19.87 -21.04 19.33
CA HIS A 169 -19.39 -22.26 19.94
C HIS A 169 -18.70 -22.02 21.28
N PHE A 170 -18.42 -20.77 21.64
CA PHE A 170 -17.81 -20.49 22.94
C PHE A 170 -18.67 -21.09 24.05
N GLY A 171 -19.99 -20.84 23.99
CA GLY A 171 -20.87 -21.35 25.02
C GLY A 171 -20.79 -22.87 25.17
N LEU A 172 -20.97 -23.59 24.05
CA LEU A 172 -20.96 -25.06 24.09
C LEU A 172 -19.63 -25.60 24.59
N HIS A 173 -18.52 -25.11 24.04
CA HIS A 173 -17.21 -25.62 24.44
C HIS A 173 -16.92 -25.37 25.92
N GLN A 174 -17.55 -24.37 26.52
CA GLN A 174 -17.34 -24.10 27.94
C GLN A 174 -18.23 -24.95 28.84
N GLN A 175 -19.06 -25.82 28.27
CA GLN A 175 -19.87 -26.74 29.07
C GLN A 175 -19.07 -28.00 29.33
N ARG A 176 -18.47 -28.10 30.53
CA ARG A 176 -17.64 -29.25 30.87
C ARG A 176 -18.46 -30.53 30.85
N ASP A 177 -17.89 -31.57 30.23
CA ASP A 177 -18.47 -32.92 30.11
C ASP A 177 -19.63 -32.97 29.11
N ILE A 178 -20.47 -31.93 29.06
CA ILE A 178 -21.57 -31.92 28.10
C ILE A 178 -21.03 -31.82 26.69
N ALA A 179 -20.08 -30.90 26.46
CA ALA A 179 -19.53 -30.74 25.12
C ALA A 179 -18.89 -32.04 24.65
N GLU A 180 -18.13 -32.71 25.52
CA GLU A 180 -17.50 -33.97 25.14
C GLU A 180 -18.53 -35.03 24.81
N MET A 181 -19.58 -35.15 25.62
CA MET A 181 -20.58 -36.20 25.41
C MET A 181 -21.31 -36.00 24.09
N LEU A 182 -21.58 -34.74 23.73
CA LEU A 182 -22.31 -34.46 22.51
C LEU A 182 -21.46 -34.74 21.28
N ILE A 183 -20.17 -34.40 21.33
CA ILE A 183 -19.34 -34.40 20.13
C ILE A 183 -18.53 -35.69 19.98
N ALA A 184 -18.34 -36.47 21.05
CA ALA A 184 -17.61 -37.73 20.93
C ALA A 184 -18.26 -38.64 19.90
N GLY A 185 -17.44 -39.17 18.98
CA GLY A 185 -17.91 -39.99 17.89
C GLY A 185 -18.42 -39.23 16.67
N LYS A 186 -18.57 -37.91 16.76
CA LYS A 186 -19.02 -37.10 15.63
C LYS A 186 -18.03 -35.98 15.34
N GLU A 187 -16.75 -36.22 15.66
CA GLU A 187 -15.73 -35.20 15.51
C GLU A 187 -15.58 -34.77 14.06
N ARG A 188 -15.62 -35.73 13.15
CA ARG A 188 -15.44 -35.43 11.73
C ARG A 188 -16.55 -34.53 11.22
N ALA A 189 -17.80 -34.86 11.54
CA ALA A 189 -18.91 -34.02 11.09
C ALA A 189 -18.87 -32.64 11.76
N TYR A 190 -18.56 -32.60 13.05
CA TYR A 190 -18.54 -31.32 13.75
C TYR A 190 -17.43 -30.41 13.22
N ILE A 191 -16.23 -30.97 13.03
CA ILE A 191 -15.07 -30.13 12.70
C ILE A 191 -15.06 -29.77 11.22
N LEU A 192 -15.47 -30.71 10.34
CA LEU A 192 -15.53 -30.38 8.92
C LEU A 192 -16.51 -29.26 8.68
N ASP A 193 -17.65 -29.30 9.37
CA ASP A 193 -18.63 -28.23 9.21
C ASP A 193 -18.08 -26.92 9.75
N PHE A 194 -17.47 -26.97 10.95
CA PHE A 194 -16.85 -25.78 11.51
C PHE A 194 -15.84 -25.18 10.54
N TYR A 195 -15.01 -26.01 9.92
CA TYR A 195 -14.02 -25.49 9.00
C TYR A 195 -14.55 -24.88 7.71
N LYS A 196 -15.53 -25.53 7.10
CA LYS A 196 -16.02 -25.08 5.81
C LYS A 196 -16.90 -23.85 5.94
N LYS A 197 -17.62 -23.69 7.05
CA LYS A 197 -18.42 -22.49 7.23
C LYS A 197 -17.56 -21.23 7.35
N ARG A 198 -16.28 -21.37 7.68
CA ARG A 198 -15.39 -20.23 7.86
C ARG A 198 -14.36 -20.10 6.76
N THR A 199 -14.30 -21.05 5.82
CA THR A 199 -13.33 -20.95 4.74
C THR A 199 -13.94 -20.19 3.56
N HIS A 200 -13.05 -19.66 2.73
CA HIS A 200 -13.44 -19.07 1.45
C HIS A 200 -12.86 -19.84 0.27
N VAL A 201 -11.61 -20.25 0.36
CA VAL A 201 -10.98 -21.16 -0.60
C VAL A 201 -11.44 -22.57 -0.30
N ALA A 202 -11.83 -23.31 -1.34
CA ALA A 202 -12.23 -24.71 -1.16
C ALA A 202 -11.03 -25.55 -0.72
N LEU A 203 -11.21 -26.32 0.34
CA LEU A 203 -10.18 -27.22 0.86
C LEU A 203 -10.57 -28.66 0.62
N SER A 204 -9.58 -29.54 0.68
CA SER A 204 -9.84 -30.96 0.48
C SER A 204 -10.27 -31.54 1.81
N ASN A 205 -11.30 -32.39 1.76
CA ASN A 205 -11.81 -33.04 2.96
C ASN A 205 -10.73 -33.86 3.64
N ASP A 206 -9.83 -34.47 2.86
CA ASP A 206 -8.77 -35.28 3.45
C ASP A 206 -7.85 -34.45 4.34
N ASP A 207 -7.66 -33.18 4.01
CA ASP A 207 -6.81 -32.35 4.86
C ASP A 207 -7.50 -32.01 6.17
N ILE A 208 -8.76 -31.59 6.11
CA ILE A 208 -9.48 -31.25 7.34
C ILE A 208 -9.64 -32.48 8.22
N ALA A 209 -9.82 -33.66 7.63
CA ALA A 209 -9.98 -34.87 8.42
C ALA A 209 -8.71 -35.19 9.21
N VAL A 210 -7.54 -34.75 8.74
CA VAL A 210 -6.34 -34.93 9.55
C VAL A 210 -6.53 -34.24 10.89
N TYR A 211 -7.11 -33.04 10.88
CA TYR A 211 -7.45 -32.36 12.12
C TYR A 211 -8.52 -33.11 12.89
N ALA A 212 -9.63 -33.46 12.22
CA ALA A 212 -10.74 -34.09 12.93
C ALA A 212 -10.30 -35.38 13.60
N ASP A 213 -9.48 -36.17 12.91
CA ASP A 213 -9.03 -37.44 13.47
C ASP A 213 -8.17 -37.23 14.72
N ALA A 214 -7.41 -36.13 14.79
CA ALA A 214 -6.65 -35.83 15.99
C ALA A 214 -7.56 -35.55 17.17
N TYR A 215 -8.64 -34.79 16.95
CA TYR A 215 -9.53 -34.43 18.04
C TYR A 215 -10.45 -35.57 18.45
N ALA A 216 -10.47 -36.68 17.71
CA ALA A 216 -11.19 -37.89 18.10
C ALA A 216 -10.38 -38.81 19.01
N ALA A 217 -9.07 -38.63 19.10
CA ALA A 217 -8.24 -39.48 19.95
C ALA A 217 -8.56 -39.24 21.44
N PRO A 218 -8.26 -40.21 22.29
CA PRO A 218 -8.64 -40.10 23.71
C PRO A 218 -8.10 -38.84 24.37
N GLY A 219 -9.00 -38.08 24.98
CA GLY A 219 -8.65 -36.87 25.69
C GLY A 219 -8.55 -35.62 24.85
N ALA A 220 -8.52 -35.73 23.52
CA ALA A 220 -8.28 -34.57 22.67
C ALA A 220 -9.45 -33.61 22.69
N LEU A 221 -10.68 -34.13 22.77
CA LEU A 221 -11.84 -33.26 22.89
C LEU A 221 -11.82 -32.50 24.20
N ARG A 222 -11.61 -33.21 25.31
CA ARG A 222 -11.56 -32.55 26.61
C ARG A 222 -10.49 -31.47 26.65
N ALA A 223 -9.27 -31.81 26.22
CA ALA A 223 -8.15 -30.88 26.32
C ALA A 223 -8.39 -29.61 25.50
N GLY A 224 -8.92 -29.76 24.28
CA GLY A 224 -9.23 -28.59 23.45
C GLY A 224 -10.29 -27.69 24.06
N PHE A 225 -11.33 -28.29 24.64
CA PHE A 225 -12.37 -27.46 25.23
C PHE A 225 -11.88 -26.75 26.50
N GLU A 226 -10.88 -27.32 27.17
CA GLU A 226 -10.34 -26.64 28.34
C GLU A 226 -9.65 -25.33 27.95
N LEU A 227 -9.20 -25.20 26.70
CA LEU A 227 -8.71 -23.92 26.23
C LEU A 227 -9.81 -22.86 26.31
N TYR A 228 -11.03 -23.25 25.93
CA TYR A 228 -12.20 -22.37 25.99
C TYR A 228 -12.69 -22.19 27.41
N ARG A 229 -12.58 -23.21 28.25
CA ARG A 229 -13.02 -23.07 29.63
C ARG A 229 -12.10 -22.15 30.42
N ALA A 230 -10.88 -21.91 29.94
CA ALA A 230 -9.94 -21.02 30.59
C ALA A 230 -10.05 -19.58 30.13
N PHE A 231 -10.94 -19.28 29.17
CA PHE A 231 -11.07 -17.91 28.66
C PHE A 231 -11.28 -16.86 29.75
N PRO A 232 -12.16 -17.04 30.75
CA PRO A 232 -12.27 -15.99 31.78
C PRO A 232 -10.96 -15.73 32.50
N GLN A 233 -10.23 -16.78 32.85
CA GLN A 233 -8.92 -16.59 33.46
C GLN A 233 -7.96 -15.90 32.49
N ASP A 234 -8.03 -16.26 31.20
CA ASP A 234 -7.19 -15.58 30.20
C ASP A 234 -7.56 -14.11 30.11
N GLU A 235 -8.85 -13.79 30.20
CA GLU A 235 -9.28 -12.40 30.12
C GLU A 235 -8.68 -11.56 31.25
N THR A 236 -8.79 -12.05 32.49
CA THR A 236 -8.19 -11.36 33.62
C THR A 236 -6.68 -11.24 33.46
N ARG A 237 -6.02 -12.34 33.06
CA ARG A 237 -4.56 -12.33 32.96
C ARG A 237 -4.06 -11.40 31.86
N PHE A 238 -4.74 -11.41 30.70
CA PHE A 238 -4.29 -10.62 29.55
C PHE A 238 -4.55 -9.14 29.75
N LYS A 239 -5.63 -8.78 30.45
CA LYS A 239 -5.88 -7.38 30.73
C LYS A 239 -4.75 -6.78 31.57
N ALA A 240 -4.21 -7.55 32.52
CA ALA A 240 -3.03 -7.10 33.24
C ALA A 240 -1.81 -7.03 32.33
N PHE A 241 -1.67 -7.98 31.41
CA PHE A 241 -0.55 -7.92 30.47
C PHE A 241 -0.64 -6.68 29.60
N MET A 242 -1.85 -6.22 29.31
CA MET A 242 -2.02 -5.12 28.38
C MET A 242 -1.83 -3.76 29.02
N LYS A 243 -1.38 -3.70 30.28
CA LYS A 243 -0.99 -2.42 30.82
C LYS A 243 0.39 -2.00 30.36
N HIS A 244 1.10 -2.90 29.68
CA HIS A 244 2.41 -2.62 29.12
C HIS A 244 2.43 -3.14 27.70
N LYS A 245 2.39 -2.23 26.72
CA LYS A 245 2.35 -2.65 25.33
C LYS A 245 3.65 -3.35 24.96
N LEU A 246 3.56 -4.26 24.00
CA LEU A 246 4.71 -5.09 23.65
C LEU A 246 5.78 -4.24 22.96
N PRO A 247 7.05 -4.46 23.28
CA PRO A 247 8.12 -3.63 22.68
C PRO A 247 8.69 -4.18 21.37
N MET A 248 8.60 -5.48 21.13
CA MET A 248 9.16 -6.06 19.92
C MET A 248 8.25 -5.80 18.71
N PRO A 249 8.78 -5.87 17.50
CA PRO A 249 7.94 -5.68 16.31
C PRO A 249 6.86 -6.76 16.18
N VAL A 250 5.67 -6.34 15.74
CA VAL A 250 4.49 -7.20 15.64
C VAL A 250 3.87 -7.05 14.26
N LEU A 251 3.47 -8.19 13.68
CA LEU A 251 2.79 -8.25 12.38
C LEU A 251 1.39 -8.82 12.59
N ALA A 252 0.38 -8.17 12.01
CA ALA A 252 -1.01 -8.60 12.15
C ALA A 252 -1.59 -8.95 10.78
N LEU A 253 -2.17 -10.15 10.66
CA LEU A 253 -2.72 -10.65 9.40
C LEU A 253 -4.05 -11.39 9.59
N ALA A 254 -4.97 -11.19 8.62
CA ALA A 254 -6.23 -11.92 8.55
C ALA A 254 -6.80 -11.75 7.15
N GLY A 255 -7.70 -12.68 6.78
CA GLY A 255 -8.27 -12.65 5.44
C GLY A 255 -9.40 -11.64 5.29
N ASP A 256 -9.54 -11.13 4.07
CA ASP A 256 -10.55 -10.11 3.81
C ASP A 256 -11.96 -10.64 4.00
N LYS A 257 -12.15 -11.94 3.91
CA LYS A 257 -13.47 -12.55 4.09
C LYS A 257 -13.72 -12.99 5.51
N SER A 258 -12.82 -12.69 6.44
CA SER A 258 -13.08 -13.02 7.84
C SER A 258 -12.77 -11.80 8.71
N ASN A 259 -11.75 -11.86 9.55
CA ASN A 259 -11.58 -10.75 10.48
C ASN A 259 -10.90 -9.55 9.82
N GLY A 260 -10.12 -9.78 8.76
CA GLY A 260 -9.59 -8.68 7.98
C GLY A 260 -8.80 -7.68 8.84
N ALA A 261 -9.14 -6.40 8.72
CA ALA A 261 -8.40 -5.35 9.40
C ALA A 261 -8.53 -5.40 10.92
N LYS A 262 -9.47 -6.17 11.47
CA LYS A 262 -9.62 -6.19 12.92
C LYS A 262 -8.47 -6.92 13.60
N GLU A 263 -7.69 -7.70 12.86
CA GLU A 263 -6.48 -8.25 13.44
C GLU A 263 -5.47 -7.16 13.72
N LEU A 264 -5.41 -6.15 12.87
CA LEU A 264 -4.51 -5.02 13.07
C LEU A 264 -5.04 -4.08 14.15
N ASP A 265 -6.37 -3.86 14.20
CA ASP A 265 -6.92 -3.08 15.31
C ASP A 265 -6.63 -3.75 16.64
N MET A 266 -6.82 -5.06 16.70
CA MET A 266 -6.59 -5.80 17.93
C MET A 266 -5.13 -5.73 18.34
N ALA A 267 -4.22 -5.85 17.38
CA ALA A 267 -2.80 -5.85 17.68
C ALA A 267 -2.31 -4.49 18.17
N ARG A 268 -2.94 -3.40 17.71
CA ARG A 268 -2.47 -2.08 18.13
C ARG A 268 -2.84 -1.77 19.58
N GLU A 269 -3.78 -2.51 20.18
CA GLU A 269 -3.98 -2.39 21.60
C GLU A 269 -2.95 -3.15 22.41
N LEU A 270 -2.15 -3.99 21.73
CA LEU A 270 -1.23 -4.89 22.39
C LEU A 270 0.23 -4.51 22.25
N ALA A 271 0.58 -3.73 21.23
CA ALA A 271 1.98 -3.48 20.93
C ALA A 271 2.15 -2.08 20.40
N LEU A 272 3.35 -1.53 20.59
CA LEU A 272 3.64 -0.19 20.10
C LEU A 272 4.03 -0.18 18.63
N ASP A 273 4.75 -1.20 18.18
CA ASP A 273 5.29 -1.28 16.81
C ASP A 273 4.54 -2.37 16.04
N VAL A 274 3.50 -1.97 15.32
CA VAL A 274 2.59 -2.89 14.64
C VAL A 274 2.48 -2.50 13.18
N ARG A 275 2.45 -3.50 12.32
CA ARG A 275 2.18 -3.32 10.91
C ARG A 275 1.27 -4.47 10.50
N GLY A 276 0.43 -4.22 9.51
CA GLY A 276 -0.55 -5.23 9.17
C GLY A 276 -0.89 -5.23 7.70
N ALA A 277 -1.58 -6.31 7.31
CA ALA A 277 -2.05 -6.48 5.95
C ALA A 277 -3.26 -7.38 6.00
N VAL A 278 -4.05 -7.36 4.92
CA VAL A 278 -5.26 -8.17 4.79
C VAL A 278 -5.08 -9.10 3.61
N ALA A 279 -5.33 -10.39 3.83
CA ALA A 279 -5.12 -11.41 2.80
C ALA A 279 -6.24 -11.37 1.77
N PRO A 280 -5.92 -11.27 0.48
CA PRO A 280 -6.97 -11.22 -0.54
C PRO A 280 -7.63 -12.58 -0.73
N ASN A 281 -8.93 -12.56 -0.97
CA ASN A 281 -9.73 -13.76 -1.26
C ASN A 281 -9.40 -14.87 -0.27
N THR A 282 -9.46 -14.53 1.01
CA THR A 282 -9.08 -15.46 2.06
C THR A 282 -10.06 -15.38 3.21
N GLY A 283 -10.47 -16.55 3.69
CA GLY A 283 -11.36 -16.65 4.83
C GLY A 283 -10.59 -16.75 6.13
N HIS A 284 -11.07 -17.60 7.04
CA HIS A 284 -10.58 -17.65 8.41
C HIS A 284 -9.28 -18.42 8.58
N TRP A 285 -8.96 -19.33 7.66
CA TRP A 285 -7.84 -20.26 7.85
C TRP A 285 -6.68 -19.85 6.95
N LEU A 286 -5.94 -18.81 7.37
CA LEU A 286 -4.88 -18.27 6.52
C LEU A 286 -3.87 -19.33 6.10
N PRO A 287 -3.27 -20.13 7.01
CA PRO A 287 -2.31 -21.16 6.54
C PRO A 287 -2.95 -22.19 5.62
N ASP A 288 -4.22 -22.54 5.79
CA ASP A 288 -4.83 -23.51 4.87
C ASP A 288 -5.19 -22.88 3.54
N GLU A 289 -5.73 -21.65 3.56
CA GLU A 289 -6.34 -21.05 2.37
C GLU A 289 -5.36 -20.32 1.48
N ASN A 290 -4.46 -19.53 2.06
CA ASN A 290 -3.55 -18.68 1.29
C ASN A 290 -2.17 -18.76 1.92
N PRO A 291 -1.53 -19.93 1.86
CA PRO A 291 -0.17 -20.04 2.40
C PRO A 291 0.84 -19.25 1.60
N ALA A 292 0.59 -19.04 0.31
CA ALA A 292 1.51 -18.24 -0.51
C ALA A 292 1.59 -16.81 0.00
N PHE A 293 0.44 -16.19 0.27
CA PHE A 293 0.44 -14.85 0.87
C PHE A 293 1.10 -14.86 2.23
N LEU A 294 0.82 -15.88 3.05
CA LEU A 294 1.33 -15.93 4.42
C LEU A 294 2.85 -16.07 4.45
N THR A 295 3.40 -16.98 3.64
CA THR A 295 4.85 -17.16 3.66
C THR A 295 5.57 -15.89 3.21
N ARG A 296 5.05 -15.24 2.15
CA ARG A 296 5.65 -14.00 1.69
C ARG A 296 5.67 -12.93 2.78
N GLN A 297 4.52 -12.70 3.44
CA GLN A 297 4.46 -11.70 4.50
C GLN A 297 5.40 -12.05 5.65
N LEU A 298 5.52 -13.34 5.98
CA LEU A 298 6.38 -13.73 7.10
C LEU A 298 7.85 -13.55 6.75
N LEU A 299 8.25 -13.93 5.54
CA LEU A 299 9.65 -13.82 5.15
C LEU A 299 10.09 -12.37 5.08
N ASP A 300 9.24 -11.49 4.55
CA ASP A 300 9.56 -10.07 4.53
C ASP A 300 9.61 -9.49 5.94
N PHE A 301 8.73 -9.96 6.83
CA PHE A 301 8.70 -9.43 8.19
C PHE A 301 9.93 -9.85 8.98
N PHE A 302 10.39 -11.09 8.79
CA PHE A 302 11.50 -11.60 9.59
C PHE A 302 12.86 -11.19 9.05
N ARG A 303 12.89 -10.56 7.88
CA ARG A 303 14.13 -10.17 7.24
C ARG A 303 14.46 -8.73 7.56
N PRO B 11 16.54 -37.32 10.05
CA PRO B 11 15.48 -36.57 9.37
C PRO B 11 14.53 -37.45 8.58
N GLY B 12 13.36 -36.93 8.30
CA GLY B 12 12.33 -37.61 7.58
C GLY B 12 11.10 -37.97 8.38
N MET B 13 9.98 -38.01 7.73
CA MET B 13 8.76 -38.35 8.39
C MET B 13 8.61 -39.86 8.38
N PRO B 14 7.81 -40.41 9.28
CA PRO B 14 7.66 -41.87 9.32
C PRO B 14 7.10 -42.44 8.02
N ALA B 15 7.67 -43.56 7.59
CA ALA B 15 7.26 -44.28 6.39
C ALA B 15 6.56 -45.58 6.75
N PRO B 16 5.24 -45.66 6.64
CA PRO B 16 4.52 -46.88 7.08
C PRO B 16 4.67 -48.03 6.11
N GLY B 17 4.39 -49.24 6.64
CA GLY B 17 4.28 -50.44 5.83
C GLY B 17 5.53 -51.30 5.83
N LEU B 18 5.44 -52.39 5.08
CA LEU B 18 6.57 -53.27 4.89
C LEU B 18 7.64 -52.57 4.05
N PRO B 19 8.91 -52.89 4.28
CA PRO B 19 9.96 -52.32 3.44
C PRO B 19 9.88 -52.86 2.01
N ALA B 20 10.46 -52.08 1.08
CA ALA B 20 10.39 -52.44 -0.34
C ALA B 20 10.97 -53.84 -0.59
N GLY B 21 10.26 -54.62 -1.40
CA GLY B 21 10.71 -55.95 -1.75
C GLY B 21 10.36 -57.05 -0.77
N PHE B 22 9.77 -56.71 0.38
CA PHE B 22 9.44 -57.72 1.37
C PHE B 22 8.49 -58.77 0.81
N GLU B 23 7.54 -58.37 -0.04
CA GLU B 23 6.49 -59.29 -0.50
C GLU B 23 7.05 -60.46 -1.30
N ARG B 24 8.09 -60.23 -2.10
CA ARG B 24 8.64 -61.24 -2.96
C ARG B 24 9.57 -62.17 -2.22
N ARG B 25 9.98 -61.79 -1.01
CA ARG B 25 10.94 -62.59 -0.26
C ARG B 25 10.44 -63.40 0.95
N PHE B 26 9.25 -63.09 1.46
CA PHE B 26 8.78 -63.84 2.62
C PHE B 26 7.45 -64.46 2.28
N SER B 27 7.06 -65.45 3.06
CA SER B 27 5.85 -66.21 2.78
C SER B 27 5.12 -66.45 4.09
N ARG B 28 3.80 -66.48 4.01
CA ARG B 28 2.97 -66.81 5.16
C ARG B 28 2.74 -68.31 5.14
N ARG B 29 2.93 -68.94 6.30
CA ARG B 29 2.83 -70.39 6.42
C ARG B 29 2.13 -70.71 7.73
N TYR B 30 1.60 -71.92 7.80
CA TYR B 30 0.97 -72.45 8.99
C TYR B 30 1.69 -73.73 9.41
N ALA B 31 1.70 -73.97 10.72
CA ALA B 31 2.21 -75.22 11.26
C ALA B 31 1.14 -75.81 12.16
N GLN B 32 0.69 -77.00 11.84
CA GLN B 32 -0.28 -77.69 12.67
C GLN B 32 0.50 -78.38 13.77
N LEU B 33 0.21 -78.00 15.01
CA LEU B 33 0.77 -78.75 16.12
C LEU B 33 -0.29 -79.77 16.48
N ASP B 34 -0.18 -80.39 17.66
CA ASP B 34 -1.05 -81.55 17.89
C ASP B 34 -2.51 -81.16 17.92
N ASP B 35 -2.80 -79.94 18.34
CA ASP B 35 -4.19 -79.49 18.28
C ASP B 35 -4.31 -78.03 17.86
N VAL B 36 -3.26 -77.19 18.13
CA VAL B 36 -3.22 -75.74 17.88
C VAL B 36 -2.47 -75.49 16.57
N ARG B 37 -2.97 -74.59 15.72
CA ARG B 37 -2.25 -74.16 14.52
C ARG B 37 -1.57 -72.81 14.74
N LEU B 38 -0.28 -72.73 14.39
CA LEU B 38 0.49 -71.50 14.50
C LEU B 38 0.79 -70.94 13.11
N HIS B 39 0.70 -69.62 13.00
CA HIS B 39 1.02 -68.88 11.79
C HIS B 39 2.41 -68.27 11.93
N TYR B 40 3.16 -68.26 10.83
CA TYR B 40 4.50 -67.68 10.86
C TYR B 40 4.84 -67.20 9.47
N VAL B 41 5.80 -66.28 9.43
CA VAL B 41 6.30 -65.71 8.18
C VAL B 41 7.76 -66.11 8.07
N THR B 42 8.15 -66.62 6.90
CA THR B 42 9.49 -67.16 6.75
C THR B 42 10.11 -66.73 5.42
N GLY B 43 11.43 -66.62 5.43
CA GLY B 43 12.23 -66.27 4.26
C GLY B 43 13.70 -66.52 4.51
N GLY B 44 14.51 -66.28 3.48
CA GLY B 44 15.92 -66.59 3.55
C GLY B 44 16.21 -68.00 3.05
N PRO B 45 17.49 -68.40 3.06
CA PRO B 45 17.85 -69.73 2.53
C PRO B 45 17.29 -70.87 3.37
N ASP B 46 16.79 -71.89 2.68
CA ASP B 46 16.23 -73.06 3.36
C ASP B 46 17.26 -73.80 4.21
N ASP B 47 18.53 -73.75 3.84
CA ASP B 47 19.57 -74.48 4.55
C ASP B 47 20.29 -73.65 5.61
N GLY B 48 20.02 -72.34 5.68
CA GLY B 48 20.77 -71.48 6.56
C GLY B 48 20.41 -71.69 8.03
N GLU B 49 21.26 -71.12 8.89
CA GLU B 49 21.01 -71.14 10.32
C GLU B 49 19.68 -70.45 10.62
N MET B 50 18.85 -71.09 11.42
CA MET B 50 17.51 -70.56 11.68
C MET B 50 17.55 -69.49 12.76
N VAL B 51 16.89 -68.37 12.49
CA VAL B 51 16.68 -67.30 13.46
C VAL B 51 15.17 -67.20 13.70
N VAL B 52 14.76 -67.48 14.93
CA VAL B 52 13.35 -67.40 15.33
C VAL B 52 13.14 -66.08 16.07
N LEU B 53 12.10 -65.35 15.65
CA LEU B 53 11.76 -64.05 16.21
C LEU B 53 10.38 -64.14 16.85
N LEU B 54 10.28 -63.72 18.12
CA LEU B 54 9.05 -63.82 18.89
C LEU B 54 8.64 -62.43 19.36
N HIS B 55 7.50 -61.97 18.85
CA HIS B 55 6.90 -60.68 19.21
C HIS B 55 6.30 -60.76 20.63
N GLY B 56 5.69 -59.65 21.05
CA GLY B 56 5.02 -59.57 22.33
C GLY B 56 3.62 -59.02 22.20
N TRP B 57 3.14 -58.40 23.29
CA TRP B 57 1.85 -57.74 23.37
C TRP B 57 2.02 -56.23 23.31
N PRO B 58 1.20 -55.52 22.49
CA PRO B 58 0.17 -56.03 21.60
C PRO B 58 0.70 -56.12 20.18
N GLN B 59 1.41 -57.20 19.84
CA GLN B 59 2.13 -57.26 18.58
C GLN B 59 1.81 -58.56 17.85
N THR B 60 2.33 -58.65 16.64
CA THR B 60 2.35 -59.84 15.82
C THR B 60 3.74 -59.95 15.22
N TRP B 61 3.93 -60.93 14.32
CA TRP B 61 5.18 -61.03 13.58
C TRP B 61 5.54 -59.71 12.90
N TYR B 62 4.53 -58.90 12.56
CA TYR B 62 4.74 -57.69 11.77
C TYR B 62 5.73 -56.73 12.42
N THR B 63 6.00 -56.89 13.72
CA THR B 63 6.93 -55.98 14.38
C THR B 63 8.37 -56.17 13.91
N TRP B 64 8.69 -57.32 13.32
CA TRP B 64 10.04 -57.63 12.83
C TRP B 64 10.23 -57.26 11.36
N ARG B 65 9.32 -56.48 10.80
CA ARG B 65 9.30 -56.24 9.36
C ARG B 65 10.59 -55.59 8.86
N HIS B 66 11.22 -54.76 9.68
CA HIS B 66 12.45 -54.08 9.29
C HIS B 66 13.69 -54.83 9.68
N VAL B 67 13.56 -55.95 10.38
CA VAL B 67 14.70 -56.75 10.81
C VAL B 67 14.87 -57.99 9.95
N MET B 68 13.77 -58.64 9.56
CA MET B 68 13.85 -59.90 8.81
C MET B 68 14.59 -59.79 7.48
N PRO B 69 14.46 -58.71 6.69
CA PRO B 69 15.21 -58.67 5.42
C PRO B 69 16.72 -58.75 5.61
N ALA B 70 17.27 -57.93 6.51
CA ALA B 70 18.72 -57.92 6.72
C ALA B 70 19.21 -59.25 7.28
N LEU B 71 18.43 -59.89 8.14
CA LEU B 71 18.82 -61.20 8.66
C LEU B 71 18.87 -62.23 7.53
N ALA B 72 17.86 -62.23 6.66
CA ALA B 72 17.82 -63.20 5.59
C ALA B 72 18.86 -62.91 4.51
N GLU B 73 19.24 -61.65 4.32
CA GLU B 73 20.18 -61.40 3.23
C GLU B 73 21.58 -61.90 3.63
N ASP B 74 21.83 -62.08 4.94
CA ASP B 74 23.09 -62.61 5.46
C ASP B 74 23.05 -64.12 5.61
N GLY B 75 22.10 -64.79 4.95
CA GLY B 75 22.06 -66.23 4.92
C GLY B 75 21.30 -66.89 6.04
N TYR B 76 20.61 -66.13 6.88
CA TYR B 76 19.83 -66.72 7.96
C TYR B 76 18.44 -67.13 7.47
N ARG B 77 17.93 -68.21 8.06
CA ARG B 77 16.57 -68.67 7.79
C ARG B 77 15.64 -68.04 8.83
N VAL B 78 14.94 -66.98 8.44
CA VAL B 78 14.14 -66.21 9.40
C VAL B 78 12.77 -66.86 9.56
N VAL B 79 12.35 -67.02 10.81
CA VAL B 79 11.03 -67.53 11.16
C VAL B 79 10.44 -66.58 12.20
N ALA B 80 9.52 -65.72 11.77
CA ALA B 80 8.81 -64.81 12.66
C ALA B 80 7.43 -65.42 12.92
N VAL B 81 7.16 -65.78 14.17
CA VAL B 81 6.01 -66.59 14.54
C VAL B 81 4.97 -65.72 15.23
N ASP B 82 3.70 -65.90 14.86
CA ASP B 82 2.59 -65.47 15.70
C ASP B 82 2.42 -66.55 16.78
N TYR B 83 2.77 -66.25 18.02
CA TYR B 83 2.66 -67.32 19.02
C TYR B 83 1.20 -67.62 19.33
N ARG B 84 0.99 -68.67 20.14
CA ARG B 84 -0.35 -69.13 20.49
C ARG B 84 -1.23 -67.98 20.93
N GLY B 85 -2.36 -67.81 20.24
CA GLY B 85 -3.33 -66.79 20.57
C GLY B 85 -3.17 -65.48 19.83
N ALA B 86 -2.07 -65.27 19.13
CA ALA B 86 -1.78 -63.98 18.52
C ALA B 86 -1.84 -64.01 17.00
N GLY B 87 -2.14 -62.85 16.42
CA GLY B 87 -2.09 -62.71 14.97
C GLY B 87 -3.06 -63.68 14.32
N GLU B 88 -2.56 -64.40 13.32
CA GLU B 88 -3.32 -65.37 12.55
C GLU B 88 -3.27 -66.77 13.15
N SER B 89 -2.68 -66.92 14.33
CA SER B 89 -2.62 -68.22 14.96
C SER B 89 -3.94 -68.56 15.65
N ASP B 90 -4.11 -69.85 15.97
CA ASP B 90 -5.30 -70.29 16.69
C ASP B 90 -5.34 -69.67 18.09
N LYS B 91 -6.55 -69.62 18.66
CA LYS B 91 -6.79 -69.06 19.99
C LYS B 91 -7.43 -70.12 20.87
N PRO B 92 -6.65 -71.11 21.34
CA PRO B 92 -7.23 -72.16 22.18
C PRO B 92 -7.62 -71.66 23.57
N LEU B 93 -8.25 -72.54 24.36
CA LEU B 93 -8.71 -72.16 25.70
C LEU B 93 -7.54 -71.86 26.64
N GLY B 94 -6.50 -72.70 26.62
CA GLY B 94 -5.40 -72.55 27.54
C GLY B 94 -4.04 -72.76 26.91
N GLY B 95 -3.03 -73.02 27.75
CA GLY B 95 -1.67 -73.12 27.27
C GLY B 95 -0.97 -71.79 27.16
N TYR B 96 -1.39 -70.79 27.93
CA TYR B 96 -0.83 -69.45 27.83
C TYR B 96 0.22 -69.14 28.90
N ASP B 97 0.60 -70.11 29.72
CA ASP B 97 1.81 -69.99 30.51
C ASP B 97 3.02 -70.02 29.59
N LYS B 98 4.05 -69.25 29.92
CA LYS B 98 5.13 -69.03 28.96
C LYS B 98 5.94 -70.29 28.70
N ALA B 99 6.10 -71.16 29.72
CA ALA B 99 6.86 -72.39 29.51
C ALA B 99 6.18 -73.28 28.47
N SER B 100 4.86 -73.41 28.54
CA SER B 100 4.17 -74.22 27.55
C SER B 100 4.20 -73.56 26.17
N MET B 101 4.12 -72.24 26.12
CA MET B 101 4.21 -71.55 24.84
C MET B 101 5.57 -71.75 24.19
N ALA B 102 6.62 -71.87 25.00
CA ALA B 102 7.92 -72.24 24.44
C ALA B 102 7.87 -73.61 23.79
N GLY B 103 7.09 -74.53 24.36
CA GLY B 103 6.93 -75.86 23.76
C GLY B 103 6.29 -75.79 22.38
N ASP B 104 5.32 -74.89 22.20
CA ASP B 104 4.75 -74.67 20.88
C ASP B 104 5.82 -74.23 19.89
N ILE B 105 6.67 -73.29 20.30
CA ILE B 105 7.70 -72.79 19.39
C ILE B 105 8.67 -73.90 19.05
N ARG B 106 8.99 -74.75 20.03
CA ARG B 106 9.90 -75.86 19.77
C ARG B 106 9.31 -76.87 18.79
N ALA B 107 8.03 -77.20 18.96
CA ALA B 107 7.40 -78.17 18.06
C ALA B 107 7.41 -77.67 16.62
N LEU B 108 7.21 -76.37 16.42
CA LEU B 108 7.22 -75.81 15.07
C LEU B 108 8.62 -75.80 14.48
N VAL B 109 9.64 -75.50 15.29
CA VAL B 109 11.01 -75.55 14.80
C VAL B 109 11.37 -76.98 14.41
N HIS B 110 10.94 -77.96 15.21
CA HIS B 110 11.22 -79.34 14.88
C HIS B 110 10.49 -79.78 13.61
N GLN B 111 9.28 -79.26 13.39
CA GLN B 111 8.57 -79.59 12.16
C GLN B 111 9.26 -79.01 10.92
N LEU B 112 10.03 -77.94 11.08
CA LEU B 112 10.74 -77.36 9.96
C LEU B 112 12.09 -78.00 9.75
N GLY B 113 12.39 -79.07 10.49
CA GLY B 113 13.62 -79.80 10.28
C GLY B 113 14.81 -79.28 11.04
N ALA B 114 14.63 -78.26 11.86
CA ALA B 114 15.76 -77.71 12.57
C ALA B 114 15.83 -78.26 13.99
N THR B 115 17.02 -78.14 14.57
CA THR B 115 17.26 -78.49 15.95
C THR B 115 18.02 -77.41 16.70
N ARG B 116 18.83 -76.60 16.00
CA ARG B 116 19.61 -75.49 16.59
C ARG B 116 19.17 -74.14 15.98
N ILE B 117 18.85 -73.13 16.81
CA ILE B 117 18.29 -71.88 16.34
C ILE B 117 18.95 -70.74 17.11
N HIS B 118 19.03 -69.58 16.47
CA HIS B 118 19.22 -68.34 17.20
C HIS B 118 17.83 -67.81 17.55
N LEU B 119 17.71 -67.17 18.71
CA LEU B 119 16.41 -66.87 19.27
C LEU B 119 16.38 -65.41 19.72
N VAL B 120 15.39 -64.66 19.23
CA VAL B 120 15.18 -63.25 19.56
C VAL B 120 13.75 -63.07 20.08
N GLY B 121 13.62 -62.41 21.21
CA GLY B 121 12.31 -62.17 21.80
C GLY B 121 12.22 -60.80 22.44
N ARG B 122 10.99 -60.29 22.50
CA ARG B 122 10.68 -59.05 23.23
C ARG B 122 9.32 -59.19 23.89
N SER B 123 9.10 -58.39 24.94
CA SER B 123 7.84 -58.41 25.70
C SER B 123 7.49 -59.85 26.06
N ILE B 124 6.26 -60.32 25.83
CA ILE B 124 5.86 -61.68 26.14
C ILE B 124 6.78 -62.67 25.44
N GLY B 125 7.24 -62.32 24.24
CA GLY B 125 8.09 -63.22 23.49
C GLY B 125 9.43 -63.47 24.13
N VAL B 126 9.96 -62.50 24.88
CA VAL B 126 11.22 -62.77 25.56
C VAL B 126 11.02 -63.70 26.75
N MET B 127 9.82 -63.77 27.32
CA MET B 127 9.55 -64.76 28.35
C MET B 127 9.48 -66.16 27.75
N VAL B 128 8.80 -66.30 26.60
CA VAL B 128 8.80 -67.56 25.87
C VAL B 128 10.21 -67.92 25.46
N ALA B 129 10.96 -66.96 24.92
CA ALA B 129 12.32 -67.25 24.47
C ALA B 129 13.21 -67.71 25.63
N TYR B 130 13.05 -67.08 26.79
CA TYR B 130 13.84 -67.51 27.95
C TYR B 130 13.43 -68.91 28.39
N ALA B 131 12.13 -69.18 28.47
CA ALA B 131 11.65 -70.51 28.84
C ALA B 131 12.10 -71.55 27.84
N TYR B 132 12.24 -71.17 26.57
CA TYR B 132 12.80 -72.08 25.58
C TYR B 132 14.24 -72.44 25.94
N ALA B 133 15.06 -71.43 26.22
CA ALA B 133 16.46 -71.68 26.54
C ALA B 133 16.61 -72.40 27.87
N ALA B 134 15.71 -72.16 28.82
CA ALA B 134 15.84 -72.81 30.13
C ALA B 134 15.49 -74.29 30.02
N GLN B 135 14.51 -74.64 29.19
CA GLN B 135 14.06 -76.02 29.08
C GLN B 135 14.92 -76.86 28.13
N TRP B 136 15.45 -76.26 27.07
CA TRP B 136 16.27 -76.99 26.09
C TRP B 136 17.51 -76.18 25.77
N PRO B 137 18.41 -76.03 26.74
CA PRO B 137 19.57 -75.13 26.54
C PRO B 137 20.49 -75.54 25.42
N THR B 138 20.67 -76.85 25.17
CA THR B 138 21.54 -77.27 24.08
C THR B 138 21.02 -76.81 22.73
N GLU B 139 19.71 -76.61 22.61
CA GLU B 139 19.06 -76.28 21.35
C GLU B 139 19.09 -74.79 21.02
N ILE B 140 19.49 -73.93 21.94
CA ILE B 140 19.57 -72.49 21.70
C ILE B 140 21.03 -72.12 21.55
N VAL B 141 21.44 -71.78 20.33
CA VAL B 141 22.82 -71.37 20.08
C VAL B 141 23.10 -70.04 20.76
N LYS B 142 22.29 -69.03 20.47
CA LYS B 142 22.40 -67.70 21.05
C LYS B 142 21.01 -67.16 21.31
N LEU B 143 20.90 -66.29 22.32
CA LEU B 143 19.63 -65.74 22.74
C LEU B 143 19.75 -64.24 22.90
N ALA B 144 18.83 -63.48 22.29
CA ALA B 144 18.79 -62.03 22.38
C ALA B 144 17.51 -61.60 23.08
N MET B 145 17.66 -60.76 24.11
CA MET B 145 16.55 -60.39 24.98
C MET B 145 16.31 -58.89 24.88
N LEU B 146 15.09 -58.49 24.49
CA LEU B 146 14.79 -57.10 24.15
C LEU B 146 13.72 -56.53 25.07
N ASP B 147 13.98 -55.30 25.55
CA ASP B 147 12.97 -54.34 25.97
C ASP B 147 12.31 -54.57 27.33
N VAL B 148 12.04 -55.83 27.69
CA VAL B 148 11.20 -56.12 28.85
C VAL B 148 11.90 -57.12 29.77
N PRO B 149 11.82 -56.96 31.09
CA PRO B 149 12.32 -58.00 32.00
C PRO B 149 11.36 -59.17 32.09
N VAL B 150 11.91 -60.35 32.39
CA VAL B 150 11.09 -61.56 32.47
C VAL B 150 10.68 -61.79 33.92
N PRO B 151 9.57 -62.48 34.18
CA PRO B 151 9.17 -62.75 35.56
C PRO B 151 10.24 -63.53 36.33
N GLY B 152 10.28 -63.32 37.64
CA GLY B 152 11.22 -63.96 38.52
C GLY B 152 12.46 -63.14 38.82
N THR B 153 12.83 -62.23 37.94
CA THR B 153 14.00 -61.41 38.20
C THR B 153 13.66 -60.31 39.21
N ARG B 154 14.69 -59.72 39.80
CA ARG B 154 14.40 -58.65 40.76
C ARG B 154 14.00 -57.37 40.06
N ILE B 155 14.47 -57.18 38.82
CA ILE B 155 13.96 -56.07 38.03
C ILE B 155 12.46 -56.22 37.85
N TRP B 156 12.00 -57.45 37.62
CA TRP B 156 10.57 -57.70 37.52
C TRP B 156 9.88 -57.47 38.87
N ASP B 157 10.46 -57.99 39.96
CA ASP B 157 9.82 -57.88 41.26
C ASP B 157 9.84 -56.45 41.78
N GLU B 158 10.83 -55.65 41.37
CA GLU B 158 10.88 -54.27 41.87
C GLU B 158 9.88 -53.38 41.15
N ALA B 159 9.60 -53.66 39.87
CA ALA B 159 8.53 -52.94 39.19
C ALA B 159 7.18 -53.21 39.86
N LYS B 160 6.99 -54.44 40.33
CA LYS B 160 5.74 -54.79 41.00
C LYS B 160 5.62 -54.11 42.36
N ALA B 161 6.71 -54.10 43.13
CA ALA B 161 6.65 -53.55 44.48
C ALA B 161 6.58 -52.02 44.46
N SER B 162 7.17 -51.37 43.45
CA SER B 162 7.05 -49.92 43.29
C SER B 162 5.66 -49.47 42.90
N ALA B 163 4.79 -50.38 42.46
CA ALA B 163 3.60 -50.00 41.71
C ALA B 163 4.02 -49.08 40.56
N ASP B 164 4.99 -49.57 39.78
CA ASP B 164 5.56 -48.84 38.66
C ASP B 164 4.43 -48.42 37.69
N PRO B 165 4.34 -47.13 37.36
CA PRO B 165 3.24 -46.68 36.49
C PRO B 165 3.19 -47.37 35.12
N GLN B 166 4.30 -47.92 34.64
CA GLN B 166 4.32 -48.51 33.30
C GLN B 166 3.74 -49.91 33.25
N ILE B 167 3.36 -50.49 34.39
CA ILE B 167 2.69 -51.79 34.41
C ILE B 167 1.30 -51.64 35.02
N TRP B 168 0.73 -50.44 34.92
CA TRP B 168 -0.63 -50.22 35.40
C TRP B 168 -1.61 -51.24 34.81
N HIS B 169 -1.36 -51.69 33.58
CA HIS B 169 -2.29 -52.51 32.84
C HIS B 169 -2.27 -53.97 33.27
N PHE B 170 -1.29 -54.38 34.08
CA PHE B 170 -1.26 -55.75 34.59
C PHE B 170 -2.56 -56.07 35.31
N GLY B 171 -3.02 -55.16 36.17
CA GLY B 171 -4.26 -55.39 36.89
C GLY B 171 -5.45 -55.57 35.97
N LEU B 172 -5.67 -54.59 35.08
CA LEU B 172 -6.83 -54.65 34.19
C LEU B 172 -6.80 -55.90 33.34
N HIS B 173 -5.66 -56.20 32.71
CA HIS B 173 -5.58 -57.36 31.84
C HIS B 173 -5.83 -58.64 32.60
N GLN B 174 -5.59 -58.65 33.91
CA GLN B 174 -5.81 -59.87 34.68
C GLN B 174 -7.25 -60.02 35.14
N GLN B 175 -8.13 -59.07 34.81
CA GLN B 175 -9.56 -59.19 35.14
C GLN B 175 -10.28 -59.94 34.01
N ARG B 176 -10.56 -61.22 34.23
CA ARG B 176 -11.22 -62.03 33.20
C ARG B 176 -12.61 -61.45 32.90
N ASP B 177 -12.90 -61.33 31.60
CA ASP B 177 -14.17 -60.85 31.06
C ASP B 177 -14.36 -59.35 31.19
N ILE B 178 -13.91 -58.76 32.31
CA ILE B 178 -14.05 -57.32 32.45
C ILE B 178 -13.20 -56.61 31.40
N ALA B 179 -11.95 -57.06 31.24
CA ALA B 179 -11.04 -56.47 30.27
C ALA B 179 -11.57 -56.60 28.85
N GLU B 180 -12.07 -57.79 28.49
CA GLU B 180 -12.63 -58.00 27.15
C GLU B 180 -13.86 -57.13 26.94
N MET B 181 -14.74 -57.04 27.95
CA MET B 181 -15.94 -56.25 27.79
C MET B 181 -15.63 -54.76 27.65
N LEU B 182 -14.62 -54.27 28.37
CA LEU B 182 -14.30 -52.85 28.28
C LEU B 182 -13.62 -52.51 26.97
N ILE B 183 -12.70 -53.37 26.50
CA ILE B 183 -11.86 -53.00 25.37
C ILE B 183 -12.40 -53.49 24.01
N ALA B 184 -13.31 -54.46 23.98
CA ALA B 184 -13.89 -54.91 22.72
C ALA B 184 -14.55 -53.74 21.99
N GLY B 185 -14.23 -53.58 20.71
CA GLY B 185 -14.70 -52.44 19.93
C GLY B 185 -13.88 -51.17 20.05
N LYS B 186 -12.92 -51.13 20.96
CA LYS B 186 -12.04 -49.98 21.13
C LYS B 186 -10.58 -50.41 21.06
N GLU B 187 -10.29 -51.48 20.33
CA GLU B 187 -8.94 -52.00 20.28
C GLU B 187 -7.98 -50.97 19.70
N ARG B 188 -8.41 -50.27 18.66
CA ARG B 188 -7.55 -49.28 18.02
C ARG B 188 -7.21 -48.13 18.97
N ALA B 189 -8.21 -47.56 19.62
CA ALA B 189 -7.96 -46.46 20.54
C ALA B 189 -7.15 -46.91 21.75
N TYR B 190 -7.41 -48.11 22.25
CA TYR B 190 -6.67 -48.61 23.40
C TYR B 190 -5.23 -48.90 23.04
N ILE B 191 -4.99 -49.56 21.91
CA ILE B 191 -3.65 -50.03 21.57
C ILE B 191 -2.79 -48.89 21.02
N LEU B 192 -3.37 -47.97 20.24
CA LEU B 192 -2.60 -46.83 19.76
C LEU B 192 -2.11 -45.98 20.94
N ASP B 193 -2.97 -45.78 21.94
CA ASP B 193 -2.55 -45.02 23.10
C ASP B 193 -1.49 -45.77 23.88
N PHE B 194 -1.71 -47.06 24.13
CA PHE B 194 -0.72 -47.87 24.82
C PHE B 194 0.63 -47.75 24.13
N TYR B 195 0.64 -47.80 22.81
CA TYR B 195 1.84 -47.74 22.07
C TYR B 195 2.52 -46.41 22.11
N LYS B 196 1.80 -45.33 21.86
CA LYS B 196 2.43 -44.03 21.74
C LYS B 196 2.95 -43.52 23.08
N LYS B 197 2.32 -43.91 24.18
CA LYS B 197 2.81 -43.49 25.50
C LYS B 197 4.18 -44.08 25.82
N ARG B 198 4.55 -45.18 25.17
CA ARG B 198 5.81 -45.85 25.46
C ARG B 198 6.84 -45.70 24.34
N THR B 199 6.48 -45.07 23.23
CA THR B 199 7.46 -44.86 22.17
C THR B 199 8.17 -43.53 22.40
N HIS B 200 9.35 -43.42 21.81
CA HIS B 200 10.02 -42.12 21.74
C HIS B 200 10.23 -41.66 20.32
N VAL B 201 10.56 -42.59 19.42
CA VAL B 201 10.56 -42.31 17.98
C VAL B 201 9.12 -42.28 17.50
N ALA B 202 8.77 -41.24 16.74
CA ALA B 202 7.42 -41.13 16.20
C ALA B 202 7.16 -42.27 15.20
N LEU B 203 6.05 -42.97 15.39
CA LEU B 203 5.63 -44.05 14.51
C LEU B 203 4.37 -43.64 13.74
N SER B 204 4.12 -44.35 12.65
CA SER B 204 2.95 -44.06 11.83
C SER B 204 1.76 -44.78 12.42
N ASN B 205 0.61 -44.09 12.45
CA ASN B 205 -0.61 -44.71 12.94
C ASN B 205 -0.98 -45.94 12.14
N ASP B 206 -0.69 -45.94 10.83
CA ASP B 206 -1.06 -47.08 10.01
C ASP B 206 -0.32 -48.33 10.44
N ASP B 207 0.92 -48.19 10.94
CA ASP B 207 1.67 -49.36 11.38
C ASP B 207 1.09 -49.92 12.67
N ILE B 208 0.82 -49.06 13.65
CA ILE B 208 0.25 -49.52 14.91
C ILE B 208 -1.13 -50.13 14.69
N ALA B 209 -1.90 -49.59 13.73
CA ALA B 209 -3.24 -50.12 13.47
C ALA B 209 -3.20 -51.56 12.96
N VAL B 210 -2.09 -51.96 12.34
CA VAL B 210 -1.95 -53.37 11.94
C VAL B 210 -2.01 -54.27 13.17
N TYR B 211 -1.31 -53.88 14.25
CA TYR B 211 -1.41 -54.61 15.50
C TYR B 211 -2.82 -54.53 16.07
N ALA B 212 -3.36 -53.32 16.17
CA ALA B 212 -4.67 -53.14 16.79
C ALA B 212 -5.74 -53.94 16.07
N ASP B 213 -5.70 -53.99 14.73
CA ASP B 213 -6.69 -54.77 13.99
C ASP B 213 -6.55 -56.26 14.23
N ALA B 214 -5.33 -56.76 14.45
CA ALA B 214 -5.19 -58.17 14.80
C ALA B 214 -5.88 -58.48 16.12
N TYR B 215 -5.75 -57.60 17.11
CA TYR B 215 -6.32 -57.83 18.44
C TYR B 215 -7.83 -57.58 18.49
N ALA B 216 -8.41 -57.01 17.42
CA ALA B 216 -9.85 -56.91 17.31
C ALA B 216 -10.49 -58.19 16.79
N ALA B 217 -9.70 -59.13 16.28
CA ALA B 217 -10.23 -60.37 15.73
C ALA B 217 -10.87 -61.23 16.82
N PRO B 218 -11.79 -62.14 16.45
CA PRO B 218 -12.49 -62.95 17.47
C PRO B 218 -11.53 -63.73 18.33
N GLY B 219 -11.64 -63.55 19.65
CA GLY B 219 -10.80 -64.28 20.58
C GLY B 219 -9.42 -63.67 20.82
N ALA B 220 -8.98 -62.72 20.00
CA ALA B 220 -7.61 -62.22 20.10
C ALA B 220 -7.39 -61.41 21.38
N LEU B 221 -8.39 -60.67 21.83
CA LEU B 221 -8.28 -59.97 23.11
C LEU B 221 -8.17 -60.96 24.26
N ARG B 222 -9.08 -61.95 24.29
CA ARG B 222 -9.09 -62.95 25.35
C ARG B 222 -7.75 -63.67 25.42
N ALA B 223 -7.29 -64.16 24.28
CA ALA B 223 -6.03 -64.91 24.26
C ALA B 223 -4.87 -64.05 24.71
N GLY B 224 -4.85 -62.78 24.28
CA GLY B 224 -3.79 -61.88 24.72
C GLY B 224 -3.82 -61.66 26.22
N PHE B 225 -5.00 -61.48 26.81
CA PHE B 225 -5.10 -61.21 28.23
C PHE B 225 -4.77 -62.44 29.07
N GLU B 226 -4.99 -63.65 28.53
CA GLU B 226 -4.63 -64.87 29.25
C GLU B 226 -3.12 -65.01 29.41
N LEU B 227 -2.32 -64.36 28.57
CA LEU B 227 -0.89 -64.32 28.83
C LEU B 227 -0.61 -63.64 30.16
N TYR B 228 -1.32 -62.55 30.43
CA TYR B 228 -1.18 -61.80 31.69
C TYR B 228 -1.85 -62.51 32.86
N ARG B 229 -2.94 -63.25 32.60
CA ARG B 229 -3.58 -63.98 33.67
C ARG B 229 -2.74 -65.17 34.12
N ALA B 230 -1.77 -65.58 33.30
CA ALA B 230 -0.84 -66.64 33.63
C ALA B 230 0.42 -66.14 34.36
N PHE B 231 0.56 -64.84 34.58
CA PHE B 231 1.77 -64.32 35.23
C PHE B 231 2.11 -64.99 36.56
N PRO B 232 1.16 -65.21 37.49
CA PRO B 232 1.55 -65.89 38.74
C PRO B 232 2.19 -67.25 38.52
N GLN B 233 1.63 -68.04 37.61
CA GLN B 233 2.21 -69.34 37.28
C GLN B 233 3.59 -69.18 36.66
N ASP B 234 3.76 -68.15 35.83
CA ASP B 234 5.06 -67.87 35.23
C ASP B 234 6.09 -67.49 36.29
N GLU B 235 5.68 -66.73 37.31
CA GLU B 235 6.62 -66.31 38.36
C GLU B 235 7.16 -67.53 39.09
N THR B 236 6.27 -68.42 39.53
CA THR B 236 6.70 -69.66 40.18
C THR B 236 7.60 -70.48 39.27
N ARG B 237 7.20 -70.65 38.01
CA ARG B 237 7.96 -71.51 37.12
C ARG B 237 9.32 -70.90 36.79
N PHE B 238 9.37 -69.58 36.58
CA PHE B 238 10.63 -68.95 36.16
C PHE B 238 11.64 -68.88 37.30
N LYS B 239 11.16 -68.67 38.53
CA LYS B 239 12.05 -68.64 39.69
C LYS B 239 12.80 -69.97 39.80
N ALA B 240 12.11 -71.07 39.50
CA ALA B 240 12.77 -72.38 39.43
C ALA B 240 13.75 -72.45 38.27
N PHE B 241 13.41 -71.85 37.13
CA PHE B 241 14.31 -71.87 35.98
C PHE B 241 15.64 -71.18 36.28
N MET B 242 15.63 -70.16 37.15
CA MET B 242 16.82 -69.35 37.36
C MET B 242 17.80 -69.94 38.37
N LYS B 243 17.65 -71.21 38.71
CA LYS B 243 18.61 -71.81 39.57
C LYS B 243 19.80 -72.21 38.73
N HIS B 244 19.59 -72.38 37.44
CA HIS B 244 20.57 -72.86 36.49
C HIS B 244 20.69 -71.73 35.48
N LYS B 245 21.77 -70.98 35.57
CA LYS B 245 21.92 -69.87 34.66
C LYS B 245 22.21 -70.40 33.27
N LEU B 246 21.79 -69.64 32.27
CA LEU B 246 21.88 -70.12 30.90
C LEU B 246 23.33 -70.16 30.45
N PRO B 247 23.74 -71.19 29.71
CA PRO B 247 25.14 -71.31 29.30
C PRO B 247 25.48 -70.65 27.97
N MET B 248 24.50 -70.50 27.08
CA MET B 248 24.77 -69.94 25.77
C MET B 248 24.95 -68.43 25.86
N PRO B 249 25.65 -67.83 24.90
CA PRO B 249 25.79 -66.36 24.90
C PRO B 249 24.44 -65.66 24.79
N VAL B 250 24.31 -64.58 25.54
CA VAL B 250 23.06 -63.82 25.64
C VAL B 250 23.35 -62.36 25.38
N LEU B 251 22.48 -61.72 24.60
CA LEU B 251 22.54 -60.29 24.31
C LEU B 251 21.29 -59.63 24.86
N ALA B 252 21.46 -58.51 25.57
CA ALA B 252 20.36 -57.76 26.17
C ALA B 252 20.34 -56.34 25.59
N LEU B 253 19.17 -55.92 25.10
CA LEU B 253 19.02 -54.62 24.46
C LEU B 253 17.74 -53.92 24.90
N ALA B 254 17.80 -52.59 25.04
CA ALA B 254 16.62 -51.79 25.37
C ALA B 254 16.90 -50.33 25.04
N GLY B 255 15.83 -49.55 24.93
CA GLY B 255 15.99 -48.14 24.62
C GLY B 255 16.30 -47.32 25.86
N ASP B 256 17.06 -46.23 25.67
CA ASP B 256 17.44 -45.41 26.81
C ASP B 256 16.24 -44.66 27.40
N LYS B 257 15.16 -44.49 26.64
CA LYS B 257 13.99 -43.79 27.16
C LYS B 257 12.98 -44.73 27.77
N SER B 258 13.30 -46.02 27.90
CA SER B 258 12.39 -46.95 28.55
C SER B 258 13.19 -47.76 29.57
N ASN B 259 13.39 -49.06 29.36
CA ASN B 259 14.05 -49.86 30.40
C ASN B 259 15.57 -49.71 30.37
N GLY B 260 16.15 -49.43 29.21
CA GLY B 260 17.57 -49.12 29.13
C GLY B 260 18.43 -50.22 29.69
N ALA B 261 19.32 -49.81 30.61
CA ALA B 261 20.32 -50.68 31.20
C ALA B 261 19.73 -51.76 32.09
N LYS B 262 18.47 -51.63 32.50
CA LYS B 262 17.88 -52.65 33.36
C LYS B 262 17.58 -53.96 32.63
N GLU B 263 17.55 -53.95 31.29
CA GLU B 263 17.49 -55.21 30.57
C GLU B 263 18.79 -55.96 30.73
N LEU B 264 19.86 -55.20 30.87
CA LEU B 264 21.20 -55.72 30.95
C LEU B 264 21.42 -56.32 32.34
N ASP B 265 20.94 -55.63 33.38
CA ASP B 265 20.93 -56.16 34.74
C ASP B 265 20.02 -57.38 34.86
N MET B 266 18.83 -57.31 34.25
CA MET B 266 17.88 -58.42 34.34
C MET B 266 18.47 -59.68 33.73
N ALA B 267 19.17 -59.55 32.61
CA ALA B 267 19.71 -60.73 31.93
C ALA B 267 20.84 -61.37 32.73
N ARG B 268 21.57 -60.58 33.51
CA ARG B 268 22.70 -61.13 34.26
C ARG B 268 22.25 -61.99 35.43
N GLU B 269 20.99 -61.89 35.84
CA GLU B 269 20.47 -62.85 36.80
C GLU B 269 20.11 -64.18 36.17
N LEU B 270 20.05 -64.25 34.83
CA LEU B 270 19.56 -65.43 34.14
C LEU B 270 20.63 -66.23 33.43
N ALA B 271 21.76 -65.59 33.09
CA ALA B 271 22.76 -66.23 32.27
C ALA B 271 24.15 -65.80 32.70
N LEU B 272 25.14 -66.65 32.40
CA LEU B 272 26.52 -66.39 32.77
C LEU B 272 27.26 -65.54 31.75
N ASP B 273 26.95 -65.70 30.47
CA ASP B 273 27.66 -65.04 29.37
C ASP B 273 26.71 -64.00 28.78
N VAL B 274 26.79 -62.77 29.29
CA VAL B 274 25.86 -61.72 28.92
C VAL B 274 26.63 -60.50 28.47
N ARG B 275 26.16 -59.86 27.41
CA ARG B 275 26.66 -58.59 26.93
C ARG B 275 25.46 -57.79 26.48
N GLY B 276 25.57 -56.46 26.55
CA GLY B 276 24.42 -55.64 26.25
C GLY B 276 24.77 -54.28 25.72
N ALA B 277 23.73 -53.59 25.25
CA ALA B 277 23.84 -52.23 24.77
C ALA B 277 22.51 -51.54 24.98
N VAL B 278 22.54 -50.22 25.00
CA VAL B 278 21.34 -49.42 25.17
C VAL B 278 21.17 -48.56 23.92
N ALA B 279 19.99 -48.64 23.32
CA ALA B 279 19.73 -47.90 22.08
C ALA B 279 19.52 -46.43 22.40
N PRO B 280 20.24 -45.52 21.74
CA PRO B 280 20.08 -44.09 22.04
C PRO B 280 18.78 -43.56 21.46
N ASN B 281 18.17 -42.63 22.21
CA ASN B 281 16.93 -41.93 21.83
C ASN B 281 15.86 -42.90 21.31
N THR B 282 15.63 -43.97 22.07
CA THR B 282 14.74 -45.06 21.66
C THR B 282 13.82 -45.41 22.82
N GLY B 283 12.55 -45.64 22.49
CA GLY B 283 11.60 -46.02 23.54
C GLY B 283 11.50 -47.50 23.75
N HIS B 284 10.27 -47.96 24.03
CA HIS B 284 10.00 -49.32 24.45
C HIS B 284 9.97 -50.30 23.29
N TRP B 285 9.76 -49.84 22.06
CA TRP B 285 9.49 -50.72 20.92
C TRP B 285 10.70 -50.75 19.98
N LEU B 286 11.71 -51.52 20.37
CA LEU B 286 12.97 -51.52 19.63
C LEU B 286 12.79 -51.87 18.16
N PRO B 287 12.09 -52.95 17.77
CA PRO B 287 11.94 -53.24 16.33
C PRO B 287 11.19 -52.17 15.57
N ASP B 288 10.24 -51.48 16.19
CA ASP B 288 9.53 -50.40 15.49
C ASP B 288 10.36 -49.12 15.45
N GLU B 289 11.03 -48.78 16.55
CA GLU B 289 11.62 -47.46 16.70
C GLU B 289 13.01 -47.36 16.11
N ASN B 290 13.88 -48.33 16.39
CA ASN B 290 15.28 -48.30 15.95
C ASN B 290 15.70 -49.66 15.45
N PRO B 291 15.14 -50.11 14.32
CA PRO B 291 15.59 -51.39 13.75
C PRO B 291 17.00 -51.34 13.20
N ALA B 292 17.50 -50.15 12.84
CA ALA B 292 18.87 -50.03 12.37
C ALA B 292 19.85 -50.41 13.49
N PHE B 293 19.63 -49.88 14.70
CA PHE B 293 20.44 -50.27 15.85
C PHE B 293 20.30 -51.76 16.14
N LEU B 294 19.06 -52.26 16.11
CA LEU B 294 18.81 -53.65 16.45
C LEU B 294 19.43 -54.58 15.43
N THR B 295 19.26 -54.26 14.15
CA THR B 295 19.81 -55.12 13.12
C THR B 295 21.31 -55.18 13.27
N ARG B 296 21.93 -54.04 13.59
CA ARG B 296 23.37 -53.99 13.75
C ARG B 296 23.83 -54.82 14.96
N GLN B 297 23.06 -54.76 16.03
CA GLN B 297 23.36 -55.49 17.25
C GLN B 297 23.17 -56.99 17.04
N LEU B 298 22.14 -57.39 16.30
CA LEU B 298 21.91 -58.83 16.13
C LEU B 298 22.96 -59.48 15.23
N LEU B 299 23.31 -58.82 14.12
CA LEU B 299 24.29 -59.41 13.21
C LEU B 299 25.66 -59.53 13.87
N ASP B 300 26.07 -58.51 14.63
CA ASP B 300 27.35 -58.58 15.35
C ASP B 300 27.33 -59.71 16.37
N PHE B 301 26.21 -59.89 17.06
CA PHE B 301 26.07 -60.93 18.06
C PHE B 301 26.08 -62.32 17.42
N PHE B 302 25.54 -62.46 16.21
CA PHE B 302 25.41 -63.78 15.60
C PHE B 302 26.67 -64.24 14.86
N ARG B 303 27.62 -63.36 14.65
CA ARG B 303 28.86 -63.66 13.97
C ARG B 303 29.91 -64.07 14.97
N GLU B 304 29.96 -63.33 16.06
CA GLU B 304 30.82 -63.47 17.23
C GLU B 304 31.32 -64.88 17.48
N GLY C 12 -4.53 11.41 16.79
CA GLY C 12 -4.00 12.56 16.07
C GLY C 12 -4.94 13.08 15.00
N MET C 13 -5.06 14.42 14.91
CA MET C 13 -5.80 15.13 13.88
C MET C 13 -4.97 15.17 12.60
N PRO C 14 -5.61 15.30 11.43
CA PRO C 14 -4.84 15.31 10.17
C PRO C 14 -3.85 16.46 10.14
N ALA C 15 -2.61 16.14 9.73
CA ALA C 15 -1.55 17.14 9.63
C ALA C 15 -1.28 17.44 8.16
N PRO C 16 -1.72 18.59 7.65
CA PRO C 16 -1.58 18.87 6.22
C PRO C 16 -0.16 19.26 5.84
N GLY C 17 0.12 19.13 4.55
CA GLY C 17 1.36 19.61 3.98
C GLY C 17 2.37 18.50 3.83
N LEU C 18 3.53 18.89 3.32
CA LEU C 18 4.64 17.96 3.16
C LEU C 18 5.17 17.53 4.53
N PRO C 19 5.67 16.30 4.64
CA PRO C 19 6.28 15.86 5.91
C PRO C 19 7.55 16.65 6.21
N ALA C 20 7.88 16.73 7.50
CA ALA C 20 9.02 17.55 7.94
C ALA C 20 10.29 17.13 7.23
N GLY C 21 11.05 18.11 6.76
CA GLY C 21 12.30 17.86 6.09
C GLY C 21 12.20 17.61 4.61
N PHE C 22 10.99 17.54 4.05
CA PHE C 22 10.84 17.29 2.63
C PHE C 22 11.58 18.32 1.78
N GLU C 23 11.45 19.57 2.16
CA GLU C 23 12.04 20.63 1.40
C GLU C 23 13.51 20.59 1.04
N ARG C 24 14.38 20.15 1.93
CA ARG C 24 15.78 20.17 1.62
C ARG C 24 16.23 18.93 0.96
N ARG C 25 15.35 17.98 0.84
CA ARG C 25 15.74 16.67 0.31
C ARG C 25 15.12 16.34 -1.06
N PHE C 26 14.19 17.15 -1.56
CA PHE C 26 13.59 16.95 -2.88
C PHE C 26 13.52 18.28 -3.64
N SER C 27 13.46 18.20 -4.97
CA SER C 27 13.47 19.40 -5.81
C SER C 27 12.52 19.23 -6.99
N ARG C 28 11.90 20.35 -7.40
CA ARG C 28 11.03 20.38 -8.57
C ARG C 28 11.82 20.68 -9.84
N ARG C 29 11.55 19.93 -10.91
CA ARG C 29 12.28 20.08 -12.17
C ARG C 29 11.34 19.89 -13.36
N TYR C 30 11.79 20.34 -14.54
CA TYR C 30 11.09 20.15 -15.80
C TYR C 30 11.99 19.37 -16.77
N ALA C 31 11.36 18.57 -17.63
CA ALA C 31 12.07 17.87 -18.69
C ALA C 31 11.38 18.15 -20.02
N GLN C 32 12.11 18.76 -20.94
CA GLN C 32 11.57 19.05 -22.26
C GLN C 32 11.71 17.82 -23.13
N LEU C 33 10.58 17.25 -23.55
CA LEU C 33 10.59 16.17 -24.51
C LEU C 33 10.36 16.76 -25.90
N ASP C 34 10.01 15.90 -26.86
CA ASP C 34 10.06 16.37 -28.25
C ASP C 34 9.00 17.44 -28.51
N ASP C 35 7.93 17.44 -27.75
CA ASP C 35 6.94 18.51 -27.86
C ASP C 35 6.42 18.98 -26.52
N VAL C 36 6.32 18.09 -25.55
CA VAL C 36 5.69 18.36 -24.26
C VAL C 36 6.76 18.50 -23.19
N ARG C 37 6.58 19.46 -22.31
CA ARG C 37 7.42 19.61 -21.13
C ARG C 37 6.69 19.01 -19.94
N LEU C 38 7.37 18.13 -19.22
CA LEU C 38 6.80 17.47 -18.05
C LEU C 38 7.46 17.98 -16.78
N HIS C 39 6.65 18.15 -15.75
CA HIS C 39 7.09 18.55 -14.42
C HIS C 39 7.21 17.31 -13.55
N TYR C 40 8.24 17.28 -12.71
CA TYR C 40 8.45 16.14 -11.81
C TYR C 40 9.23 16.58 -10.59
N VAL C 41 9.13 15.78 -9.53
CA VAL C 41 9.84 16.01 -8.29
C VAL C 41 10.74 14.82 -8.02
N THR C 42 11.99 15.09 -7.65
CA THR C 42 12.99 14.04 -7.52
C THR C 42 13.84 14.25 -6.28
N GLY C 43 14.34 13.15 -5.74
CA GLY C 43 15.20 13.14 -4.58
C GLY C 43 15.84 11.77 -4.44
N GLY C 44 16.69 11.64 -3.42
CA GLY C 44 17.43 10.43 -3.22
C GLY C 44 18.75 10.43 -3.96
N PRO C 45 19.52 9.34 -3.84
CA PRO C 45 20.85 9.30 -4.49
C PRO C 45 20.74 9.30 -6.00
N ASP C 46 21.61 10.10 -6.64
CA ASP C 46 21.61 10.15 -8.10
C ASP C 46 21.97 8.79 -8.70
N ASP C 47 22.73 7.98 -7.98
CA ASP C 47 23.18 6.68 -8.48
C ASP C 47 22.25 5.54 -8.11
N GLY C 48 21.25 5.78 -7.26
CA GLY C 48 20.40 4.72 -6.77
C GLY C 48 19.43 4.20 -7.82
N GLU C 49 18.84 3.05 -7.51
CA GLU C 49 17.81 2.47 -8.38
C GLU C 49 16.62 3.42 -8.50
N MET C 50 16.19 3.66 -9.73
CA MET C 50 15.15 4.65 -9.98
C MET C 50 13.76 4.08 -9.70
N VAL C 51 12.98 4.81 -8.93
CA VAL C 51 11.57 4.48 -8.67
C VAL C 51 10.71 5.61 -9.22
N VAL C 52 9.88 5.29 -10.20
CA VAL C 52 8.96 6.26 -10.81
C VAL C 52 7.57 6.09 -10.22
N LEU C 53 6.95 7.19 -9.80
CA LEU C 53 5.63 7.18 -9.20
C LEU C 53 4.67 7.99 -10.07
N LEU C 54 3.53 7.39 -10.44
CA LEU C 54 2.56 8.00 -11.34
C LEU C 54 1.21 8.15 -10.65
N HIS C 55 0.79 9.39 -10.44
CA HIS C 55 -0.52 9.68 -9.85
C HIS C 55 -1.65 9.40 -10.85
N GLY C 56 -2.88 9.65 -10.43
CA GLY C 56 -4.05 9.52 -11.25
C GLY C 56 -4.88 10.80 -11.22
N TRP C 57 -6.19 10.63 -11.43
CA TRP C 57 -7.18 11.71 -11.40
C TRP C 57 -7.97 11.67 -10.10
N PRO C 58 -8.18 12.81 -9.41
CA PRO C 58 -7.65 14.13 -9.77
C PRO C 58 -6.46 14.48 -8.88
N GLN C 59 -5.25 14.10 -9.31
CA GLN C 59 -4.08 14.19 -8.46
C GLN C 59 -2.91 14.83 -9.19
N THR C 60 -1.85 15.05 -8.42
CA THR C 60 -0.55 15.46 -8.95
C THR C 60 0.50 14.59 -8.28
N TRP C 61 1.78 14.88 -8.53
CA TRP C 61 2.86 14.22 -7.79
C TRP C 61 2.67 14.33 -6.29
N TYR C 62 1.96 15.36 -5.83
CA TYR C 62 1.82 15.63 -4.40
C TYR C 62 1.21 14.45 -3.64
N THR C 63 0.53 13.54 -4.35
CA THR C 63 -0.10 12.42 -3.67
C THR C 63 0.92 11.46 -3.08
N TRP C 64 2.16 11.46 -3.57
CA TRP C 64 3.20 10.56 -3.07
C TRP C 64 4.06 11.18 -1.97
N ARG C 65 3.64 12.32 -1.42
CA ARG C 65 4.49 13.08 -0.51
C ARG C 65 4.92 12.27 0.71
N HIS C 66 4.08 11.34 1.15
CA HIS C 66 4.40 10.56 2.35
C HIS C 66 5.09 9.26 2.03
N VAL C 67 5.30 8.97 0.75
CA VAL C 67 5.97 7.76 0.30
C VAL C 67 7.39 8.04 -0.15
N MET C 68 7.60 9.18 -0.80
CA MET C 68 8.91 9.48 -1.39
C MET C 68 10.03 9.59 -0.36
N PRO C 69 9.86 10.16 0.83
CA PRO C 69 11.00 10.22 1.76
C PRO C 69 11.54 8.84 2.12
N ALA C 70 10.67 7.92 2.52
CA ALA C 70 11.14 6.62 2.94
C ALA C 70 11.84 5.90 1.80
N LEU C 71 11.33 6.07 0.58
CA LEU C 71 12.00 5.47 -0.58
C LEU C 71 13.38 6.07 -0.78
N ALA C 72 13.51 7.39 -0.61
CA ALA C 72 14.80 8.04 -0.81
C ALA C 72 15.79 7.69 0.30
N GLU C 73 15.29 7.51 1.53
CA GLU C 73 16.14 7.13 2.66
C GLU C 73 16.70 5.73 2.50
N ASP C 74 16.06 4.86 1.72
CA ASP C 74 16.55 3.52 1.47
C ASP C 74 17.40 3.43 0.21
N GLY C 75 17.85 4.57 -0.31
CA GLY C 75 18.77 4.60 -1.43
C GLY C 75 18.16 4.60 -2.81
N TYR C 76 16.83 4.73 -2.93
CA TYR C 76 16.21 4.78 -4.24
C TYR C 76 16.21 6.21 -4.79
N ARG C 77 16.34 6.32 -6.11
CA ARG C 77 16.25 7.59 -6.81
C ARG C 77 14.78 7.82 -7.16
N VAL C 78 14.11 8.67 -6.38
CA VAL C 78 12.66 8.86 -6.50
C VAL C 78 12.35 9.89 -7.59
N VAL C 79 11.45 9.54 -8.49
CA VAL C 79 10.96 10.42 -9.55
C VAL C 79 9.44 10.33 -9.54
N ALA C 80 8.78 11.36 -8.99
CA ALA C 80 7.33 11.45 -8.99
C ALA C 80 6.91 12.45 -10.07
N VAL C 81 6.16 11.97 -11.08
CA VAL C 81 5.91 12.74 -12.29
C VAL C 81 4.47 13.26 -12.31
N ASP C 82 4.30 14.52 -12.71
CA ASP C 82 3.03 15.00 -13.23
C ASP C 82 2.94 14.55 -14.69
N TYR C 83 2.07 13.60 -15.01
CA TYR C 83 2.05 13.16 -16.40
C TYR C 83 1.44 14.26 -17.28
N ARG C 84 1.48 14.01 -18.60
CA ARG C 84 1.01 14.95 -19.61
C ARG C 84 -0.38 15.48 -19.27
N GLY C 85 -0.49 16.81 -19.17
CA GLY C 85 -1.75 17.46 -18.91
C GLY C 85 -2.04 17.74 -17.44
N ALA C 86 -1.27 17.16 -16.52
CA ALA C 86 -1.56 17.25 -15.11
C ALA C 86 -0.55 18.14 -14.39
N GLY C 87 -0.98 18.71 -13.28
CA GLY C 87 -0.05 19.47 -12.44
C GLY C 87 0.57 20.63 -13.18
N GLU C 88 1.88 20.74 -13.08
CA GLU C 88 2.63 21.79 -13.76
C GLU C 88 3.14 21.35 -15.14
N SER C 89 2.75 20.18 -15.61
CA SER C 89 3.20 19.79 -16.94
C SER C 89 2.35 20.49 -18.01
N ASP C 90 2.87 20.50 -19.23
CA ASP C 90 2.14 21.11 -20.34
C ASP C 90 0.80 20.41 -20.58
N LYS C 91 -0.10 21.13 -21.25
CA LYS C 91 -1.44 20.64 -21.56
C LYS C 91 -1.62 20.66 -23.08
N PRO C 92 -1.00 19.72 -23.78
CA PRO C 92 -1.10 19.75 -25.26
C PRO C 92 -2.48 19.38 -25.77
N LEU C 93 -2.65 19.48 -27.08
CA LEU C 93 -3.94 19.19 -27.70
C LEU C 93 -4.32 17.73 -27.54
N GLY C 94 -3.38 16.82 -27.77
CA GLY C 94 -3.71 15.40 -27.75
C GLY C 94 -2.68 14.53 -27.06
N GLY C 95 -2.68 13.25 -27.39
CA GLY C 95 -1.73 12.30 -26.81
C GLY C 95 -2.13 11.80 -25.44
N TYR C 96 -3.42 11.77 -25.13
CA TYR C 96 -3.91 11.38 -23.82
C TYR C 96 -4.38 9.93 -23.77
N ASP C 97 -4.19 9.17 -24.84
CA ASP C 97 -4.30 7.72 -24.75
C ASP C 97 -3.16 7.21 -23.89
N LYS C 98 -3.44 6.17 -23.09
CA LYS C 98 -2.49 5.81 -22.05
C LYS C 98 -1.18 5.26 -22.61
N ALA C 99 -1.24 4.57 -23.75
CA ALA C 99 -0.03 4.04 -24.39
C ALA C 99 0.93 5.17 -24.78
N SER C 100 0.40 6.24 -25.39
CA SER C 100 1.25 7.35 -25.77
C SER C 100 1.79 8.07 -24.55
N MET C 101 0.98 8.14 -23.48
CA MET C 101 1.44 8.77 -22.23
C MET C 101 2.56 7.96 -21.59
N ALA C 102 2.54 6.63 -21.73
CA ALA C 102 3.69 5.85 -21.27
C ALA C 102 4.95 6.25 -22.03
N GLY C 103 4.80 6.52 -23.33
CA GLY C 103 5.95 6.98 -24.11
C GLY C 103 6.53 8.27 -23.55
N ASP C 104 5.68 9.15 -23.04
CA ASP C 104 6.19 10.35 -22.38
C ASP C 104 7.05 9.98 -21.18
N ILE C 105 6.56 9.07 -20.34
CA ILE C 105 7.28 8.72 -19.12
C ILE C 105 8.60 8.05 -19.45
N ARG C 106 8.61 7.23 -20.49
CA ARG C 106 9.84 6.57 -20.91
C ARG C 106 10.89 7.57 -21.39
N ALA C 107 10.46 8.57 -22.17
CA ALA C 107 11.40 9.58 -22.67
C ALA C 107 12.02 10.37 -21.53
N LEU C 108 11.25 10.62 -20.46
CA LEU C 108 11.82 11.33 -19.31
C LEU C 108 12.81 10.45 -18.55
N VAL C 109 12.51 9.15 -18.44
CA VAL C 109 13.44 8.23 -17.77
C VAL C 109 14.76 8.15 -18.53
N HIS C 110 14.71 8.06 -19.86
CA HIS C 110 15.94 8.03 -20.65
C HIS C 110 16.69 9.35 -20.58
N GLN C 111 15.98 10.48 -20.52
CA GLN C 111 16.64 11.77 -20.42
C GLN C 111 17.34 11.92 -19.09
N LEU C 112 16.88 11.22 -18.06
CA LEU C 112 17.48 11.25 -16.73
C LEU C 112 18.59 10.22 -16.57
N GLY C 113 18.97 9.54 -17.65
CA GLY C 113 20.09 8.63 -17.62
C GLY C 113 19.76 7.20 -17.24
N ALA C 114 18.49 6.87 -17.00
CA ALA C 114 18.11 5.53 -16.59
C ALA C 114 17.54 4.72 -17.75
N THR C 115 17.54 3.41 -17.57
CA THR C 115 16.94 2.45 -18.50
C THR C 115 16.14 1.36 -17.81
N ARG C 116 16.46 0.99 -16.58
CA ARG C 116 15.69 0.04 -15.80
C ARG C 116 15.11 0.76 -14.60
N ILE C 117 13.82 0.53 -14.33
CA ILE C 117 13.10 1.31 -13.32
C ILE C 117 12.12 0.43 -12.59
N HIS C 118 11.88 0.78 -11.33
CA HIS C 118 10.69 0.32 -10.63
C HIS C 118 9.57 1.33 -10.91
N LEU C 119 8.35 0.82 -11.06
CA LEU C 119 7.23 1.62 -11.56
C LEU C 119 6.04 1.42 -10.64
N VAL C 120 5.50 2.53 -10.12
CA VAL C 120 4.33 2.51 -9.25
C VAL C 120 3.29 3.47 -9.83
N GLY C 121 2.06 2.99 -9.98
CA GLY C 121 1.00 3.81 -10.52
C GLY C 121 -0.31 3.54 -9.81
N ARG C 122 -1.17 4.55 -9.82
CA ARG C 122 -2.53 4.44 -9.31
C ARG C 122 -3.47 5.23 -10.22
N SER C 123 -4.75 4.84 -10.20
CA SER C 123 -5.81 5.45 -11.00
C SER C 123 -5.34 5.55 -12.45
N ILE C 124 -5.43 6.72 -13.08
CA ILE C 124 -4.99 6.86 -14.47
C ILE C 124 -3.53 6.44 -14.61
N GLY C 125 -2.72 6.74 -13.59
CA GLY C 125 -1.30 6.44 -13.65
C GLY C 125 -1.00 4.96 -13.73
N VAL C 126 -1.86 4.11 -13.17
CA VAL C 126 -1.65 2.67 -13.28
C VAL C 126 -1.99 2.16 -14.67
N MET C 127 -2.85 2.87 -15.41
CA MET C 127 -3.07 2.52 -16.82
C MET C 127 -1.86 2.93 -17.65
N VAL C 128 -1.31 4.11 -17.38
CA VAL C 128 -0.05 4.51 -18.01
C VAL C 128 1.05 3.52 -17.66
N ALA C 129 1.13 3.14 -16.38
CA ALA C 129 2.19 2.23 -15.94
C ALA C 129 2.07 0.88 -16.63
N TYR C 130 0.84 0.37 -16.76
CA TYR C 130 0.68 -0.91 -17.44
C TYR C 130 1.12 -0.80 -18.89
N ALA C 131 0.71 0.27 -19.56
CA ALA C 131 1.11 0.46 -20.96
C ALA C 131 2.61 0.59 -21.10
N TYR C 132 3.29 1.15 -20.10
CA TYR C 132 4.75 1.19 -20.11
C TYR C 132 5.32 -0.23 -20.04
N ALA C 133 4.83 -1.06 -19.12
CA ALA C 133 5.34 -2.42 -18.99
C ALA C 133 4.99 -3.28 -20.20
N ALA C 134 3.83 -3.07 -20.81
CA ALA C 134 3.43 -3.90 -21.95
C ALA C 134 4.26 -3.55 -23.18
N GLN C 135 4.62 -2.28 -23.36
CA GLN C 135 5.34 -1.87 -24.56
C GLN C 135 6.83 -2.06 -24.43
N TRP C 136 7.40 -1.89 -23.23
CA TRP C 136 8.84 -2.01 -23.01
C TRP C 136 9.08 -2.79 -21.73
N PRO C 137 8.78 -4.08 -21.73
CA PRO C 137 8.84 -4.86 -20.48
C PRO C 137 10.23 -4.95 -19.87
N THR C 138 11.27 -5.01 -20.68
CA THR C 138 12.63 -5.14 -20.16
C THR C 138 13.04 -3.94 -19.32
N GLU C 139 12.44 -2.77 -19.59
CA GLU C 139 12.83 -1.57 -18.86
C GLU C 139 12.12 -1.48 -17.52
N ILE C 140 11.13 -2.34 -17.26
CA ILE C 140 10.40 -2.33 -16.00
C ILE C 140 10.90 -3.52 -15.18
N VAL C 141 11.66 -3.22 -14.13
CA VAL C 141 12.16 -4.25 -13.23
C VAL C 141 11.01 -4.85 -12.43
N LYS C 142 10.23 -3.98 -11.78
CA LYS C 142 9.09 -4.39 -10.98
C LYS C 142 7.97 -3.39 -11.20
N LEU C 143 6.73 -3.86 -11.06
CA LEU C 143 5.56 -3.02 -11.32
C LEU C 143 4.57 -3.16 -10.18
N ALA C 144 4.16 -2.02 -9.62
CA ALA C 144 3.20 -1.97 -8.54
C ALA C 144 1.93 -1.27 -9.04
N MET C 145 0.79 -1.91 -8.84
CA MET C 145 -0.48 -1.46 -9.37
C MET C 145 -1.41 -1.17 -8.21
N LEU C 146 -1.91 0.07 -8.13
CA LEU C 146 -2.66 0.53 -6.96
C LEU C 146 -4.07 0.92 -7.33
N ASP C 147 -5.03 0.47 -6.52
CA ASP C 147 -6.34 1.08 -6.32
C ASP C 147 -7.35 0.92 -7.45
N VAL C 148 -6.91 0.94 -8.71
CA VAL C 148 -7.86 1.01 -9.83
C VAL C 148 -7.57 -0.08 -10.87
N PRO C 149 -8.59 -0.71 -11.43
CA PRO C 149 -8.37 -1.65 -12.53
C PRO C 149 -8.06 -0.91 -13.83
N VAL C 150 -7.38 -1.61 -14.74
CA VAL C 150 -7.02 -1.02 -16.02
C VAL C 150 -8.05 -1.42 -17.07
N PRO C 151 -8.25 -0.62 -18.10
CA PRO C 151 -9.21 -1.00 -19.15
C PRO C 151 -8.86 -2.33 -19.81
N GLY C 152 -9.88 -3.03 -20.29
CA GLY C 152 -9.73 -4.32 -20.93
C GLY C 152 -9.91 -5.52 -20.02
N THR C 153 -9.70 -5.36 -18.72
CA THR C 153 -9.85 -6.46 -17.79
C THR C 153 -11.33 -6.73 -17.49
N ARG C 154 -11.59 -7.90 -16.90
CA ARG C 154 -12.96 -8.24 -16.55
C ARG C 154 -13.45 -7.44 -15.35
N ILE C 155 -12.54 -7.04 -14.46
CA ILE C 155 -12.90 -6.14 -13.37
C ILE C 155 -13.34 -4.80 -13.92
N TRP C 156 -12.62 -4.30 -14.92
CA TRP C 156 -13.03 -3.07 -15.58
C TRP C 156 -14.37 -3.25 -16.28
N ASP C 157 -14.54 -4.31 -17.04
CA ASP C 157 -15.79 -4.53 -17.73
C ASP C 157 -16.99 -4.69 -16.83
N GLU C 158 -16.81 -5.31 -15.68
CA GLU C 158 -17.91 -5.51 -14.77
C GLU C 158 -18.44 -4.22 -14.20
N ALA C 159 -17.56 -3.30 -13.90
CA ALA C 159 -17.96 -2.04 -13.34
C ALA C 159 -18.84 -1.30 -14.33
N LYS C 160 -18.47 -1.37 -15.58
CA LYS C 160 -19.23 -0.73 -16.64
C LYS C 160 -20.60 -1.40 -16.81
N ALA C 161 -20.64 -2.73 -16.81
CA ALA C 161 -21.89 -3.44 -17.06
C ALA C 161 -22.84 -3.40 -15.86
N SER C 162 -22.30 -3.43 -14.63
CA SER C 162 -23.13 -3.28 -13.43
C SER C 162 -23.65 -1.85 -13.22
N ALA C 163 -23.14 -0.88 -13.99
CA ALA C 163 -23.35 0.54 -13.72
C ALA C 163 -22.94 0.88 -12.29
N ASP C 164 -21.70 0.54 -11.98
CA ASP C 164 -21.14 0.77 -10.66
C ASP C 164 -21.32 2.26 -10.31
N PRO C 165 -21.91 2.57 -9.14
CA PRO C 165 -22.13 3.99 -8.79
C PRO C 165 -20.87 4.82 -8.74
N GLN C 166 -19.71 4.22 -8.50
CA GLN C 166 -18.48 4.98 -8.31
C GLN C 166 -17.78 5.35 -9.60
N ILE C 167 -18.31 4.95 -10.77
CA ILE C 167 -17.78 5.43 -12.03
C ILE C 167 -18.88 6.25 -12.70
N TRP C 168 -19.76 6.82 -11.89
CA TRP C 168 -20.81 7.70 -12.40
C TRP C 168 -20.24 8.83 -13.25
N HIS C 169 -19.02 9.27 -12.93
CA HIS C 169 -18.43 10.45 -13.55
C HIS C 169 -17.85 10.19 -14.94
N PHE C 170 -17.73 8.92 -15.35
CA PHE C 170 -17.19 8.63 -16.68
C PHE C 170 -17.99 9.35 -17.77
N GLY C 171 -19.32 9.29 -17.68
CA GLY C 171 -20.15 9.93 -18.69
C GLY C 171 -19.96 11.43 -18.79
N LEU C 172 -20.07 12.12 -17.66
CA LEU C 172 -19.88 13.57 -17.65
C LEU C 172 -18.50 13.94 -18.15
N HIS C 173 -17.46 13.28 -17.64
CA HIS C 173 -16.10 13.62 -18.01
C HIS C 173 -15.85 13.44 -19.50
N GLN C 174 -16.62 12.55 -20.15
CA GLN C 174 -16.50 12.28 -21.57
C GLN C 174 -17.31 13.24 -22.44
N GLN C 175 -18.05 14.16 -21.84
CA GLN C 175 -18.76 15.20 -22.59
C GLN C 175 -17.82 16.37 -22.82
N ARG C 176 -17.26 16.45 -24.03
CA ARG C 176 -16.31 17.52 -24.35
C ARG C 176 -16.97 18.88 -24.24
N ASP C 177 -16.26 19.82 -23.59
CA ASP C 177 -16.68 21.21 -23.38
C ASP C 177 -17.78 21.33 -22.33
N ILE C 178 -18.72 20.38 -22.31
CA ILE C 178 -19.81 20.46 -21.33
C ILE C 178 -19.26 20.29 -19.92
N ALA C 179 -18.39 19.29 -19.74
CA ALA C 179 -17.79 19.06 -18.42
C ALA C 179 -16.97 20.25 -17.97
N GLU C 180 -16.16 20.82 -18.87
CA GLU C 180 -15.35 21.98 -18.51
C GLU C 180 -16.24 23.16 -18.15
N MET C 181 -17.32 23.36 -18.91
CA MET C 181 -18.20 24.49 -18.66
C MET C 181 -18.89 24.36 -17.31
N LEU C 182 -19.25 23.15 -16.91
CA LEU C 182 -19.95 22.96 -15.63
C LEU C 182 -18.99 23.12 -14.45
N ILE C 183 -17.77 22.61 -14.57
CA ILE C 183 -16.89 22.51 -13.40
C ILE C 183 -15.95 23.70 -13.26
N ALA C 184 -15.75 24.48 -14.33
CA ALA C 184 -14.89 25.66 -14.24
C ALA C 184 -15.37 26.61 -13.15
N GLY C 185 -14.44 27.03 -12.29
CA GLY C 185 -14.79 27.87 -11.17
C GLY C 185 -15.34 27.13 -9.97
N LYS C 186 -15.63 25.83 -10.08
CA LYS C 186 -16.09 25.04 -8.95
C LYS C 186 -15.24 23.80 -8.76
N GLU C 187 -13.96 23.88 -9.15
CA GLU C 187 -13.09 22.71 -9.04
C GLU C 187 -12.95 22.25 -7.60
N ARG C 188 -12.80 23.19 -6.66
CA ARG C 188 -12.60 22.83 -5.26
C ARG C 188 -13.82 22.11 -4.68
N ALA C 189 -15.02 22.62 -4.94
CA ALA C 189 -16.21 21.94 -4.45
C ALA C 189 -16.37 20.57 -5.09
N TYR C 190 -16.09 20.46 -6.39
CA TYR C 190 -16.26 19.19 -7.09
C TYR C 190 -15.22 18.15 -6.65
N ILE C 191 -13.96 18.56 -6.51
CA ILE C 191 -12.89 17.61 -6.25
C ILE C 191 -12.85 17.22 -4.78
N LEU C 192 -13.14 18.16 -3.86
CA LEU C 192 -13.20 17.78 -2.46
C LEU C 192 -14.31 16.76 -2.21
N ASP C 193 -15.46 16.96 -2.84
CA ASP C 193 -16.54 15.99 -2.69
C ASP C 193 -16.18 14.65 -3.32
N PHE C 194 -15.63 14.66 -4.54
CA PHE C 194 -15.20 13.43 -5.20
C PHE C 194 -14.25 12.66 -4.31
N TYR C 195 -13.40 13.35 -3.61
CA TYR C 195 -12.42 12.72 -2.79
C TYR C 195 -12.95 12.20 -1.49
N LYS C 196 -13.72 12.99 -0.80
CA LYS C 196 -14.13 12.56 0.54
C LYS C 196 -15.11 11.41 0.48
N LYS C 197 -15.91 11.33 -0.59
CA LYS C 197 -16.85 10.23 -0.72
C LYS C 197 -16.14 8.90 -0.88
N ARG C 198 -14.88 8.93 -1.32
CA ARG C 198 -14.14 7.71 -1.60
C ARG C 198 -13.06 7.44 -0.56
N THR C 199 -12.86 8.34 0.39
CA THR C 199 -11.90 8.09 1.44
C THR C 199 -12.57 7.36 2.60
N HIS C 200 -11.76 6.68 3.38
CA HIS C 200 -12.17 6.12 4.66
C HIS C 200 -11.49 6.79 5.82
N VAL C 201 -10.20 7.05 5.70
CA VAL C 201 -9.43 7.82 6.66
C VAL C 201 -9.70 9.31 6.45
N ALA C 202 -9.93 10.03 7.54
CA ALA C 202 -10.14 11.47 7.46
C ALA C 202 -8.87 12.13 6.94
N LEU C 203 -9.03 12.95 5.90
CA LEU C 203 -7.95 13.74 5.32
C LEU C 203 -8.22 15.23 5.48
N SER C 204 -7.15 16.01 5.36
CA SER C 204 -7.23 17.45 5.55
C SER C 204 -7.66 18.15 4.27
N ASN C 205 -8.58 19.11 4.40
CA ASN C 205 -9.05 19.87 3.25
C ASN C 205 -7.90 20.61 2.57
N ASP C 206 -6.90 21.06 3.34
CA ASP C 206 -5.76 21.76 2.76
C ASP C 206 -4.96 20.88 1.81
N ASP C 207 -4.87 19.58 2.10
CA ASP C 207 -4.14 18.69 1.19
C ASP C 207 -4.93 18.45 -0.08
N ILE C 208 -6.24 18.21 0.04
CA ILE C 208 -7.05 18.00 -1.15
C ILE C 208 -7.09 19.26 -2.01
N ALA C 209 -7.08 20.43 -1.37
CA ALA C 209 -7.13 21.67 -2.13
C ALA C 209 -5.91 21.82 -3.01
N VAL C 210 -4.79 21.18 -2.64
CA VAL C 210 -3.63 21.21 -3.50
C VAL C 210 -3.94 20.58 -4.85
N TYR C 211 -4.60 19.42 -4.84
CA TYR C 211 -5.03 18.81 -6.10
C TYR C 211 -6.02 19.70 -6.82
N ALA C 212 -7.06 20.16 -6.10
CA ALA C 212 -8.12 20.93 -6.73
C ALA C 212 -7.58 22.19 -7.39
N ASP C 213 -6.69 22.90 -6.72
CA ASP C 213 -6.17 24.15 -7.30
C ASP C 213 -5.42 23.89 -8.59
N ALA C 214 -4.71 22.76 -8.68
CA ALA C 214 -4.03 22.41 -9.91
C ALA C 214 -5.02 22.20 -11.06
N TYR C 215 -6.16 21.58 -10.78
CA TYR C 215 -7.14 21.34 -11.84
C TYR C 215 -7.94 22.60 -12.21
N ALA C 216 -7.80 23.69 -11.45
CA ALA C 216 -8.39 24.96 -11.82
C ALA C 216 -7.52 25.77 -12.77
N ALA C 217 -6.25 25.43 -12.93
CA ALA C 217 -5.37 26.18 -13.78
C ALA C 217 -5.78 26.05 -15.24
N PRO C 218 -5.40 27.01 -16.09
CA PRO C 218 -5.83 26.99 -17.49
C PRO C 218 -5.47 25.68 -18.18
N GLY C 219 -6.47 25.04 -18.78
CA GLY C 219 -6.30 23.81 -19.50
C GLY C 219 -6.29 22.54 -18.67
N ALA C 220 -6.18 22.63 -17.35
CA ALA C 220 -6.05 21.43 -16.55
C ALA C 220 -7.34 20.62 -16.51
N LEU C 221 -8.50 21.27 -16.53
CA LEU C 221 -9.76 20.54 -16.61
C LEU C 221 -9.86 19.78 -17.93
N ARG C 222 -9.62 20.49 -19.03
CA ARG C 222 -9.70 19.87 -20.35
C ARG C 222 -8.76 18.68 -20.45
N ALA C 223 -7.50 18.87 -20.06
CA ALA C 223 -6.52 17.80 -20.22
C ALA C 223 -6.88 16.58 -19.37
N GLY C 224 -7.34 16.81 -18.14
CA GLY C 224 -7.77 15.70 -17.31
C GLY C 224 -8.93 14.94 -17.92
N PHE C 225 -9.90 15.67 -18.47
CA PHE C 225 -11.06 15.00 -19.06
C PHE C 225 -10.70 14.28 -20.35
N GLU C 226 -9.68 14.75 -21.07
CA GLU C 226 -9.27 14.04 -22.27
C GLU C 226 -8.70 12.66 -21.95
N LEU C 227 -8.24 12.44 -20.71
CA LEU C 227 -7.87 11.08 -20.27
C LEU C 227 -9.08 10.14 -20.31
N TYR C 228 -10.25 10.64 -19.90
CA TYR C 228 -11.47 9.85 -19.91
C TYR C 228 -12.05 9.73 -21.31
N ARG C 229 -11.89 10.76 -22.13
CA ARG C 229 -12.42 10.69 -23.47
C ARG C 229 -11.66 9.68 -24.33
N ALA C 230 -10.45 9.30 -23.92
CA ALA C 230 -9.67 8.31 -24.64
C ALA C 230 -9.93 6.88 -24.17
N PHE C 231 -10.78 6.67 -23.15
CA PHE C 231 -11.05 5.34 -22.64
C PHE C 231 -11.45 4.32 -23.72
N PRO C 232 -12.35 4.62 -24.66
CA PRO C 232 -12.63 3.61 -25.70
C PRO C 232 -11.38 3.21 -26.48
N GLN C 233 -10.54 4.19 -26.80
CA GLN C 233 -9.29 3.90 -27.47
C GLN C 233 -8.35 3.08 -26.58
N ASP C 234 -8.32 3.38 -25.26
CA ASP C 234 -7.50 2.60 -24.34
C ASP C 234 -8.00 1.15 -24.25
N GLU C 235 -9.32 0.96 -24.26
CA GLU C 235 -9.87 -0.39 -24.12
C GLU C 235 -9.41 -1.29 -25.26
N THR C 236 -9.58 -0.83 -26.51
CA THR C 236 -9.14 -1.61 -27.65
C THR C 236 -7.64 -1.87 -27.60
N ARG C 237 -6.85 -0.83 -27.30
CA ARG C 237 -5.40 -1.00 -27.30
C ARG C 237 -4.95 -1.95 -26.18
N PHE C 238 -5.61 -1.89 -25.02
CA PHE C 238 -5.21 -2.71 -23.88
C PHE C 238 -5.61 -4.17 -24.08
N LYS C 239 -6.75 -4.42 -24.75
CA LYS C 239 -7.12 -5.81 -25.01
C LYS C 239 -6.08 -6.51 -25.87
N ALA C 240 -5.51 -5.80 -26.84
CA ALA C 240 -4.39 -6.33 -27.59
C ALA C 240 -3.16 -6.53 -26.70
N PHE C 241 -2.90 -5.59 -25.79
CA PHE C 241 -1.77 -5.75 -24.88
C PHE C 241 -1.92 -6.99 -24.01
N MET C 242 -3.15 -7.35 -23.66
CA MET C 242 -3.36 -8.46 -22.75
C MET C 242 -3.27 -9.81 -23.43
N LYS C 243 -2.88 -9.85 -24.70
CA LYS C 243 -2.57 -11.11 -25.36
C LYS C 243 -1.16 -11.60 -25.05
N HIS C 244 -0.37 -10.80 -24.34
CA HIS C 244 0.94 -11.20 -23.85
C HIS C 244 1.02 -10.77 -22.40
N LYS C 245 0.93 -11.73 -21.47
CA LYS C 245 0.96 -11.37 -20.06
C LYS C 245 2.34 -10.85 -19.68
N LEU C 246 2.37 -10.00 -18.65
CA LEU C 246 3.61 -9.37 -18.28
C LEU C 246 4.56 -10.38 -17.66
N PRO C 247 5.84 -10.32 -17.98
CA PRO C 247 6.78 -11.31 -17.41
C PRO C 247 7.40 -10.89 -16.08
N MET C 248 7.51 -9.58 -15.82
CA MET C 248 8.18 -9.09 -14.62
C MET C 248 7.28 -9.24 -13.39
N PRO C 249 7.87 -9.24 -12.19
CA PRO C 249 7.05 -9.35 -10.97
C PRO C 249 6.09 -8.18 -10.83
N VAL C 250 4.88 -8.47 -10.34
CA VAL C 250 3.82 -7.48 -10.21
C VAL C 250 3.24 -7.56 -8.80
N LEU C 251 3.03 -6.38 -8.20
CA LEU C 251 2.41 -6.25 -6.88
C LEU C 251 1.10 -5.50 -7.04
N ALA C 252 0.03 -6.01 -6.44
CA ALA C 252 -1.30 -5.43 -6.55
C ALA C 252 -1.78 -5.01 -5.17
N LEU C 253 -2.23 -3.75 -5.03
CA LEU C 253 -2.63 -3.23 -3.73
C LEU C 253 -3.90 -2.39 -3.84
N ALA C 254 -4.76 -2.51 -2.83
CA ALA C 254 -5.96 -1.69 -2.72
C ALA C 254 -6.52 -1.80 -1.31
N GLY C 255 -7.33 -0.80 -0.95
CA GLY C 255 -7.90 -0.76 0.38
C GLY C 255 -9.11 -1.65 0.55
N ASP C 256 -9.29 -2.13 1.78
CA ASP C 256 -10.40 -3.05 2.09
C ASP C 256 -11.75 -2.36 2.01
N LYS C 257 -11.78 -1.03 2.11
CA LYS C 257 -13.01 -0.27 2.00
C LYS C 257 -13.26 0.24 0.60
N SER C 258 -12.43 -0.17 -0.36
CA SER C 258 -12.68 0.20 -1.74
C SER C 258 -12.60 -1.04 -2.62
N ASN C 259 -11.60 -1.14 -3.50
CA ASN C 259 -11.56 -2.23 -4.46
C ASN C 259 -11.00 -3.52 -3.88
N GLY C 260 -10.16 -3.43 -2.86
CA GLY C 260 -9.68 -4.61 -2.14
C GLY C 260 -9.00 -5.61 -3.04
N ALA C 261 -9.43 -6.88 -2.94
CA ALA C 261 -8.83 -8.00 -3.66
C ALA C 261 -9.02 -7.91 -5.16
N LYS C 262 -9.93 -7.06 -5.64
CA LYS C 262 -10.15 -7.02 -7.07
C LYS C 262 -8.98 -6.40 -7.81
N GLU C 263 -8.08 -5.68 -7.12
CA GLU C 263 -6.84 -5.26 -7.76
C GLU C 263 -5.96 -6.46 -8.07
N LEU C 264 -5.96 -7.45 -7.17
CA LEU C 264 -5.17 -8.65 -7.43
C LEU C 264 -5.87 -9.52 -8.48
N ASP C 265 -7.20 -9.59 -8.45
CA ASP C 265 -7.92 -10.29 -9.51
C ASP C 265 -7.63 -9.67 -10.86
N MET C 266 -7.68 -8.34 -10.92
CA MET C 266 -7.43 -7.65 -12.18
C MET C 266 -5.99 -7.84 -12.65
N ALA C 267 -5.03 -7.77 -11.73
CA ALA C 267 -3.63 -7.86 -12.11
C ALA C 267 -3.28 -9.25 -12.62
N ARG C 268 -3.97 -10.28 -12.12
CA ARG C 268 -3.68 -11.64 -12.56
C ARG C 268 -4.15 -11.89 -13.98
N GLU C 269 -5.04 -11.05 -14.53
CA GLU C 269 -5.36 -11.16 -15.95
C GLU C 269 -4.29 -10.56 -16.84
N LEU C 270 -3.34 -9.79 -16.28
CA LEU C 270 -2.36 -9.08 -17.08
C LEU C 270 -0.96 -9.64 -16.98
N ALA C 271 -0.63 -10.38 -15.93
CA ALA C 271 0.74 -10.77 -15.66
C ALA C 271 0.79 -12.19 -15.08
N LEU C 272 1.94 -12.83 -15.27
CA LEU C 272 2.12 -14.20 -14.80
C LEU C 272 2.56 -14.28 -13.34
N ASP C 273 3.40 -13.34 -12.90
CA ASP C 273 4.01 -13.33 -11.57
C ASP C 273 3.41 -12.19 -10.77
N VAL C 274 2.35 -12.48 -10.02
CA VAL C 274 1.58 -11.46 -9.32
C VAL C 274 1.45 -11.87 -7.87
N ARG C 275 1.56 -10.89 -6.97
CA ARG C 275 1.30 -11.07 -5.55
C ARG C 275 0.57 -9.83 -5.08
N GLY C 276 -0.26 -10.00 -4.04
CA GLY C 276 -1.08 -8.88 -3.64
C GLY C 276 -1.39 -8.86 -2.17
N ALA C 277 -1.92 -7.73 -1.74
CA ALA C 277 -2.34 -7.52 -0.36
C ALA C 277 -3.44 -6.47 -0.36
N VAL C 278 -4.17 -6.41 0.73
CA VAL C 278 -5.24 -5.44 0.92
C VAL C 278 -4.87 -4.56 2.09
N ALA C 279 -4.97 -3.25 1.88
CA ALA C 279 -4.59 -2.29 2.91
C ALA C 279 -5.68 -2.23 3.97
N PRO C 280 -5.36 -2.42 5.24
CA PRO C 280 -6.40 -2.39 6.27
C PRO C 280 -6.91 -0.98 6.53
N ASN C 281 -8.22 -0.88 6.78
CA ASN C 281 -8.89 0.38 7.12
C ASN C 281 -8.49 1.50 6.15
N THR C 282 -8.57 1.19 4.87
CA THR C 282 -8.13 2.13 3.84
C THR C 282 -9.15 2.17 2.73
N GLY C 283 -9.44 3.39 2.26
CA GLY C 283 -10.37 3.59 1.18
C GLY C 283 -9.67 3.60 -0.17
N HIS C 284 -10.09 4.53 -1.02
CA HIS C 284 -9.68 4.53 -2.43
C HIS C 284 -8.29 5.11 -2.65
N TRP C 285 -7.79 5.96 -1.74
CA TRP C 285 -6.59 6.75 -1.95
C TRP C 285 -5.45 6.21 -1.08
N LEU C 286 -4.83 5.12 -1.54
CA LEU C 286 -3.79 4.50 -0.72
C LEU C 286 -2.66 5.45 -0.33
N PRO C 287 -2.04 6.21 -1.24
CA PRO C 287 -0.95 7.12 -0.81
C PRO C 287 -1.40 8.20 0.17
N ASP C 288 -2.63 8.68 0.05
CA ASP C 288 -3.09 9.69 1.00
C ASP C 288 -3.51 9.07 2.32
N GLU C 289 -4.20 7.93 2.27
CA GLU C 289 -4.86 7.38 3.44
C GLU C 289 -3.93 6.51 4.29
N ASN C 290 -3.12 5.66 3.66
CA ASN C 290 -2.26 4.71 4.39
C ASN C 290 -0.90 4.63 3.71
N PRO C 291 -0.11 5.71 3.77
CA PRO C 291 1.24 5.64 3.20
C PRO C 291 2.17 4.72 3.98
N ALA C 292 1.92 4.53 5.28
CA ALA C 292 2.77 3.64 6.06
C ALA C 292 2.66 2.21 5.55
N PHE C 293 1.43 1.73 5.36
CA PHE C 293 1.25 0.40 4.78
C PHE C 293 1.89 0.34 3.40
N LEU C 294 1.63 1.35 2.58
CA LEU C 294 2.09 1.34 1.18
C LEU C 294 3.61 1.34 1.10
N THR C 295 4.26 2.19 1.91
CA THR C 295 5.72 2.26 1.86
C THR C 295 6.34 0.93 2.25
N ARG C 296 5.83 0.28 3.31
CA ARG C 296 6.34 -1.02 3.72
C ARG C 296 6.21 -2.05 2.60
N GLN C 297 5.03 -2.13 1.97
CA GLN C 297 4.84 -3.09 0.88
C GLN C 297 5.76 -2.80 -0.30
N LEU C 298 5.97 -1.52 -0.63
CA LEU C 298 6.81 -1.22 -1.78
C LEU C 298 8.27 -1.53 -1.51
N LEU C 299 8.76 -1.21 -0.31
CA LEU C 299 10.14 -1.48 0.02
C LEU C 299 10.43 -2.98 0.05
N ASP C 300 9.52 -3.76 0.66
CA ASP C 300 9.70 -5.22 0.67
C ASP C 300 9.65 -5.81 -0.73
N PHE C 301 8.78 -5.27 -1.58
CA PHE C 301 8.63 -5.75 -2.95
C PHE C 301 9.84 -5.44 -3.84
N PHE C 302 10.46 -4.27 -3.67
CA PHE C 302 11.49 -3.84 -4.60
C PHE C 302 12.85 -4.45 -4.31
N ARG C 303 12.95 -5.19 -3.22
CA ARG C 303 14.23 -5.53 -2.64
C ARG C 303 14.73 -6.90 -3.03
N GLU C 304 13.84 -7.90 -3.01
CA GLU C 304 14.19 -9.30 -3.24
C GLU C 304 15.02 -9.53 -4.51
N PRO D 11 19.94 20.16 -4.46
CA PRO D 11 18.62 19.78 -3.96
C PRO D 11 17.91 20.90 -3.22
N GLY D 12 16.58 20.86 -3.24
CA GLY D 12 15.78 21.83 -2.52
C GLY D 12 14.53 22.25 -3.26
N MET D 13 13.43 22.35 -2.52
CA MET D 13 12.16 22.84 -3.02
C MET D 13 12.15 24.37 -3.03
N PRO D 14 11.36 24.98 -3.92
CA PRO D 14 11.30 26.45 -3.96
C PRO D 14 10.89 27.02 -2.62
N ALA D 15 11.60 28.06 -2.20
CA ALA D 15 11.35 28.74 -0.93
C ALA D 15 10.72 30.10 -1.19
N PRO D 16 9.43 30.29 -0.93
CA PRO D 16 8.79 31.57 -1.28
C PRO D 16 9.14 32.68 -0.28
N GLY D 17 8.99 33.91 -0.75
CA GLY D 17 9.10 35.09 0.10
C GLY D 17 10.46 35.77 0.01
N LEU D 18 10.59 36.84 0.79
CA LEU D 18 11.85 37.56 0.88
C LEU D 18 12.89 36.73 1.62
N PRO D 19 14.15 36.89 1.29
CA PRO D 19 15.16 36.19 2.06
C PRO D 19 15.25 36.62 3.53
N ALA D 20 15.80 35.75 4.35
CA ALA D 20 15.92 36.06 5.76
C ALA D 20 16.75 37.28 5.98
N GLY D 21 16.22 38.11 6.84
CA GLY D 21 16.78 39.37 7.22
C GLY D 21 16.50 40.54 6.31
N PHE D 22 15.79 40.31 5.21
CA PHE D 22 15.48 41.36 4.29
C PHE D 22 14.66 42.44 4.97
N GLU D 23 13.83 42.08 5.91
CA GLU D 23 12.95 43.06 6.54
C GLU D 23 13.72 44.14 7.31
N ARG D 24 14.83 43.81 7.92
CA ARG D 24 15.52 44.82 8.67
C ARG D 24 16.45 45.68 7.85
N ARG D 25 16.69 45.35 6.62
CA ARG D 25 17.70 46.09 5.90
C ARG D 25 17.15 46.89 4.73
N PHE D 26 15.86 46.77 4.43
CA PHE D 26 15.27 47.53 3.35
C PHE D 26 13.98 48.19 3.80
N SER D 27 13.59 49.24 3.09
CA SER D 27 12.41 50.03 3.42
C SER D 27 11.69 50.41 2.15
N ARG D 28 10.36 50.47 2.23
CA ARG D 28 9.56 50.98 1.12
C ARG D 28 9.33 52.47 1.31
N ARG D 29 9.64 53.26 0.29
CA ARG D 29 9.33 54.69 0.31
C ARG D 29 8.79 55.20 -1.01
N TYR D 30 8.22 56.41 -1.00
CA TYR D 30 7.73 57.07 -2.20
C TYR D 30 8.53 58.34 -2.47
N ALA D 31 8.64 58.67 -3.76
CA ALA D 31 9.25 59.92 -4.20
C ALA D 31 8.27 60.64 -5.11
N GLN D 32 7.85 61.84 -4.71
CA GLN D 32 6.93 62.65 -5.50
C GLN D 32 7.69 63.47 -6.52
N LEU D 33 7.50 63.14 -7.77
CA LEU D 33 8.08 63.88 -8.84
C LEU D 33 7.05 64.89 -9.30
N ASP D 34 7.36 65.67 -10.32
CA ASP D 34 6.41 66.67 -10.71
C ASP D 34 5.08 66.11 -11.21
N ASP D 35 5.10 65.10 -12.07
CA ASP D 35 3.80 64.61 -12.49
C ASP D 35 3.37 63.28 -11.91
N VAL D 36 4.29 62.51 -11.38
CA VAL D 36 3.98 61.19 -10.89
C VAL D 36 4.66 60.85 -9.59
N ARG D 37 4.06 60.00 -8.79
CA ARG D 37 4.70 59.53 -7.56
C ARG D 37 5.20 58.12 -7.82
N LEU D 38 6.48 57.88 -7.53
CA LEU D 38 7.08 56.58 -7.74
C LEU D 38 7.36 55.91 -6.41
N HIS D 39 7.11 54.61 -6.36
CA HIS D 39 7.39 53.76 -5.20
C HIS D 39 8.69 53.03 -5.45
N TYR D 40 9.49 52.85 -4.40
CA TYR D 40 10.76 52.16 -4.54
C TYR D 40 11.15 51.52 -3.21
N VAL D 41 12.03 50.54 -3.29
CA VAL D 41 12.56 49.85 -2.12
C VAL D 41 14.07 50.09 -2.08
N THR D 42 14.52 50.61 -0.97
CA THR D 42 15.91 50.93 -0.79
C THR D 42 16.50 50.42 0.49
N GLY D 43 17.76 50.11 0.39
CA GLY D 43 18.53 49.62 1.50
C GLY D 43 19.99 49.91 1.24
N GLY D 44 20.81 49.72 2.26
CA GLY D 44 22.23 49.96 2.13
C GLY D 44 22.64 51.31 2.66
N PRO D 45 23.91 51.66 2.48
CA PRO D 45 24.54 52.89 2.93
C PRO D 45 24.15 54.07 2.12
N ASP D 46 23.66 55.10 2.79
CA ASP D 46 23.23 56.31 2.12
C ASP D 46 24.32 56.90 1.24
N ASP D 47 25.55 56.77 1.68
CA ASP D 47 26.75 57.21 1.02
C ASP D 47 27.39 56.28 -0.02
N GLY D 48 26.91 55.06 -0.24
CA GLY D 48 27.50 54.22 -1.26
C GLY D 48 27.13 54.65 -2.67
N GLU D 49 27.87 54.08 -3.64
CA GLU D 49 27.51 54.24 -5.03
C GLU D 49 26.13 53.65 -5.27
N MET D 50 25.29 54.40 -5.99
CA MET D 50 23.90 53.98 -6.20
C MET D 50 23.78 52.98 -7.35
N VAL D 51 23.05 51.90 -7.09
CA VAL D 51 22.70 50.89 -8.09
C VAL D 51 21.19 50.91 -8.27
N VAL D 52 20.75 51.22 -9.49
CA VAL D 52 19.32 51.27 -9.81
C VAL D 52 18.93 49.99 -10.53
N LEU D 53 17.85 49.36 -10.06
CA LEU D 53 17.34 48.11 -10.62
C LEU D 53 15.94 48.33 -11.17
N LEU D 54 15.72 47.97 -12.43
CA LEU D 54 14.47 48.23 -13.13
C LEU D 54 13.86 46.91 -13.62
N HIS D 55 12.72 46.55 -13.05
CA HIS D 55 11.98 45.35 -13.46
C HIS D 55 11.34 45.55 -14.84
N GLY D 56 10.62 44.52 -15.30
CA GLY D 56 9.87 44.56 -16.54
C GLY D 56 8.43 44.12 -16.33
N TRP D 57 7.83 43.60 -17.41
CA TRP D 57 6.47 43.07 -17.42
C TRP D 57 6.48 41.56 -17.41
N PRO D 58 5.67 40.89 -16.57
CA PRO D 58 4.77 41.50 -15.57
C PRO D 58 5.36 41.46 -14.15
N GLN D 59 6.18 42.45 -13.78
CA GLN D 59 6.95 42.39 -12.54
C GLN D 59 6.81 43.68 -11.73
N THR D 60 7.41 43.64 -10.54
CA THR D 60 7.57 44.82 -9.68
C THR D 60 8.99 44.84 -9.15
N TRP D 61 9.30 45.76 -8.21
CA TRP D 61 10.61 45.74 -7.56
C TRP D 61 10.93 44.37 -6.99
N TYR D 62 9.89 43.61 -6.62
CA TYR D 62 10.02 42.35 -5.91
C TYR D 62 10.87 41.32 -6.63
N THR D 63 11.03 41.44 -7.96
CA THR D 63 11.83 40.46 -8.69
C THR D 63 13.31 40.50 -8.29
N TRP D 64 13.76 41.58 -7.68
CA TRP D 64 15.16 41.71 -7.28
C TRP D 64 15.42 41.27 -5.85
N ARG D 65 14.46 40.63 -5.19
CA ARG D 65 14.53 40.37 -3.75
C ARG D 65 15.77 39.56 -3.36
N HIS D 66 16.29 38.72 -4.26
CA HIS D 66 17.44 37.89 -3.94
C HIS D 66 18.77 38.52 -4.35
N VAL D 67 18.74 39.67 -5.01
CA VAL D 67 19.95 40.35 -5.45
C VAL D 67 20.28 41.54 -4.56
N MET D 68 19.24 42.24 -4.09
CA MET D 68 19.44 43.44 -3.30
C MET D 68 20.22 43.23 -2.01
N PRO D 69 20.06 42.13 -1.26
CA PRO D 69 20.90 41.97 -0.05
C PRO D 69 22.38 41.92 -0.36
N ALA D 70 22.79 41.09 -1.33
CA ALA D 70 24.20 40.95 -1.64
C ALA D 70 24.78 42.27 -2.15
N LEU D 71 24.02 43.00 -2.96
CA LEU D 71 24.48 44.29 -3.43
C LEU D 71 24.60 45.29 -2.27
N ALA D 72 23.65 45.25 -1.33
CA ALA D 72 23.70 46.18 -0.20
C ALA D 72 24.84 45.82 0.73
N GLU D 73 25.18 44.54 0.77
CA GLU D 73 26.24 43.98 1.65
C GLU D 73 27.59 44.49 1.29
N ASP D 74 27.71 45.01 0.08
CA ASP D 74 28.97 45.54 -0.36
C ASP D 74 29.01 47.00 -0.32
N GLY D 75 28.14 47.57 0.47
CA GLY D 75 28.11 48.98 0.70
C GLY D 75 27.46 49.83 -0.37
N TYR D 76 26.84 49.19 -1.34
CA TYR D 76 26.15 49.88 -2.41
C TYR D 76 24.84 50.45 -1.92
N ARG D 77 24.37 51.49 -2.59
CA ARG D 77 23.08 52.05 -2.29
C ARG D 77 22.17 51.46 -3.34
N VAL D 78 21.31 50.56 -2.88
CA VAL D 78 20.38 49.84 -3.75
C VAL D 78 19.01 50.50 -3.80
N VAL D 79 18.57 50.80 -5.02
CA VAL D 79 17.28 51.39 -5.25
C VAL D 79 16.55 50.58 -6.30
N ALA D 80 15.59 49.81 -5.88
CA ALA D 80 14.73 49.02 -6.76
C ALA D 80 13.43 49.78 -6.98
N VAL D 81 13.17 50.21 -8.21
CA VAL D 81 12.10 51.13 -8.51
C VAL D 81 10.93 50.40 -9.15
N ASP D 82 9.72 50.71 -8.68
CA ASP D 82 8.49 50.46 -9.44
C ASP D 82 8.35 51.61 -10.44
N TYR D 83 8.59 51.36 -11.72
CA TYR D 83 8.55 52.46 -12.67
C TYR D 83 7.11 52.94 -12.88
N ARG D 84 6.98 54.02 -13.67
CA ARG D 84 5.68 54.64 -13.92
C ARG D 84 4.64 53.60 -14.32
N GLY D 85 3.56 53.53 -13.54
CA GLY D 85 2.43 52.66 -13.83
C GLY D 85 2.45 51.29 -13.16
N ALA D 86 3.57 50.88 -12.57
CA ALA D 86 3.73 49.54 -12.03
C ALA D 86 3.76 49.54 -10.50
N GLY D 87 3.32 48.41 -9.93
CA GLY D 87 3.44 48.22 -8.50
C GLY D 87 2.67 49.26 -7.72
N GLU D 88 3.33 49.85 -6.72
CA GLU D 88 2.70 50.87 -5.90
C GLU D 88 2.91 52.28 -6.45
N SER D 89 3.49 52.41 -7.64
CA SER D 89 3.70 53.70 -8.25
C SER D 89 2.40 54.20 -8.90
N ASP D 90 2.35 55.50 -9.16
CA ASP D 90 1.19 56.09 -9.77
C ASP D 90 0.96 55.53 -11.17
N LYS D 91 -0.30 55.63 -11.63
CA LYS D 91 -0.71 55.16 -12.95
C LYS D 91 -1.30 56.35 -13.72
N PRO D 92 -0.44 57.25 -14.23
CA PRO D 92 -0.97 58.41 -14.96
C PRO D 92 -1.51 58.04 -16.33
N LEU D 93 -2.06 59.04 -17.01
CA LEU D 93 -2.67 58.87 -18.31
C LEU D 93 -1.65 58.46 -19.37
N GLY D 94 -0.48 59.11 -19.39
CA GLY D 94 0.50 58.85 -20.44
C GLY D 94 1.94 58.84 -19.97
N GLY D 95 2.89 59.02 -20.89
CA GLY D 95 4.29 58.99 -20.54
C GLY D 95 4.90 57.60 -20.49
N TYR D 96 4.37 56.66 -21.27
CA TYR D 96 4.81 55.28 -21.20
C TYR D 96 5.79 54.91 -22.31
N ASP D 97 6.20 55.87 -23.15
CA ASP D 97 7.36 55.65 -24.00
C ASP D 97 8.60 55.55 -23.12
N LYS D 98 9.53 54.68 -23.50
CA LYS D 98 10.62 54.33 -22.59
C LYS D 98 11.56 55.51 -22.37
N ALA D 99 11.72 56.37 -23.37
CA ALA D 99 12.59 57.54 -23.21
C ALA D 99 12.08 58.45 -22.11
N SER D 100 10.77 58.72 -22.10
CA SER D 100 10.22 59.55 -21.03
C SER D 100 10.24 58.84 -19.69
N MET D 101 10.03 57.51 -19.69
CA MET D 101 10.10 56.78 -18.42
C MET D 101 11.50 56.82 -17.85
N ALA D 102 12.52 56.85 -18.70
CA ALA D 102 13.89 57.03 -18.20
C ALA D 102 14.01 58.36 -17.46
N GLY D 103 13.36 59.41 -17.97
CA GLY D 103 13.36 60.69 -17.28
C GLY D 103 12.76 60.64 -15.89
N ASP D 104 11.71 59.83 -15.71
CA ASP D 104 11.15 59.64 -14.37
C ASP D 104 12.20 59.07 -13.42
N ILE D 105 12.92 58.03 -13.87
CA ILE D 105 13.93 57.42 -13.03
C ILE D 105 15.07 58.40 -12.78
N ARG D 106 15.43 59.17 -13.82
CA ARG D 106 16.48 60.15 -13.67
C ARG D 106 16.08 61.20 -12.65
N ALA D 107 14.83 61.67 -12.72
CA ALA D 107 14.35 62.63 -11.74
C ALA D 107 14.39 62.04 -10.34
N LEU D 108 14.12 60.74 -10.20
CA LEU D 108 14.14 60.12 -8.89
C LEU D 108 15.55 59.98 -8.32
N VAL D 109 16.54 59.64 -9.15
CA VAL D 109 17.90 59.53 -8.64
C VAL D 109 18.42 60.89 -8.19
N HIS D 110 18.12 61.96 -8.95
CA HIS D 110 18.56 63.28 -8.56
C HIS D 110 17.89 63.73 -7.27
N GLN D 111 16.63 63.36 -7.06
CA GLN D 111 15.94 63.76 -5.85
C GLN D 111 16.52 63.08 -4.62
N LEU D 112 17.22 61.98 -4.82
CA LEU D 112 17.79 61.28 -3.70
C LEU D 112 19.22 61.75 -3.43
N GLY D 113 19.70 62.67 -4.25
CA GLY D 113 21.03 63.23 -4.10
C GLY D 113 22.11 62.62 -4.95
N ALA D 114 21.80 61.64 -5.78
CA ALA D 114 22.81 61.02 -6.61
C ALA D 114 22.78 61.62 -8.01
N THR D 115 23.88 61.42 -8.72
CA THR D 115 23.98 61.82 -10.12
C THR D 115 24.62 60.74 -11.00
N ARG D 116 25.52 59.94 -10.42
CA ARG D 116 26.22 58.82 -11.11
C ARG D 116 25.65 57.53 -10.51
N ILE D 117 25.25 56.55 -11.33
CA ILE D 117 24.55 55.38 -10.83
C ILE D 117 25.01 54.20 -11.65
N HIS D 118 24.75 53.04 -11.07
CA HIS D 118 24.93 51.77 -11.71
C HIS D 118 23.49 51.43 -12.19
N LEU D 119 23.34 50.84 -13.36
CA LEU D 119 22.00 50.68 -13.90
C LEU D 119 21.82 49.24 -14.38
N VAL D 120 20.80 48.56 -13.85
CA VAL D 120 20.47 47.19 -14.23
C VAL D 120 18.99 47.14 -14.61
N GLY D 121 18.69 46.57 -15.77
CA GLY D 121 17.32 46.45 -16.21
C GLY D 121 17.07 45.16 -16.97
N ARG D 122 15.81 44.72 -16.94
CA ARG D 122 15.35 43.57 -17.71
C ARG D 122 13.96 43.85 -18.26
N SER D 123 13.63 43.16 -19.35
CA SER D 123 12.35 43.32 -20.07
C SER D 123 12.11 44.80 -20.31
N ILE D 124 10.95 45.36 -19.95
CA ILE D 124 10.67 46.78 -20.18
C ILE D 124 11.74 47.65 -19.51
N GLY D 125 12.22 47.22 -18.34
CA GLY D 125 13.19 48.01 -17.61
C GLY D 125 14.51 48.16 -18.33
N VAL D 126 14.88 47.17 -19.15
CA VAL D 126 16.12 47.31 -19.91
C VAL D 126 15.96 48.30 -21.05
N MET D 127 14.74 48.51 -21.53
CA MET D 127 14.49 49.55 -22.51
C MET D 127 14.55 50.93 -21.88
N VAL D 128 13.95 51.06 -20.69
CA VAL D 128 14.09 52.30 -19.91
C VAL D 128 15.55 52.54 -19.56
N ALA D 129 16.26 51.49 -19.13
CA ALA D 129 17.65 51.65 -18.76
C ALA D 129 18.51 52.06 -19.96
N TYR D 130 18.24 51.50 -21.12
CA TYR D 130 18.97 51.91 -22.31
C TYR D 130 18.68 53.35 -22.68
N ALA D 131 17.40 53.75 -22.63
CA ALA D 131 17.04 55.12 -22.94
C ALA D 131 17.69 56.11 -21.97
N TYR D 132 17.89 55.69 -20.72
CA TYR D 132 18.61 56.52 -19.76
C TYR D 132 20.06 56.73 -20.20
N ALA D 133 20.74 55.65 -20.55
CA ALA D 133 22.14 55.76 -20.98
C ALA D 133 22.25 56.47 -22.32
N ALA D 134 21.28 56.29 -23.22
CA ALA D 134 21.39 56.94 -24.52
C ALA D 134 21.21 58.44 -24.40
N GLN D 135 20.32 58.88 -23.52
CA GLN D 135 20.03 60.30 -23.39
C GLN D 135 21.03 61.03 -22.51
N TRP D 136 21.55 60.37 -21.48
CA TRP D 136 22.50 60.98 -20.54
C TRP D 136 23.64 60.02 -20.27
N PRO D 137 24.49 59.77 -21.27
CA PRO D 137 25.53 58.74 -21.11
C PRO D 137 26.53 59.03 -20.00
N THR D 138 26.87 60.29 -19.75
CA THR D 138 27.84 60.61 -18.71
C THR D 138 27.38 60.19 -17.32
N GLU D 139 26.06 60.08 -17.11
CA GLU D 139 25.50 59.81 -15.78
C GLU D 139 25.42 58.34 -15.42
N ILE D 140 25.67 57.43 -16.35
CA ILE D 140 25.59 55.99 -16.11
C ILE D 140 27.00 55.43 -16.05
N VAL D 141 27.45 55.01 -14.87
CA VAL D 141 28.79 54.42 -14.73
C VAL D 141 28.86 53.11 -15.50
N LYS D 142 27.96 52.20 -15.18
CA LYS D 142 27.89 50.92 -15.87
C LYS D 142 26.43 50.49 -16.06
N LEU D 143 26.21 49.70 -17.08
CA LEU D 143 24.87 49.27 -17.44
C LEU D 143 24.85 47.76 -17.66
N ALA D 144 23.91 47.09 -17.00
CA ALA D 144 23.70 45.66 -17.13
C ALA D 144 22.33 45.41 -17.74
N MET D 145 22.31 44.65 -18.83
CA MET D 145 21.11 44.43 -19.64
C MET D 145 20.74 42.94 -19.61
N LEU D 146 19.53 42.64 -19.17
CA LEU D 146 19.12 41.27 -18.89
C LEU D 146 17.96 40.81 -19.78
N ASP D 147 18.08 39.59 -20.32
CA ASP D 147 16.96 38.75 -20.73
C ASP D 147 16.24 39.14 -22.03
N VAL D 148 16.05 40.42 -22.29
CA VAL D 148 15.19 40.84 -23.40
C VAL D 148 15.92 41.85 -24.29
N PRO D 149 15.79 41.75 -25.60
CA PRO D 149 16.36 42.79 -26.48
C PRO D 149 15.52 44.06 -26.42
N VAL D 150 16.17 45.18 -26.75
CA VAL D 150 15.51 46.48 -26.71
C VAL D 150 15.00 46.81 -28.11
N PRO D 151 13.92 47.58 -28.23
CA PRO D 151 13.40 47.92 -29.57
C PRO D 151 14.44 48.64 -30.41
N GLY D 152 14.32 48.45 -31.72
CA GLY D 152 15.22 49.06 -32.68
C GLY D 152 16.36 48.16 -33.10
N THR D 153 16.75 47.23 -32.24
CA THR D 153 17.83 46.36 -32.64
C THR D 153 17.33 45.33 -33.64
N ARG D 154 18.28 44.65 -34.25
CA ARG D 154 17.99 43.65 -35.25
C ARG D 154 17.49 42.39 -34.59
N ILE D 155 18.00 42.05 -33.40
CA ILE D 155 17.39 40.91 -32.71
C ILE D 155 15.90 41.16 -32.50
N TRP D 156 15.53 42.39 -32.14
CA TRP D 156 14.13 42.75 -31.99
C TRP D 156 13.38 42.66 -33.30
N ASP D 157 13.98 43.17 -34.39
CA ASP D 157 13.28 43.20 -35.67
C ASP D 157 13.07 41.80 -36.23
N GLU D 158 13.95 40.84 -35.91
CA GLU D 158 13.76 39.51 -36.44
C GLU D 158 12.72 38.72 -35.67
N ALA D 159 12.56 39.00 -34.38
CA ALA D 159 11.45 38.43 -33.63
C ALA D 159 10.12 38.89 -34.21
N LYS D 160 10.05 40.14 -34.66
CA LYS D 160 8.81 40.66 -35.21
C LYS D 160 8.52 40.05 -36.57
N ALA D 161 9.53 39.96 -37.45
CA ALA D 161 9.29 39.46 -38.80
C ALA D 161 9.12 37.95 -38.83
N SER D 162 9.79 37.21 -37.95
CA SER D 162 9.62 35.76 -37.85
C SER D 162 8.27 35.37 -37.28
N ALA D 163 7.50 36.31 -36.73
CA ALA D 163 6.32 36.01 -35.92
C ALA D 163 6.66 35.05 -34.79
N ASP D 164 7.68 35.42 -34.03
CA ASP D 164 8.16 34.61 -32.91
C ASP D 164 7.02 34.31 -31.95
N PRO D 165 6.79 33.03 -31.60
CA PRO D 165 5.69 32.71 -30.69
C PRO D 165 5.78 33.37 -29.35
N GLN D 166 6.96 33.72 -28.87
CA GLN D 166 6.89 34.26 -27.51
C GLN D 166 6.58 35.73 -27.43
N ILE D 167 6.36 36.42 -28.54
CA ILE D 167 5.87 37.79 -28.47
C ILE D 167 4.46 37.78 -29.05
N TRP D 168 3.77 36.63 -28.93
CA TRP D 168 2.37 36.56 -29.33
C TRP D 168 1.55 37.63 -28.64
N HIS D 169 1.94 37.99 -27.42
CA HIS D 169 1.19 38.89 -26.54
C HIS D 169 1.34 40.36 -26.91
N PHE D 170 2.29 40.71 -27.78
CA PHE D 170 2.42 42.08 -28.23
C PHE D 170 1.12 42.57 -28.86
N GLY D 171 0.52 41.76 -29.74
CA GLY D 171 -0.73 42.15 -30.39
C GLY D 171 -1.86 42.38 -29.41
N LEU D 172 -2.13 41.41 -28.54
CA LEU D 172 -3.23 41.57 -27.57
C LEU D 172 -2.99 42.77 -26.67
N HIS D 173 -1.78 42.90 -26.12
CA HIS D 173 -1.54 44.02 -25.22
C HIS D 173 -1.73 45.35 -25.92
N GLN D 174 -1.59 45.39 -27.24
CA GLN D 174 -1.76 46.62 -28.00
C GLN D 174 -3.21 46.92 -28.33
N GLN D 175 -4.15 46.06 -27.95
CA GLN D 175 -5.57 46.35 -28.16
C GLN D 175 -6.08 47.15 -26.96
N ARG D 176 -6.17 48.46 -27.12
CA ARG D 176 -6.63 49.30 -26.02
C ARG D 176 -8.05 48.95 -25.64
N ASP D 177 -8.28 48.83 -24.33
CA ASP D 177 -9.56 48.48 -23.70
C ASP D 177 -9.90 47.00 -23.85
N ILE D 178 -9.62 46.40 -25.01
CA ILE D 178 -9.95 44.99 -25.22
C ILE D 178 -9.11 44.11 -24.27
N ALA D 179 -7.80 44.36 -24.20
CA ALA D 179 -6.94 43.57 -23.32
C ALA D 179 -7.36 43.70 -21.87
N GLU D 180 -7.66 44.91 -21.43
CA GLU D 180 -8.09 45.11 -20.05
C GLU D 180 -9.40 44.37 -19.78
N MET D 181 -10.35 44.44 -20.70
CA MET D 181 -11.64 43.79 -20.47
C MET D 181 -11.49 42.27 -20.39
N LEU D 182 -10.60 41.69 -21.21
CA LEU D 182 -10.43 40.23 -21.24
C LEU D 182 -9.70 39.73 -20.01
N ILE D 183 -8.68 40.44 -19.58
CA ILE D 183 -7.83 40.01 -18.49
C ILE D 183 -8.24 40.41 -17.08
N ALA D 184 -9.06 41.43 -16.95
CA ALA D 184 -9.48 41.83 -15.63
C ALA D 184 -10.23 40.72 -14.95
N GLY D 185 -9.81 40.42 -13.76
CA GLY D 185 -10.38 39.37 -12.96
C GLY D 185 -9.66 38.08 -13.18
N LYS D 186 -8.79 38.03 -14.14
CA LYS D 186 -8.04 36.82 -14.46
C LYS D 186 -6.55 37.08 -14.48
N GLU D 187 -6.10 38.08 -13.71
CA GLU D 187 -4.68 38.43 -13.70
C GLU D 187 -3.85 37.27 -13.18
N ARG D 188 -4.31 36.61 -12.12
CA ARG D 188 -3.52 35.50 -11.57
C ARG D 188 -3.41 34.36 -12.58
N ALA D 189 -4.53 33.96 -13.19
CA ALA D 189 -4.46 32.88 -14.17
C ALA D 189 -3.64 33.28 -15.38
N TYR D 190 -3.80 34.51 -15.85
CA TYR D 190 -3.07 34.96 -17.04
C TYR D 190 -1.57 35.08 -16.77
N ILE D 191 -1.20 35.67 -15.64
CA ILE D 191 0.21 35.98 -15.38
C ILE D 191 0.98 34.75 -14.91
N LEU D 192 0.36 33.88 -14.10
CA LEU D 192 1.05 32.65 -13.71
C LEU D 192 1.39 31.79 -14.93
N ASP D 193 0.46 31.69 -15.90
CA ASP D 193 0.76 30.90 -17.10
C ASP D 193 1.84 31.55 -17.96
N PHE D 194 1.72 32.86 -18.21
CA PHE D 194 2.75 33.58 -18.95
C PHE D 194 4.11 33.37 -18.32
N TYR D 195 4.19 33.34 -17.01
CA TYR D 195 5.45 33.14 -16.32
C TYR D 195 6.00 31.74 -16.39
N LYS D 196 5.17 30.75 -16.15
CA LYS D 196 5.70 29.39 -16.10
C LYS D 196 6.12 28.89 -17.47
N LYS D 197 5.49 29.40 -18.53
CA LYS D 197 5.88 28.99 -19.88
C LYS D 197 7.28 29.47 -20.23
N ARG D 198 7.79 30.49 -19.55
CA ARG D 198 9.09 31.07 -19.84
C ARG D 198 10.15 30.75 -18.80
N THR D 199 9.79 30.09 -17.72
CA THR D 199 10.78 29.70 -16.74
C THR D 199 11.35 28.33 -17.09
N HIS D 200 12.56 28.06 -16.56
CA HIS D 200 13.08 26.70 -16.54
C HIS D 200 13.29 26.18 -15.14
N VAL D 201 13.77 27.02 -14.23
CA VAL D 201 13.82 26.70 -12.80
C VAL D 201 12.42 26.83 -12.22
N ALA D 202 12.01 25.82 -11.44
CA ALA D 202 10.71 25.83 -10.81
C ALA D 202 10.62 26.94 -9.77
N LEU D 203 9.58 27.77 -9.88
CA LEU D 203 9.33 28.86 -8.95
C LEU D 203 8.06 28.62 -8.15
N SER D 204 7.95 29.34 -7.04
CA SER D 204 6.81 29.18 -6.15
C SER D 204 5.63 30.02 -6.63
N ASN D 205 4.44 29.43 -6.57
CA ASN D 205 3.22 30.15 -6.97
C ASN D 205 3.03 31.40 -6.11
N ASP D 206 3.42 31.32 -4.84
CA ASP D 206 3.29 32.48 -3.94
C ASP D 206 4.14 33.66 -4.40
N ASP D 207 5.28 33.39 -5.02
CA ASP D 207 6.11 34.49 -5.52
C ASP D 207 5.54 35.10 -6.79
N ILE D 208 5.12 34.26 -7.75
CA ILE D 208 4.53 34.79 -8.97
C ILE D 208 3.23 35.52 -8.64
N ALA D 209 2.52 35.06 -7.62
CA ALA D 209 1.27 35.70 -7.24
C ALA D 209 1.49 37.14 -6.77
N VAL D 210 2.67 37.45 -6.23
CA VAL D 210 2.95 38.82 -5.84
C VAL D 210 2.91 39.75 -7.04
N TYR D 211 3.52 39.33 -8.16
CA TYR D 211 3.41 40.13 -9.38
C TYR D 211 1.96 40.20 -9.86
N ALA D 212 1.28 39.05 -9.93
CA ALA D 212 -0.07 39.04 -10.49
C ALA D 212 -1.02 39.92 -9.67
N ASP D 213 -0.92 39.84 -8.35
CA ASP D 213 -1.82 40.67 -7.51
C ASP D 213 -1.57 42.16 -7.72
N ALA D 214 -0.33 42.55 -7.98
CA ALA D 214 -0.05 43.96 -8.25
C ALA D 214 -0.74 44.43 -9.53
N TYR D 215 -0.76 43.59 -10.56
CA TYR D 215 -1.35 43.99 -11.83
C TYR D 215 -2.87 43.93 -11.81
N ALA D 216 -3.47 43.38 -10.75
CA ALA D 216 -4.91 43.40 -10.56
C ALA D 216 -5.40 44.70 -9.95
N ALA D 217 -4.51 45.50 -9.40
CA ALA D 217 -4.91 46.75 -8.77
C ALA D 217 -5.44 47.72 -9.83
N PRO D 218 -6.28 48.67 -9.44
CA PRO D 218 -6.89 49.58 -10.41
C PRO D 218 -5.85 50.32 -11.24
N GLY D 219 -6.00 50.20 -12.57
CA GLY D 219 -5.13 50.85 -13.52
C GLY D 219 -3.88 50.10 -13.88
N ALA D 220 -3.51 49.04 -13.14
CA ALA D 220 -2.23 48.39 -13.41
C ALA D 220 -2.24 47.63 -14.72
N LEU D 221 -3.39 47.03 -15.08
CA LEU D 221 -3.49 46.40 -16.39
C LEU D 221 -3.33 47.44 -17.49
N ARG D 222 -4.09 48.53 -17.41
CA ARG D 222 -4.00 49.57 -18.43
C ARG D 222 -2.59 50.11 -18.55
N ALA D 223 -1.99 50.49 -17.42
CA ALA D 223 -0.68 51.16 -17.47
C ALA D 223 0.39 50.22 -18.01
N GLY D 224 0.39 48.96 -17.59
CA GLY D 224 1.34 48.02 -18.16
C GLY D 224 1.14 47.84 -19.65
N PHE D 225 -0.12 47.81 -20.10
CA PHE D 225 -0.36 47.60 -21.53
C PHE D 225 0.04 48.82 -22.35
N GLU D 226 -0.03 50.02 -21.77
CA GLU D 226 0.40 51.19 -22.51
C GLU D 226 1.90 51.15 -22.80
N LEU D 227 2.67 50.38 -22.03
CA LEU D 227 4.07 50.17 -22.39
C LEU D 227 4.17 49.49 -23.74
N TYR D 228 3.30 48.51 -24.01
CA TYR D 228 3.29 47.85 -25.31
C TYR D 228 2.69 48.73 -26.39
N ARG D 229 1.71 49.56 -26.03
CA ARG D 229 1.09 50.40 -27.03
C ARG D 229 2.02 51.51 -27.51
N ALA D 230 3.07 51.82 -26.74
CA ALA D 230 4.06 52.81 -27.13
C ALA D 230 5.22 52.21 -27.93
N PHE D 231 5.21 50.89 -28.15
CA PHE D 231 6.29 50.22 -28.88
C PHE D 231 6.63 50.85 -30.24
N PRO D 232 5.67 51.22 -31.10
CA PRO D 232 6.06 51.89 -32.36
C PRO D 232 6.84 53.18 -32.14
N GLN D 233 6.44 53.99 -31.15
CA GLN D 233 7.18 55.20 -30.85
C GLN D 233 8.57 54.88 -30.33
N ASP D 234 8.69 53.85 -29.49
CA ASP D 234 10.00 53.46 -28.98
C ASP D 234 10.91 53.03 -30.12
N GLU D 235 10.36 52.33 -31.11
CA GLU D 235 11.18 51.87 -32.22
C GLU D 235 11.82 53.04 -32.97
N THR D 236 11.01 54.02 -33.37
CA THR D 236 11.56 55.19 -34.05
C THR D 236 12.56 55.92 -33.16
N ARG D 237 12.22 56.12 -31.90
CA ARG D 237 13.10 56.86 -30.99
C ARG D 237 14.39 56.08 -30.73
N PHE D 238 14.29 54.75 -30.60
CA PHE D 238 15.47 53.95 -30.26
C PHE D 238 16.45 53.82 -31.43
N LYS D 239 15.94 53.69 -32.66
CA LYS D 239 16.82 53.64 -33.82
C LYS D 239 17.59 54.95 -33.98
N ALA D 240 16.98 56.07 -33.62
CA ALA D 240 17.72 57.33 -33.57
C ALA D 240 18.80 57.27 -32.49
N PHE D 241 18.49 56.67 -31.34
CA PHE D 241 19.48 56.55 -30.28
C PHE D 241 20.67 55.71 -30.73
N MET D 242 20.43 54.75 -31.62
CA MET D 242 21.45 53.79 -32.02
C MET D 242 22.37 54.29 -33.14
N LYS D 243 22.28 55.56 -33.53
CA LYS D 243 23.30 56.12 -34.40
C LYS D 243 24.50 56.62 -33.63
N HIS D 244 24.47 56.48 -32.32
CA HIS D 244 25.57 56.82 -31.46
C HIS D 244 25.70 55.71 -30.46
N LYS D 245 26.70 54.89 -30.63
CA LYS D 245 26.85 53.75 -29.74
C LYS D 245 27.27 54.18 -28.34
N LEU D 246 26.82 53.44 -27.34
CA LEU D 246 27.10 53.77 -25.97
C LEU D 246 28.55 53.62 -25.68
N PRO D 247 29.09 54.50 -24.84
CA PRO D 247 30.49 54.50 -24.51
C PRO D 247 30.82 53.93 -23.20
N MET D 248 29.86 53.47 -22.42
CA MET D 248 30.24 52.94 -21.15
C MET D 248 30.31 51.43 -21.21
N PRO D 249 30.70 50.81 -20.09
CA PRO D 249 30.82 49.38 -19.90
C PRO D 249 29.43 48.81 -19.84
N VAL D 250 29.16 47.82 -20.65
CA VAL D 250 27.83 47.22 -20.71
C VAL D 250 27.95 45.72 -20.47
N LEU D 251 27.05 45.19 -19.65
CA LEU D 251 26.99 43.76 -19.34
C LEU D 251 25.68 43.20 -19.89
N ALA D 252 25.77 42.09 -20.63
CA ALA D 252 24.61 41.45 -21.23
C ALA D 252 24.49 40.04 -20.68
N LEU D 253 23.31 39.71 -20.12
CA LEU D 253 23.10 38.40 -19.51
C LEU D 253 21.70 37.89 -19.89
N ALA D 254 21.60 36.57 -20.09
CA ALA D 254 20.32 35.92 -20.35
C ALA D 254 20.47 34.41 -20.15
N GLY D 255 19.34 33.74 -19.93
CA GLY D 255 19.37 32.31 -19.70
C GLY D 255 19.42 31.50 -20.99
N ASP D 256 20.05 30.32 -20.90
CA ASP D 256 20.26 29.47 -22.07
C ASP D 256 18.96 28.85 -22.61
N LYS D 257 17.93 28.77 -21.79
CA LYS D 257 16.66 28.22 -22.26
C LYS D 257 15.73 29.30 -22.80
N SER D 258 16.22 30.54 -22.89
CA SER D 258 15.42 31.61 -23.46
C SER D 258 16.21 32.37 -24.51
N ASN D 259 16.57 33.63 -24.25
CA ASN D 259 17.23 34.38 -25.29
C ASN D 259 18.73 34.05 -25.37
N GLY D 260 19.33 33.67 -24.24
CA GLY D 260 20.70 33.17 -24.25
C GLY D 260 21.68 34.16 -24.85
N ALA D 261 22.48 33.66 -25.79
CA ALA D 261 23.55 34.45 -26.39
C ALA D 261 23.03 35.60 -27.25
N LYS D 262 21.75 35.59 -27.64
CA LYS D 262 21.27 36.69 -28.47
C LYS D 262 21.13 37.99 -27.67
N GLU D 263 21.15 37.93 -26.33
CA GLU D 263 21.20 39.15 -25.53
C GLU D 263 22.53 39.87 -25.67
N LEU D 264 23.63 39.12 -25.85
CA LEU D 264 24.92 39.75 -26.08
C LEU D 264 25.02 40.29 -27.50
N ASP D 265 24.44 39.57 -28.48
CA ASP D 265 24.36 40.10 -29.84
C ASP D 265 23.61 41.42 -29.88
N MET D 266 22.49 41.50 -29.14
CA MET D 266 21.72 42.73 -29.08
C MET D 266 22.54 43.87 -28.49
N ALA D 267 23.33 43.57 -27.46
CA ALA D 267 24.11 44.60 -26.80
C ALA D 267 25.21 45.15 -27.70
N ARG D 268 25.75 44.33 -28.60
CA ARG D 268 26.86 44.77 -29.45
C ARG D 268 26.41 45.73 -30.54
N GLU D 269 25.11 45.80 -30.83
CA GLU D 269 24.62 46.84 -31.71
C GLU D 269 24.42 48.16 -31.00
N LEU D 270 24.48 48.18 -29.67
CA LEU D 270 24.19 49.38 -28.90
C LEU D 270 25.40 49.99 -28.24
N ALA D 271 26.46 49.21 -28.02
CA ALA D 271 27.59 49.72 -27.26
C ALA D 271 28.89 49.12 -27.79
N LEU D 272 29.97 49.86 -27.57
CA LEU D 272 31.29 49.43 -27.99
C LEU D 272 31.98 48.54 -26.97
N ASP D 273 31.76 48.79 -25.68
CA ASP D 273 32.44 48.05 -24.61
C ASP D 273 31.41 47.15 -23.92
N VAL D 274 31.27 45.92 -24.42
CA VAL D 274 30.28 44.98 -23.93
C VAL D 274 30.95 43.64 -23.64
N ARG D 275 30.52 43.01 -22.56
CA ARG D 275 30.96 41.68 -22.17
C ARG D 275 29.73 40.94 -21.64
N GLY D 276 29.71 39.61 -21.81
CA GLY D 276 28.52 38.88 -21.46
C GLY D 276 28.76 37.46 -21.01
N ALA D 277 27.67 36.86 -20.52
CA ALA D 277 27.64 35.47 -20.09
C ALA D 277 26.22 34.94 -20.28
N VAL D 278 26.10 33.62 -20.33
CA VAL D 278 24.81 32.95 -20.47
C VAL D 278 24.61 32.07 -19.24
N ALA D 279 23.49 32.27 -18.55
CA ALA D 279 23.25 31.51 -17.32
C ALA D 279 22.84 30.09 -17.67
N PRO D 280 23.49 29.08 -17.10
CA PRO D 280 23.15 27.69 -17.45
C PRO D 280 21.85 27.25 -16.80
N ASN D 281 21.08 26.46 -17.54
CA ASN D 281 19.80 25.92 -17.07
C ASN D 281 18.92 27.00 -16.47
N THR D 282 18.71 28.07 -17.23
CA THR D 282 17.96 29.23 -16.77
C THR D 282 17.01 29.68 -17.87
N GLY D 283 15.80 30.03 -17.48
CA GLY D 283 14.84 30.52 -18.45
C GLY D 283 14.88 32.02 -18.63
N HIS D 284 13.70 32.62 -18.79
CA HIS D 284 13.55 34.02 -19.17
C HIS D 284 13.72 34.98 -17.99
N TRP D 285 13.54 34.51 -16.76
CA TRP D 285 13.47 35.37 -15.58
C TRP D 285 14.73 35.21 -14.74
N LEU D 286 15.80 35.87 -15.17
CA LEU D 286 17.10 35.72 -14.51
C LEU D 286 17.06 36.03 -13.01
N PRO D 287 16.52 37.16 -12.55
CA PRO D 287 16.50 37.42 -11.11
C PRO D 287 15.70 36.42 -10.28
N ASP D 288 14.62 35.86 -10.83
CA ASP D 288 13.81 34.89 -10.09
C ASP D 288 14.45 33.51 -10.07
N GLU D 289 15.02 33.09 -11.21
CA GLU D 289 15.45 31.72 -11.43
C GLU D 289 16.86 31.44 -10.95
N ASN D 290 17.79 32.34 -11.23
CA ASN D 290 19.21 32.15 -10.92
C ASN D 290 19.79 33.45 -10.38
N PRO D 291 19.36 33.88 -9.18
CA PRO D 291 19.94 35.09 -8.60
C PRO D 291 21.39 34.95 -8.19
N ALA D 292 21.84 33.73 -7.87
CA ALA D 292 23.24 33.50 -7.54
C ALA D 292 24.14 33.80 -8.74
N PHE D 293 23.77 33.30 -9.91
CA PHE D 293 24.53 33.61 -11.13
C PHE D 293 24.50 35.12 -11.41
N LEU D 294 23.33 35.74 -11.26
CA LEU D 294 23.20 37.16 -11.57
C LEU D 294 24.01 38.02 -10.62
N THR D 295 23.94 37.73 -9.32
CA THR D 295 24.64 38.54 -8.34
C THR D 295 26.14 38.55 -8.61
N ARG D 296 26.70 37.38 -8.90
CA ARG D 296 28.11 37.30 -9.25
C ARG D 296 28.46 38.05 -10.53
N GLN D 297 27.67 37.88 -11.60
CA GLN D 297 28.02 38.61 -12.81
C GLN D 297 27.99 40.12 -12.55
N LEU D 298 27.04 40.58 -11.72
CA LEU D 298 26.95 42.01 -11.43
C LEU D 298 28.07 42.50 -10.52
N LEU D 299 28.41 41.71 -9.50
CA LEU D 299 29.50 42.14 -8.62
C LEU D 299 30.81 42.18 -9.39
N ASP D 300 31.11 41.15 -10.19
CA ASP D 300 32.32 41.17 -11.00
C ASP D 300 32.31 42.33 -11.98
N PHE D 301 31.13 42.62 -12.54
CA PHE D 301 31.02 43.75 -13.46
C PHE D 301 31.24 45.06 -12.72
N PHE D 302 30.82 45.14 -11.46
CA PHE D 302 30.90 46.38 -10.70
C PHE D 302 32.24 46.55 -9.99
N ARG D 303 33.14 45.63 -10.18
CA ARG D 303 34.42 45.77 -9.57
C ARG D 303 35.48 46.10 -10.57
N GLU D 304 35.28 45.78 -11.85
CA GLU D 304 36.24 45.97 -12.93
C GLU D 304 36.19 47.39 -13.48
N PRO E 11 19.53 29.51 49.72
CA PRO E 11 20.80 30.12 50.16
C PRO E 11 21.69 29.11 50.89
N GLY E 12 23.01 29.29 50.82
CA GLY E 12 23.95 28.37 51.41
C GLY E 12 25.21 28.17 50.58
N MET E 13 26.36 28.01 51.23
CA MET E 13 27.61 27.74 50.51
C MET E 13 27.67 26.27 50.08
N PRO E 14 28.41 25.99 49.01
CA PRO E 14 28.51 24.60 48.52
C PRO E 14 29.01 23.64 49.60
N ALA E 15 28.35 22.50 49.71
CA ALA E 15 28.67 21.46 50.68
C ALA E 15 29.30 20.28 49.96
N PRO E 16 30.61 20.09 50.05
CA PRO E 16 31.25 19.01 49.30
C PRO E 16 31.01 17.64 49.90
N GLY E 17 31.24 16.61 49.08
CA GLY E 17 31.23 15.25 49.55
C GLY E 17 29.91 14.56 49.28
N LEU E 18 29.86 13.31 49.71
CA LEU E 18 28.64 12.53 49.59
C LEU E 18 27.55 13.09 50.50
N PRO E 19 26.28 12.93 50.12
CA PRO E 19 25.19 13.37 51.00
C PRO E 19 25.17 12.56 52.30
N ALA E 20 24.58 13.15 53.32
CA ALA E 20 24.56 12.50 54.63
C ALA E 20 23.92 11.12 54.55
N GLY E 21 24.58 10.13 55.14
CA GLY E 21 24.04 8.78 55.17
C GLY E 21 24.29 7.94 53.93
N PHE E 22 24.82 8.55 52.87
CA PHE E 22 25.17 7.82 51.66
C PHE E 22 26.03 6.60 51.98
N GLU E 23 27.00 6.74 52.85
CA GLU E 23 27.92 5.66 53.06
C GLU E 23 27.29 4.42 53.49
N ARG E 24 26.26 4.59 54.28
CA ARG E 24 25.54 3.49 54.86
C ARG E 24 24.72 2.63 53.89
N ARG E 25 24.14 3.25 52.88
CA ARG E 25 23.30 2.52 51.96
C ARG E 25 23.94 2.01 50.69
N PHE E 26 24.68 2.87 49.99
CA PHE E 26 25.36 2.49 48.75
C PHE E 26 26.70 1.75 48.87
N SER E 27 27.07 0.99 47.83
CA SER E 27 28.33 0.26 47.82
C SER E 27 29.13 0.29 46.53
N ARG E 28 30.41 0.05 46.66
CA ARG E 28 31.37 -0.02 45.58
C ARG E 28 31.56 -1.47 45.28
N ARG E 29 31.33 -1.80 44.02
CA ARG E 29 31.48 -3.16 43.56
C ARG E 29 32.18 -3.28 42.20
N TYR E 30 32.76 -4.44 41.96
CA TYR E 30 33.44 -4.73 40.70
C TYR E 30 32.81 -5.91 39.96
N ALA E 31 32.68 -5.82 38.64
CA ALA E 31 32.16 -6.92 37.81
C ALA E 31 33.12 -7.42 36.73
N GLN E 32 33.53 -8.69 36.74
CA GLN E 32 34.41 -9.18 35.67
C GLN E 32 33.62 -9.63 34.44
N LEU E 33 33.88 -8.99 33.32
CA LEU E 33 33.30 -9.33 32.05
C LEU E 33 34.29 -10.17 31.27
N ASP E 34 34.17 -10.27 29.97
CA ASP E 34 35.07 -11.18 29.25
C ASP E 34 36.54 -10.85 29.33
N ASP E 35 36.90 -9.59 29.21
CA ASP E 35 38.31 -9.21 29.37
C ASP E 35 38.43 -8.00 30.28
N VAL E 36 37.34 -7.25 30.38
CA VAL E 36 37.23 -6.01 31.12
C VAL E 36 36.51 -6.03 32.46
N ARG E 37 37.09 -5.38 33.46
CA ARG E 37 36.46 -5.28 34.77
C ARG E 37 35.88 -3.89 34.91
N LEU E 38 34.60 -3.83 35.26
CA LEU E 38 33.91 -2.57 35.43
C LEU E 38 33.62 -2.36 36.91
N HIS E 39 33.79 -1.12 37.35
CA HIS E 39 33.50 -0.69 38.70
C HIS E 39 32.15 0.02 38.72
N TYR E 40 31.37 -0.21 39.77
CA TYR E 40 30.06 0.42 39.85
C TYR E 40 29.64 0.59 41.30
N VAL E 41 28.69 1.48 41.51
CA VAL E 41 28.11 1.71 42.83
C VAL E 41 26.64 1.34 42.78
N THR E 42 26.22 0.46 43.70
CA THR E 42 24.88 -0.14 43.62
C THR E 42 24.24 -0.14 44.99
N GLY E 43 22.97 0.22 45.06
CA GLY E 43 22.24 0.27 46.31
C GLY E 43 20.77 0.09 46.06
N GLY E 44 19.95 0.20 47.09
CA GLY E 44 18.53 -0.01 46.95
C GLY E 44 18.21 -1.47 47.11
N PRO E 45 16.95 -1.82 46.95
CA PRO E 45 16.51 -3.21 47.10
C PRO E 45 16.93 -4.08 45.94
N ASP E 46 17.44 -5.26 46.24
CA ASP E 46 17.92 -6.16 45.23
C ASP E 46 16.91 -6.65 44.21
N ASP E 47 15.63 -6.62 44.54
CA ASP E 47 14.60 -7.07 43.62
C ASP E 47 13.96 -5.92 42.85
N GLY E 48 14.30 -4.67 43.18
CA GLY E 48 13.61 -3.54 42.60
C GLY E 48 13.99 -3.33 41.15
N GLU E 49 13.20 -2.50 40.46
CA GLU E 49 13.50 -2.17 39.09
C GLU E 49 14.86 -1.47 39.01
N MET E 50 15.72 -1.98 38.14
CA MET E 50 17.09 -1.49 38.08
C MET E 50 17.16 -0.20 37.28
N VAL E 51 17.83 0.80 37.84
CA VAL E 51 18.09 2.07 37.17
C VAL E 51 19.60 2.16 36.99
N VAL E 52 20.04 2.18 35.73
CA VAL E 52 21.45 2.32 35.39
C VAL E 52 21.71 3.76 35.01
N LEU E 53 22.74 4.35 35.63
CA LEU E 53 23.12 5.74 35.41
C LEU E 53 24.53 5.80 34.82
N LEU E 54 24.69 6.56 33.75
CA LEU E 54 25.94 6.62 33.01
C LEU E 54 26.45 8.07 32.97
N HIS E 55 27.61 8.30 33.58
CA HIS E 55 28.28 9.61 33.58
C HIS E 55 28.90 9.89 32.21
N GLY E 56 29.57 11.04 32.10
CA GLY E 56 30.30 11.44 30.92
C GLY E 56 31.73 11.85 31.24
N TRP E 57 32.27 12.73 30.37
CA TRP E 57 33.62 13.28 30.51
C TRP E 57 33.54 14.71 31.02
N PRO E 58 34.36 15.09 32.02
CA PRO E 58 35.30 14.23 32.73
C PRO E 58 34.76 13.79 34.09
N GLN E 59 33.98 12.72 34.12
CA GLN E 59 33.24 12.37 35.32
C GLN E 59 33.48 10.91 35.69
N THR E 60 32.92 10.54 36.84
CA THR E 60 32.83 9.15 37.29
C THR E 60 31.41 8.91 37.81
N TRP E 61 31.18 7.74 38.40
CA TRP E 61 29.88 7.49 39.05
C TRP E 61 29.50 8.57 40.03
N TYR E 62 30.51 9.23 40.63
CA TYR E 62 30.33 10.18 41.72
C TYR E 62 29.40 11.33 41.36
N THR E 63 29.21 11.61 40.08
CA THR E 63 28.36 12.73 39.70
C THR E 63 26.90 12.47 40.05
N TRP E 64 26.50 11.21 40.29
CA TRP E 64 25.13 10.85 40.65
C TRP E 64 24.92 10.80 42.16
N ARG E 65 25.87 11.33 42.95
CA ARG E 65 25.86 11.15 44.41
C ARG E 65 24.60 11.72 45.06
N HIS E 66 24.02 12.79 44.50
CA HIS E 66 22.84 13.41 45.07
C HIS E 66 21.54 12.92 44.44
N VAL E 67 21.61 12.07 43.42
CA VAL E 67 20.42 11.53 42.78
C VAL E 67 20.17 10.09 43.22
N MET E 68 21.23 9.37 43.48
CA MET E 68 21.11 8.00 43.88
C MET E 68 20.32 7.74 45.14
N PRO E 69 20.45 8.56 46.17
CA PRO E 69 19.66 8.28 47.37
C PRO E 69 18.15 8.36 47.13
N ALA E 70 17.72 9.38 46.43
CA ALA E 70 16.33 9.55 46.17
C ALA E 70 15.77 8.48 45.26
N LEU E 71 16.56 8.02 44.30
CA LEU E 71 16.05 6.98 43.42
C LEU E 71 15.84 5.74 44.24
N ALA E 72 16.77 5.47 45.12
CA ALA E 72 16.65 4.30 45.93
C ALA E 72 15.64 4.48 47.02
N GLU E 73 15.23 5.70 47.27
CA GLU E 73 14.28 5.91 48.33
C GLU E 73 12.88 5.88 47.80
N ASP E 74 12.76 5.50 46.55
CA ASP E 74 11.48 5.30 45.93
C ASP E 74 11.41 3.85 45.49
N GLY E 75 12.30 2.99 46.00
CA GLY E 75 12.39 1.58 45.73
C GLY E 75 13.23 0.97 44.62
N TYR E 76 13.85 1.79 43.79
CA TYR E 76 14.67 1.28 42.69
C TYR E 76 16.03 0.69 43.04
N ARG E 77 16.51 -0.21 42.21
CA ARG E 77 17.84 -0.80 42.36
C ARG E 77 18.82 0.05 41.56
N VAL E 78 19.57 0.89 42.27
CA VAL E 78 20.45 1.89 41.67
C VAL E 78 21.76 1.26 41.26
N VAL E 79 22.18 1.52 40.02
CA VAL E 79 23.46 1.03 39.50
C VAL E 79 24.15 2.20 38.79
N ALA E 80 25.16 2.79 39.45
CA ALA E 80 25.98 3.86 38.87
C ALA E 80 27.32 3.26 38.43
N VAL E 81 27.58 3.29 37.12
CA VAL E 81 28.69 2.55 36.52
C VAL E 81 29.79 3.52 36.13
N ASP E 82 31.04 3.17 36.46
CA ASP E 82 32.20 3.73 35.79
C ASP E 82 32.38 2.96 34.48
N TYR E 83 32.07 3.58 33.35
CA TYR E 83 32.15 2.81 32.11
C TYR E 83 33.62 2.53 31.76
N ARG E 84 33.80 1.74 30.70
CA ARG E 84 35.12 1.31 30.25
C ARG E 84 36.10 2.48 30.18
N GLY E 85 37.22 2.35 30.90
CA GLY E 85 38.28 3.34 30.87
C GLY E 85 38.21 4.44 31.92
N ALA E 86 37.08 4.55 32.65
CA ALA E 86 36.87 5.63 33.59
C ALA E 86 36.89 5.15 35.04
N GLY E 87 37.26 6.07 35.94
CA GLY E 87 37.17 5.80 37.37
C GLY E 87 38.00 4.60 37.76
N GLU E 88 37.40 3.72 38.56
CA GLU E 88 38.07 2.50 38.98
C GLU E 88 37.88 1.36 37.97
N SER E 89 37.27 1.63 36.82
CA SER E 89 37.12 0.56 35.84
C SER E 89 38.40 0.38 35.02
N ASP E 90 38.53 -0.79 34.41
CA ASP E 90 39.70 -1.11 33.60
C ASP E 90 39.83 -0.14 32.44
N LYS E 91 41.05 -0.03 31.92
CA LYS E 91 41.40 0.87 30.82
C LYS E 91 42.01 0.03 29.69
N PRO E 92 41.17 -0.69 28.93
CA PRO E 92 41.73 -1.55 27.88
C PRO E 92 42.28 -0.75 26.72
N LEU E 93 42.89 -1.45 25.76
CA LEU E 93 43.51 -0.78 24.63
C LEU E 93 42.48 -0.03 23.79
N GLY E 94 41.36 -0.67 23.50
CA GLY E 94 40.35 -0.11 22.62
C GLY E 94 38.94 -0.38 23.08
N GLY E 95 38.00 -0.34 22.14
CA GLY E 95 36.60 -0.56 22.44
C GLY E 95 35.87 0.65 22.96
N TYR E 96 36.30 1.85 22.58
CA TYR E 96 35.72 3.07 23.13
C TYR E 96 34.68 3.70 22.21
N ASP E 97 34.35 3.04 21.10
CA ASP E 97 33.16 3.41 20.36
C ASP E 97 31.94 3.13 21.23
N LYS E 98 30.92 3.99 21.13
CA LYS E 98 29.85 3.96 22.11
C LYS E 98 28.99 2.70 21.99
N ALA E 99 28.84 2.14 20.79
CA ALA E 99 28.03 0.93 20.64
C ALA E 99 28.62 -0.24 21.42
N SER E 100 29.94 -0.43 21.32
CA SER E 100 30.56 -1.53 22.06
C SER E 100 30.55 -1.27 23.56
N MET E 101 30.72 -0.01 23.98
CA MET E 101 30.63 0.30 25.41
C MET E 101 29.23 0.02 25.95
N ALA E 102 28.19 0.21 25.12
CA ALA E 102 26.86 -0.22 25.52
C ALA E 102 26.80 -1.71 25.77
N GLY E 103 27.52 -2.49 24.96
CA GLY E 103 27.60 -3.93 25.22
C GLY E 103 28.23 -4.26 26.55
N ASP E 104 29.24 -3.48 26.96
CA ASP E 104 29.82 -3.66 28.28
C ASP E 104 28.78 -3.48 29.37
N ILE E 105 27.99 -2.41 29.27
CA ILE E 105 26.98 -2.12 30.28
C ILE E 105 25.91 -3.20 30.27
N ARG E 106 25.55 -3.68 29.09
CA ARG E 106 24.53 -4.72 29.00
C ARG E 106 25.03 -6.00 29.66
N ALA E 107 26.27 -6.31 29.43
CA ALA E 107 26.83 -7.45 30.05
C ALA E 107 26.85 -7.35 31.57
N LEU E 108 27.11 -6.16 32.10
CA LEU E 108 27.12 -5.97 33.53
C LEU E 108 25.75 -6.22 34.10
N VAL E 109 24.79 -5.62 33.43
CA VAL E 109 23.43 -5.73 33.81
C VAL E 109 22.99 -7.17 33.82
N HIS E 110 23.28 -7.91 32.77
CA HIS E 110 22.91 -9.31 32.74
C HIS E 110 23.58 -10.10 33.86
N GLN E 111 24.83 -9.74 34.19
CA GLN E 111 25.52 -10.45 35.26
C GLN E 111 24.90 -10.17 36.63
N LEU E 112 24.22 -9.04 36.77
CA LEU E 112 23.52 -8.69 38.00
C LEU E 112 22.11 -9.24 38.04
N GLY E 113 21.72 -10.09 37.08
CA GLY E 113 20.44 -10.77 37.10
C GLY E 113 19.28 -10.05 36.44
N ALA E 114 19.50 -8.89 35.82
CA ALA E 114 18.42 -8.12 35.24
C ALA E 114 18.28 -8.37 33.74
N THR E 115 17.11 -7.98 33.21
CA THR E 115 16.86 -8.07 31.78
C THR E 115 16.32 -6.79 31.16
N ARG E 116 15.48 -6.04 31.87
CA ARG E 116 14.99 -4.74 31.43
C ARG E 116 15.40 -3.70 32.46
N ILE E 117 15.74 -2.50 32.00
CA ILE E 117 16.33 -1.48 32.88
C ILE E 117 15.80 -0.11 32.49
N HIS E 118 15.74 0.78 33.47
CA HIS E 118 15.64 2.21 33.19
C HIS E 118 17.06 2.73 33.03
N LEU E 119 17.24 3.70 32.14
CA LEU E 119 18.56 4.11 31.71
C LEU E 119 18.67 5.62 31.72
N VAL E 120 19.67 6.15 32.42
CA VAL E 120 19.96 7.57 32.45
C VAL E 120 21.43 7.77 32.06
N GLY E 121 21.67 8.70 31.15
CA GLY E 121 23.01 9.00 30.72
C GLY E 121 23.16 10.48 30.45
N ARG E 122 24.41 10.96 30.59
CA ARG E 122 24.77 12.33 30.25
C ARG E 122 26.13 12.34 29.56
N SER E 123 26.36 13.36 28.74
CA SER E 123 27.61 13.57 27.97
C SER E 123 27.95 12.25 27.26
N ILE E 124 29.16 11.71 27.41
CA ILE E 124 29.51 10.46 26.75
C ILE E 124 28.54 9.36 27.16
N GLY E 125 28.06 9.38 28.40
CA GLY E 125 27.16 8.34 28.86
C GLY E 125 25.82 8.30 28.15
N VAL E 126 25.33 9.46 27.71
CA VAL E 126 24.07 9.45 26.99
C VAL E 126 24.23 8.90 25.58
N MET E 127 25.45 8.92 25.03
CA MET E 127 25.70 8.25 23.75
C MET E 127 25.72 6.74 23.92
N VAL E 128 26.39 6.27 24.98
CA VAL E 128 26.34 4.85 25.32
C VAL E 128 24.91 4.40 25.59
N ALA E 129 24.14 5.21 26.33
CA ALA E 129 22.76 4.85 26.64
C ALA E 129 21.92 4.77 25.37
N TYR E 130 22.13 5.70 24.44
CA TYR E 130 21.39 5.64 23.19
C TYR E 130 21.77 4.39 22.39
N ALA E 131 23.07 4.10 22.31
CA ALA E 131 23.52 2.89 21.61
C ALA E 131 22.98 1.63 22.26
N TYR E 132 22.77 1.67 23.59
CA TYR E 132 22.11 0.59 24.29
C TYR E 132 20.66 0.44 23.83
N ALA E 133 19.93 1.56 23.81
CA ALA E 133 18.54 1.52 23.41
C ALA E 133 18.37 1.18 21.94
N ALA E 134 19.30 1.62 21.08
CA ALA E 134 19.18 1.35 19.66
C ALA E 134 19.46 -0.12 19.33
N GLN E 135 20.39 -0.75 20.05
CA GLN E 135 20.75 -2.13 19.74
C GLN E 135 19.83 -3.15 20.38
N TRP E 136 19.30 -2.86 21.57
CA TRP E 136 18.41 -3.77 22.30
C TRP E 136 17.22 -2.99 22.83
N PRO E 137 16.35 -2.50 21.93
CA PRO E 137 15.27 -1.61 22.38
C PRO E 137 14.29 -2.25 23.34
N THR E 138 14.06 -3.56 23.23
CA THR E 138 13.14 -4.23 24.16
C THR E 138 13.68 -4.22 25.58
N GLU E 139 15.00 -4.11 25.76
CA GLU E 139 15.62 -4.18 27.08
C GLU E 139 15.63 -2.84 27.82
N ILE E 140 15.28 -1.74 27.15
CA ILE E 140 15.24 -0.43 27.80
C ILE E 140 13.77 -0.04 28.01
N VAL E 141 13.32 -0.06 29.26
CA VAL E 141 11.96 0.35 29.60
C VAL E 141 11.79 1.85 29.37
N LYS E 142 12.66 2.65 29.97
CA LYS E 142 12.62 4.11 29.83
C LYS E 142 14.04 4.64 29.73
N LEU E 143 14.19 5.75 29.01
CA LEU E 143 15.50 6.33 28.76
C LEU E 143 15.47 7.82 29.03
N ALA E 144 16.43 8.29 29.82
CA ALA E 144 16.56 9.70 30.16
C ALA E 144 17.84 10.27 29.59
N MET E 145 17.73 11.36 28.83
CA MET E 145 18.85 11.94 28.11
C MET E 145 19.16 13.33 28.67
N LEU E 146 20.39 13.52 29.15
CA LEU E 146 20.77 14.72 29.89
C LEU E 146 21.90 15.47 29.18
N ASP E 147 21.73 16.79 29.06
CA ASP E 147 22.80 17.77 28.90
C ASP E 147 23.45 17.82 27.52
N VAL E 148 23.73 16.68 26.88
CA VAL E 148 24.56 16.68 25.68
C VAL E 148 23.87 16.00 24.50
N PRO E 149 23.98 16.55 23.30
CA PRO E 149 23.43 15.86 22.12
C PRO E 149 24.30 14.68 21.72
N VAL E 150 23.68 13.71 21.05
CA VAL E 150 24.40 12.50 20.66
C VAL E 150 24.86 12.65 19.22
N PRO E 151 25.94 11.98 18.83
CA PRO E 151 26.38 12.05 17.44
C PRO E 151 25.28 11.55 16.51
N GLY E 152 25.24 12.08 15.30
CA GLY E 152 24.24 11.74 14.32
C GLY E 152 23.06 12.69 14.29
N THR E 153 22.78 13.36 15.40
CA THR E 153 21.68 14.30 15.42
C THR E 153 22.09 15.57 14.69
N ARG E 154 21.07 16.37 14.38
CA ARG E 154 21.25 17.62 13.66
C ARG E 154 21.94 18.64 14.56
N ILE E 155 21.53 18.67 15.82
CA ILE E 155 22.14 19.60 16.76
C ILE E 155 23.64 19.34 16.83
N TRP E 156 24.03 18.06 16.82
CA TRP E 156 25.43 17.69 16.81
C TRP E 156 26.12 18.19 15.55
N ASP E 157 25.49 18.03 14.39
CA ASP E 157 26.18 18.40 13.15
C ASP E 157 26.41 19.90 13.03
N GLU E 158 25.51 20.65 13.66
CA GLU E 158 25.51 22.10 13.69
C GLU E 158 26.58 22.64 14.62
N ALA E 159 26.70 22.06 15.81
CA ALA E 159 27.75 22.49 16.73
C ALA E 159 29.10 22.36 16.03
N LYS E 160 29.26 21.30 15.24
CA LYS E 160 30.47 21.02 14.49
C LYS E 160 30.65 21.98 13.30
N ALA E 161 29.58 22.21 12.53
CA ALA E 161 29.68 23.04 11.33
C ALA E 161 29.78 24.53 11.65
N SER E 162 29.16 24.97 12.75
CA SER E 162 29.26 26.34 13.25
C SER E 162 30.62 26.65 13.89
N ALA E 163 31.46 25.63 14.10
CA ALA E 163 32.64 25.75 14.95
C ALA E 163 32.28 26.31 16.33
N ASP E 164 31.35 25.63 17.00
CA ASP E 164 30.88 26.04 18.31
C ASP E 164 32.05 26.15 19.28
N PRO E 165 32.23 27.30 19.95
CA PRO E 165 33.34 27.42 20.90
C PRO E 165 33.31 26.40 22.04
N GLN E 166 32.14 25.89 22.39
CA GLN E 166 32.01 24.92 23.47
C GLN E 166 32.62 23.54 23.17
N ILE E 167 33.01 23.29 21.92
CA ILE E 167 33.58 21.99 21.60
C ILE E 167 34.98 22.20 21.06
N TRP E 168 35.63 23.29 21.49
CA TRP E 168 37.01 23.56 21.09
C TRP E 168 37.91 22.36 21.40
N HIS E 169 37.59 21.62 22.46
CA HIS E 169 38.45 20.54 22.92
C HIS E 169 38.31 19.26 22.10
N PHE E 170 37.29 19.15 21.25
CA PHE E 170 37.16 17.94 20.44
C PHE E 170 38.45 17.70 19.66
N GLY E 171 38.96 18.77 19.02
CA GLY E 171 40.19 18.65 18.25
C GLY E 171 41.36 18.16 19.08
N LEU E 172 41.63 18.84 20.21
CA LEU E 172 42.75 18.47 21.06
C LEU E 172 42.62 17.04 21.58
N HIS E 173 41.43 16.68 22.08
CA HIS E 173 41.26 15.35 22.65
C HIS E 173 41.50 14.26 21.60
N GLN E 174 41.33 14.58 20.33
CA GLN E 174 41.50 13.60 19.26
C GLN E 174 42.95 13.47 18.78
N GLN E 175 43.88 14.24 19.34
CA GLN E 175 45.30 14.14 19.01
C GLN E 175 45.91 13.07 19.91
N ARG E 176 46.07 11.86 19.37
CA ARG E 176 46.59 10.75 20.17
C ARG E 176 48.01 11.04 20.63
N ASP E 177 48.27 10.77 21.91
CA ASP E 177 49.57 10.95 22.59
C ASP E 177 49.87 12.42 22.85
N ILE E 178 49.53 13.30 21.91
CA ILE E 178 49.78 14.72 22.10
C ILE E 178 48.94 15.26 23.26
N ALA E 179 47.64 14.94 23.27
CA ALA E 179 46.78 15.42 24.33
C ALA E 179 47.24 14.91 25.68
N GLU E 180 47.61 13.63 25.75
CA GLU E 180 48.07 13.05 27.00
C GLU E 180 49.35 13.70 27.47
N MET E 181 50.28 13.98 26.55
CA MET E 181 51.54 14.58 26.94
C MET E 181 51.35 15.98 27.50
N LEU E 182 50.40 16.73 26.92
CA LEU E 182 50.17 18.09 27.38
C LEU E 182 49.48 18.13 28.74
N ILE E 183 48.53 17.22 28.98
CA ILE E 183 47.68 17.34 30.16
C ILE E 183 48.14 16.51 31.35
N ALA E 184 48.97 15.49 31.13
CA ALA E 184 49.48 14.69 32.25
C ALA E 184 50.18 15.61 33.26
N GLY E 185 49.85 15.44 34.54
CA GLY E 185 50.35 16.30 35.59
C GLY E 185 49.61 17.59 35.78
N LYS E 186 48.69 17.93 34.87
CA LYS E 186 47.90 19.15 34.98
C LYS E 186 46.41 18.85 34.92
N GLU E 187 46.03 17.63 35.33
CA GLU E 187 44.64 17.22 35.23
C GLU E 187 43.73 18.09 36.08
N ARG E 188 44.17 18.41 37.29
CA ARG E 188 43.33 19.22 38.18
C ARG E 188 43.09 20.60 37.57
N ALA E 189 44.15 21.26 37.10
CA ALA E 189 44.00 22.58 36.50
C ALA E 189 43.17 22.52 35.23
N TYR E 190 43.39 21.50 34.39
CA TYR E 190 42.63 21.39 33.14
C TYR E 190 41.15 21.07 33.42
N ILE E 191 40.89 20.15 34.34
CA ILE E 191 39.52 19.68 34.55
C ILE E 191 38.70 20.66 35.37
N LEU E 192 39.30 21.30 36.39
CA LEU E 192 38.56 22.31 37.15
C LEU E 192 38.15 23.48 36.26
N ASP E 193 39.06 23.92 35.38
CA ASP E 193 38.72 24.99 34.46
C ASP E 193 37.66 24.57 33.45
N PHE E 194 37.79 23.36 32.89
CA PHE E 194 36.76 22.85 31.98
C PHE E 194 35.38 22.87 32.65
N TYR E 195 35.32 22.44 33.88
CA TYR E 195 34.06 22.40 34.59
C TYR E 195 33.47 23.74 34.92
N LYS E 196 34.27 24.63 35.43
CA LYS E 196 33.75 25.91 35.91
C LYS E 196 33.31 26.80 34.76
N LYS E 197 33.96 26.69 33.60
CA LYS E 197 33.53 27.48 32.45
C LYS E 197 32.14 27.07 31.95
N ARG E 198 31.68 25.87 32.30
CA ARG E 198 30.40 25.39 31.83
C ARG E 198 29.32 25.31 32.90
N THR E 199 29.67 25.56 34.16
CA THR E 199 28.68 25.53 35.23
C THR E 199 28.06 26.91 35.42
N HIS E 200 26.88 26.93 36.05
CA HIS E 200 26.29 28.17 36.54
C HIS E 200 26.09 28.19 38.05
N VAL E 201 25.68 27.07 38.64
CA VAL E 201 25.64 26.94 40.09
C VAL E 201 27.05 26.71 40.58
N ALA E 202 27.46 27.45 41.62
CA ALA E 202 28.80 27.30 42.17
C ALA E 202 28.96 25.91 42.77
N LEU E 203 30.03 25.23 42.37
CA LEU E 203 30.36 23.93 42.89
C LEU E 203 31.63 24.00 43.72
N SER E 204 31.82 23.00 44.57
CA SER E 204 32.97 22.94 45.46
C SER E 204 34.15 22.32 44.72
N ASN E 205 35.33 22.93 44.91
CA ASN E 205 36.55 22.42 44.30
C ASN E 205 36.85 21.01 44.75
N ASP E 206 36.52 20.69 46.00
CA ASP E 206 36.76 19.34 46.49
C ASP E 206 35.91 18.31 45.74
N ASP E 207 34.73 18.72 45.27
CA ASP E 207 33.92 17.78 44.50
C ASP E 207 34.52 17.58 43.10
N ILE E 208 34.88 18.68 42.43
CA ILE E 208 35.46 18.57 41.10
C ILE E 208 36.79 17.84 41.16
N ALA E 209 37.54 18.01 42.24
CA ALA E 209 38.83 17.34 42.36
C ALA E 209 38.68 15.82 42.41
N VAL E 210 37.52 15.32 42.83
CA VAL E 210 37.29 13.88 42.76
C VAL E 210 37.39 13.40 41.32
N TYR E 211 36.77 14.15 40.40
CA TYR E 211 36.88 13.82 38.99
C TYR E 211 38.31 13.96 38.50
N ALA E 212 38.94 15.11 38.77
CA ALA E 212 40.27 15.36 38.26
C ALA E 212 41.26 14.30 38.73
N ASP E 213 41.16 13.90 40.00
CA ASP E 213 42.05 12.86 40.52
C ASP E 213 41.81 11.52 39.85
N ALA E 214 40.57 11.20 39.48
CA ALA E 214 40.36 9.95 38.75
C ALA E 214 41.08 9.96 37.41
N TYR E 215 40.99 11.08 36.70
CA TYR E 215 41.60 11.16 35.38
C TYR E 215 43.11 11.32 35.42
N ALA E 216 43.70 11.53 36.60
CA ALA E 216 45.15 11.53 36.76
C ALA E 216 45.72 10.14 36.98
N ALA E 217 44.89 9.16 37.29
CA ALA E 217 45.37 7.81 37.50
C ALA E 217 45.91 7.25 36.18
N PRO E 218 46.81 6.27 36.25
CA PRO E 218 47.44 5.75 35.02
C PRO E 218 46.40 5.27 34.01
N GLY E 219 46.53 5.78 32.77
CA GLY E 219 45.67 5.39 31.68
C GLY E 219 44.36 6.12 31.61
N ALA E 220 43.99 6.87 32.66
CA ALA E 220 42.67 7.49 32.67
C ALA E 220 42.56 8.62 31.65
N LEU E 221 43.65 9.38 31.45
CA LEU E 221 43.63 10.39 30.40
C LEU E 221 43.47 9.74 29.02
N ARG E 222 44.30 8.73 28.72
CA ARG E 222 44.26 8.08 27.42
C ARG E 222 42.88 7.49 27.13
N ALA E 223 42.36 6.70 28.07
CA ALA E 223 41.08 6.02 27.85
C ALA E 223 39.95 7.03 27.65
N GLY E 224 39.96 8.10 28.44
CA GLY E 224 38.97 9.15 28.26
C GLY E 224 39.06 9.81 26.90
N PHE E 225 40.29 10.04 26.42
CA PHE E 225 40.43 10.70 25.12
C PHE E 225 40.03 9.79 23.96
N GLU E 226 40.15 8.47 24.13
CA GLU E 226 39.73 7.54 23.09
C GLU E 226 38.23 7.57 22.85
N LEU E 227 37.45 8.04 23.83
CA LEU E 227 36.03 8.28 23.58
C LEU E 227 35.85 9.33 22.49
N TYR E 228 36.68 10.37 22.53
CA TYR E 228 36.62 11.42 21.51
C TYR E 228 37.22 10.94 20.19
N ARG E 229 38.23 10.06 20.26
CA ARG E 229 38.85 9.60 19.04
C ARG E 229 37.94 8.67 18.25
N ALA E 230 36.93 8.09 18.90
CA ALA E 230 35.97 7.22 18.24
C ALA E 230 34.76 7.98 17.69
N PHE E 231 34.68 9.30 17.88
CA PHE E 231 33.54 10.07 17.38
C PHE E 231 33.26 9.85 15.89
N PRO E 232 34.25 9.83 14.98
CA PRO E 232 33.89 9.56 13.58
C PRO E 232 33.21 8.21 13.39
N GLN E 233 33.71 7.17 14.05
CA GLN E 233 33.07 5.86 13.98
C GLN E 233 31.69 5.89 14.62
N ASP E 234 31.54 6.63 15.73
CA ASP E 234 30.24 6.77 16.37
C ASP E 234 29.26 7.49 15.46
N GLU E 235 29.73 8.50 14.73
CA GLU E 235 28.84 9.25 13.85
C GLU E 235 28.23 8.33 12.79
N THR E 236 29.07 7.58 12.08
CA THR E 236 28.58 6.66 11.07
C THR E 236 27.65 5.62 11.69
N ARG E 237 28.03 5.06 12.84
CA ARG E 237 27.22 4.01 13.46
C ARG E 237 25.90 4.57 13.97
N PHE E 238 25.91 5.75 14.58
CA PHE E 238 24.70 6.31 15.17
C PHE E 238 23.73 6.78 14.11
N LYS E 239 24.24 7.29 12.99
CA LYS E 239 23.38 7.70 11.90
C LYS E 239 22.62 6.51 11.32
N ALA E 240 23.25 5.34 11.26
CA ALA E 240 22.53 4.13 10.90
C ALA E 240 21.52 3.74 11.98
N PHE E 241 21.89 3.94 13.25
CA PHE E 241 20.95 3.65 14.33
C PHE E 241 19.70 4.49 14.22
N MET E 242 19.82 5.71 13.69
CA MET E 242 18.71 6.66 13.63
C MET E 242 17.78 6.43 12.47
N LYS E 243 17.94 5.35 11.73
CA LYS E 243 16.93 5.01 10.74
C LYS E 243 15.75 4.26 11.34
N HIS E 244 15.82 3.93 12.62
CA HIS E 244 14.72 3.32 13.35
C HIS E 244 14.58 4.09 14.67
N LYS E 245 13.58 4.96 14.76
CA LYS E 245 13.43 5.76 15.95
C LYS E 245 13.00 4.89 17.13
N LEU E 246 13.40 5.30 18.32
CA LEU E 246 13.21 4.49 19.50
C LEU E 246 11.73 4.40 19.86
N PRO E 247 11.26 3.24 20.32
CA PRO E 247 9.84 3.10 20.68
C PRO E 247 9.52 3.40 22.14
N MET E 248 10.48 3.21 23.05
CA MET E 248 10.25 3.39 24.49
C MET E 248 10.17 4.87 24.87
N PRO E 249 9.55 5.19 26.01
CA PRO E 249 9.49 6.59 26.44
C PRO E 249 10.87 7.17 26.73
N VAL E 250 11.07 8.42 26.30
CA VAL E 250 12.34 9.12 26.42
C VAL E 250 12.09 10.46 27.08
N LEU E 251 12.96 10.81 28.03
CA LEU E 251 12.92 12.11 28.73
C LEU E 251 14.22 12.85 28.44
N ALA E 252 14.09 14.12 28.07
CA ALA E 252 15.23 14.97 27.72
C ALA E 252 15.30 16.16 28.67
N LEU E 253 16.47 16.37 29.27
CA LEU E 253 16.67 17.46 30.23
C LEU E 253 18.01 18.14 30.00
N ALA E 254 18.05 19.46 30.20
CA ALA E 254 19.29 20.23 30.14
C ALA E 254 19.05 21.58 30.80
N GLY E 255 20.16 22.22 31.22
CA GLY E 255 20.07 23.50 31.89
C GLY E 255 19.91 24.67 30.94
N ASP E 256 19.21 25.70 31.41
CA ASP E 256 18.91 26.85 30.57
C ASP E 256 20.15 27.66 30.20
N LYS E 257 21.23 27.55 30.94
CA LYS E 257 22.44 28.31 30.64
C LYS E 257 23.41 27.55 29.74
N SER E 258 23.02 26.37 29.24
CA SER E 258 23.86 25.65 28.30
C SER E 258 23.03 25.21 27.10
N ASN E 259 22.77 23.89 26.97
CA ASN E 259 22.09 23.40 25.77
C ASN E 259 20.58 23.60 25.84
N GLY E 260 20.04 23.51 27.03
CA GLY E 260 18.64 23.70 27.28
C GLY E 260 17.68 22.89 26.45
N ALA E 261 16.89 23.62 25.72
CA ALA E 261 15.86 23.06 24.89
C ALA E 261 16.34 22.11 23.84
N LYS E 262 17.56 22.33 23.41
CA LYS E 262 18.12 21.56 22.31
C LYS E 262 18.32 20.10 22.68
N GLU E 263 18.27 19.76 23.96
CA GLU E 263 18.25 18.36 24.34
C GLU E 263 16.94 17.69 23.92
N LEU E 264 15.83 18.43 24.00
CA LEU E 264 14.55 17.87 23.57
C LEU E 264 14.45 17.86 22.05
N ASP E 265 14.97 18.89 21.38
CA ASP E 265 15.04 18.86 19.93
C ASP E 265 15.88 17.69 19.46
N MET E 266 17.02 17.47 20.11
CA MET E 266 17.91 16.36 19.75
C MET E 266 17.23 15.01 19.96
N ALA E 267 16.51 14.86 21.07
CA ALA E 267 15.90 13.56 21.38
C ALA E 267 14.77 13.23 20.41
N ARG E 268 14.09 14.24 19.88
CA ARG E 268 12.97 14.00 18.98
C ARG E 268 13.43 13.51 17.62
N GLU E 269 14.71 13.68 17.28
CA GLU E 269 15.24 13.04 16.09
C GLU E 269 15.53 11.56 16.32
N LEU E 270 15.52 11.09 17.58
CA LEU E 270 15.90 9.73 17.90
C LEU E 270 14.74 8.84 18.34
N ALA E 271 13.64 9.41 18.82
CA ALA E 271 12.58 8.62 19.42
C ALA E 271 11.21 9.21 19.10
N LEU E 272 10.19 8.35 19.14
CA LEU E 272 8.80 8.75 18.89
C LEU E 272 8.11 9.30 20.12
N ASP E 273 8.41 8.77 21.29
CA ASP E 273 7.73 9.13 22.54
C ASP E 273 8.71 9.97 23.37
N VAL E 274 8.65 11.29 23.20
CA VAL E 274 9.62 12.20 23.80
C VAL E 274 8.89 13.28 24.57
N ARG E 275 9.46 13.63 25.71
CA ARG E 275 9.00 14.73 26.53
C ARG E 275 10.22 15.34 27.18
N GLY E 276 10.17 16.62 27.45
CA GLY E 276 11.31 17.27 28.04
C GLY E 276 11.11 18.53 28.85
N ALA E 277 12.11 18.86 29.65
CA ALA E 277 12.09 20.05 30.47
C ALA E 277 13.44 20.73 30.50
N VAL E 278 13.46 22.01 30.80
CA VAL E 278 14.72 22.76 30.89
C VAL E 278 14.89 23.26 32.31
N ALA E 279 16.03 22.96 32.92
CA ALA E 279 16.28 23.33 34.31
C ALA E 279 16.59 24.82 34.39
N PRO E 280 15.93 25.56 35.29
CA PRO E 280 16.20 26.99 35.39
C PRO E 280 17.51 27.27 36.14
N ASN E 281 18.21 28.29 35.68
CA ASN E 281 19.48 28.73 36.29
C ASN E 281 20.40 27.54 36.55
N THR E 282 20.61 26.74 35.50
CA THR E 282 21.42 25.54 35.58
C THR E 282 22.31 25.47 34.35
N GLY E 283 23.58 25.07 34.56
CA GLY E 283 24.53 24.93 33.48
C GLY E 283 24.61 23.54 32.87
N HIS E 284 25.84 23.10 32.55
CA HIS E 284 26.07 21.88 31.79
C HIS E 284 25.98 20.62 32.62
N TRP E 285 26.19 20.72 33.93
CA TRP E 285 26.32 19.55 34.79
C TRP E 285 25.05 19.45 35.62
N LEU E 286 24.01 18.90 35.02
CA LEU E 286 22.74 18.75 35.70
C LEU E 286 22.83 18.01 37.03
N PRO E 287 23.46 16.86 37.08
CA PRO E 287 23.54 16.18 38.38
C PRO E 287 24.34 16.93 39.43
N ASP E 288 25.39 17.66 39.05
CA ASP E 288 26.15 18.37 40.08
C ASP E 288 25.41 19.61 40.54
N GLU E 289 24.79 20.34 39.62
CA GLU E 289 24.24 21.65 39.89
C GLU E 289 22.82 21.62 40.44
N ASN E 290 21.94 20.81 39.87
CA ASN E 290 20.52 20.83 40.23
C ASN E 290 20.02 19.40 40.38
N PRO E 291 20.50 18.69 41.41
CA PRO E 291 20.04 17.31 41.61
C PRO E 291 18.59 17.21 42.04
N ALA E 292 18.06 18.22 42.73
CA ALA E 292 16.66 18.19 43.16
C ALA E 292 15.71 18.18 41.97
N PHE E 293 15.94 19.10 41.02
CA PHE E 293 15.15 19.13 39.80
C PHE E 293 15.30 17.83 39.02
N LEU E 294 16.53 17.32 38.94
CA LEU E 294 16.80 16.11 38.18
C LEU E 294 16.13 14.90 38.83
N THR E 295 16.23 14.78 40.15
CA THR E 295 15.68 13.61 40.83
C THR E 295 14.17 13.52 40.69
N ARG E 296 13.50 14.66 40.88
CA ARG E 296 12.05 14.73 40.75
C ARG E 296 11.63 14.33 39.34
N GLN E 297 12.22 14.97 38.33
CA GLN E 297 11.89 14.66 36.94
C GLN E 297 12.07 13.17 36.64
N LEU E 298 13.12 12.54 37.18
CA LEU E 298 13.32 11.12 36.92
C LEU E 298 12.24 10.27 37.58
N LEU E 299 11.85 10.66 38.80
CA LEU E 299 10.81 9.94 39.54
C LEU E 299 9.45 10.09 38.86
N ASP E 300 9.10 11.31 38.46
CA ASP E 300 7.85 11.51 37.74
C ASP E 300 7.89 10.78 36.40
N PHE E 301 9.06 10.76 35.75
CA PHE E 301 9.20 10.04 34.50
C PHE E 301 9.14 8.52 34.70
N PHE E 302 9.71 8.00 35.80
CA PHE E 302 9.76 6.55 35.96
C PHE E 302 8.51 5.95 36.58
N ARG E 303 7.60 6.83 36.98
CA ARG E 303 6.35 6.43 37.53
C ARG E 303 5.40 6.28 36.35
N GLU E 304 4.76 5.12 36.31
CA GLU E 304 3.83 4.76 35.26
C GLU E 304 2.85 5.86 34.85
N PRO F 11 -40.15 22.72 -46.93
CA PRO F 11 -39.19 23.79 -46.68
C PRO F 11 -39.55 24.66 -45.50
N GLY F 12 -38.71 25.64 -45.31
CA GLY F 12 -38.89 26.61 -44.26
C GLY F 12 -38.12 26.47 -42.98
N MET F 13 -37.77 27.64 -42.48
CA MET F 13 -37.04 27.79 -41.26
C MET F 13 -37.94 27.54 -40.11
N PRO F 14 -37.36 27.12 -39.00
CA PRO F 14 -38.18 26.79 -37.83
C PRO F 14 -39.02 27.99 -37.39
N ALA F 15 -40.28 27.72 -37.06
CA ALA F 15 -41.20 28.76 -36.62
C ALA F 15 -41.40 28.63 -35.11
N PRO F 16 -40.79 29.49 -34.30
CA PRO F 16 -40.91 29.35 -32.85
C PRO F 16 -42.26 29.81 -32.33
N GLY F 17 -42.58 29.36 -31.12
CA GLY F 17 -43.76 29.82 -30.42
C GLY F 17 -44.94 28.87 -30.61
N LEU F 18 -46.04 29.25 -29.96
CA LEU F 18 -47.27 28.48 -30.08
C LEU F 18 -47.83 28.59 -31.50
N PRO F 19 -48.52 27.55 -31.97
CA PRO F 19 -49.16 27.64 -33.30
C PRO F 19 -50.28 28.67 -33.31
N ALA F 20 -50.57 29.16 -34.52
CA ALA F 20 -51.61 30.17 -34.71
C ALA F 20 -52.96 29.67 -34.20
N GLY F 21 -53.67 30.56 -33.50
CA GLY F 21 -54.95 30.25 -32.91
C GLY F 21 -54.86 29.62 -31.53
N PHE F 22 -53.64 29.30 -31.08
CA PHE F 22 -53.51 28.68 -29.77
C PHE F 22 -54.00 29.58 -28.65
N GLU F 23 -53.83 30.88 -28.75
CA GLU F 23 -54.20 31.74 -27.66
C GLU F 23 -55.61 31.63 -27.15
N ARG F 24 -56.53 31.52 -28.06
CA ARG F 24 -57.89 31.43 -27.62
C ARG F 24 -58.42 30.05 -27.44
N ARG F 25 -57.74 29.05 -27.98
CA ARG F 25 -58.35 27.71 -27.94
C ARG F 25 -57.89 26.86 -26.75
N PHE F 26 -56.90 27.32 -25.97
CA PHE F 26 -56.42 26.59 -24.79
C PHE F 26 -56.25 27.54 -23.62
N SER F 27 -56.21 26.98 -22.40
CA SER F 27 -56.17 27.77 -21.16
C SER F 27 -55.25 27.12 -20.13
N ARG F 28 -54.58 27.96 -19.33
CA ARG F 28 -53.80 27.53 -18.18
C ARG F 28 -54.62 27.56 -16.90
N ARG F 29 -54.50 26.49 -16.13
CA ARG F 29 -55.18 26.35 -14.85
C ARG F 29 -54.32 25.62 -13.84
N TYR F 30 -54.74 25.63 -12.59
CA TYR F 30 -54.03 24.89 -11.54
C TYR F 30 -55.02 23.93 -10.86
N ALA F 31 -54.50 22.81 -10.36
CA ALA F 31 -55.30 21.87 -9.58
C ALA F 31 -54.60 21.55 -8.26
N GLN F 32 -55.24 21.88 -7.15
CA GLN F 32 -54.69 21.63 -5.81
C GLN F 32 -55.08 20.22 -5.33
N LEU F 33 -54.06 19.41 -5.08
CA LEU F 33 -54.25 18.08 -4.56
C LEU F 33 -53.89 18.09 -3.09
N ASP F 34 -53.65 16.96 -2.50
CA ASP F 34 -53.38 16.96 -1.09
C ASP F 34 -52.14 17.66 -0.60
N ASP F 35 -51.06 17.50 -1.31
CA ASP F 35 -49.86 18.19 -0.91
C ASP F 35 -49.33 19.05 -2.02
N VAL F 36 -49.62 18.60 -3.23
CA VAL F 36 -49.13 19.18 -4.43
C VAL F 36 -50.15 19.86 -5.30
N ARG F 37 -49.78 21.00 -5.88
CA ARG F 37 -50.63 21.70 -6.83
C ARG F 37 -49.97 21.52 -8.13
N LEU F 38 -50.69 21.16 -9.15
CA LEU F 38 -50.10 20.96 -10.45
C LEU F 38 -50.64 21.93 -11.47
N HIS F 39 -49.85 22.27 -12.47
CA HIS F 39 -50.20 23.17 -13.53
C HIS F 39 -50.53 22.37 -14.78
N TYR F 40 -51.52 22.81 -15.54
CA TYR F 40 -51.87 22.09 -16.76
C TYR F 40 -52.48 23.04 -17.79
N VAL F 41 -52.42 22.66 -19.02
CA VAL F 41 -52.96 23.44 -20.07
C VAL F 41 -54.09 22.59 -20.62
N THR F 42 -55.27 23.17 -20.81
CA THR F 42 -56.36 22.38 -21.34
C THR F 42 -57.26 23.06 -22.36
N GLY F 43 -57.83 22.27 -23.27
CA GLY F 43 -58.69 22.79 -24.31
C GLY F 43 -59.59 21.75 -24.93
N GLY F 44 -60.38 22.11 -25.94
CA GLY F 44 -61.28 21.16 -26.55
C GLY F 44 -62.60 21.09 -25.81
N PRO F 45 -63.52 20.24 -26.29
CA PRO F 45 -64.85 20.16 -25.68
C PRO F 45 -64.80 19.62 -24.26
N ASP F 46 -65.58 20.24 -23.38
CA ASP F 46 -65.64 19.79 -21.99
C ASP F 46 -66.19 18.39 -21.87
N ASP F 47 -66.99 17.95 -22.84
CA ASP F 47 -67.62 16.63 -22.80
C ASP F 47 -66.83 15.56 -23.55
N GLY F 48 -65.78 15.94 -24.28
CA GLY F 48 -65.09 14.98 -25.11
C GLY F 48 -64.25 14.00 -24.31
N GLU F 49 -63.84 12.93 -24.99
CA GLU F 49 -62.93 11.95 -24.39
C GLU F 49 -61.61 12.62 -24.02
N MET F 50 -61.19 12.44 -22.78
CA MET F 50 -59.99 13.06 -22.32
C MET F 50 -58.70 12.42 -22.76
N VAL F 51 -57.81 13.26 -23.28
CA VAL F 51 -56.47 12.84 -23.69
C VAL F 51 -55.47 13.56 -22.80
N VAL F 52 -54.74 12.79 -22.00
CA VAL F 52 -53.72 13.32 -21.11
C VAL F 52 -52.37 13.11 -21.77
N LEU F 53 -51.57 14.16 -21.85
CA LEU F 53 -50.24 14.09 -22.40
C LEU F 53 -49.24 14.39 -21.30
N LEU F 54 -48.18 13.62 -21.25
CA LEU F 54 -47.15 13.74 -20.23
C LEU F 54 -45.80 13.93 -20.88
N HIS F 55 -45.17 15.09 -20.61
CA HIS F 55 -43.83 15.42 -21.09
C HIS F 55 -42.78 14.62 -20.31
N GLY F 56 -41.51 14.86 -20.65
CA GLY F 56 -40.40 14.24 -19.95
C GLY F 56 -39.37 15.27 -19.50
N TRP F 57 -38.10 14.78 -19.37
CA TRP F 57 -36.97 15.65 -19.01
C TRP F 57 -36.15 15.94 -20.25
N PRO F 58 -35.76 17.21 -20.52
CA PRO F 58 -36.09 18.41 -19.75
C PRO F 58 -37.18 19.22 -20.46
N GLN F 59 -38.44 18.93 -20.13
CA GLN F 59 -39.56 19.48 -20.87
C GLN F 59 -40.62 20.00 -19.90
N THR F 60 -41.65 20.61 -20.49
CA THR F 60 -42.88 20.99 -19.83
C THR F 60 -44.03 20.61 -20.75
N TRP F 61 -45.25 21.01 -20.38
CA TRP F 61 -46.42 20.82 -21.26
C TRP F 61 -46.17 21.37 -22.66
N TYR F 62 -45.30 22.39 -22.78
CA TYR F 62 -45.07 23.10 -24.02
C TYR F 62 -44.61 22.20 -25.15
N THR F 63 -44.12 21.01 -24.84
CA THR F 63 -43.65 20.12 -25.90
C THR F 63 -44.79 19.63 -26.78
N TRP F 64 -46.03 19.66 -26.31
CA TRP F 64 -47.18 19.18 -27.07
C TRP F 64 -47.88 20.28 -27.86
N ARG F 65 -47.27 21.47 -27.97
CA ARG F 65 -47.98 22.63 -28.51
C ARG F 65 -48.49 22.40 -29.93
N HIS F 66 -47.80 21.58 -30.73
CA HIS F 66 -48.22 21.35 -32.10
C HIS F 66 -49.11 20.12 -32.26
N VAL F 67 -49.36 19.39 -31.17
CA VAL F 67 -50.24 18.22 -31.19
C VAL F 67 -51.59 18.54 -30.56
N MET F 68 -51.60 19.37 -29.51
CA MET F 68 -52.84 19.67 -28.82
C MET F 68 -53.89 20.33 -29.71
N PRO F 69 -53.55 21.21 -30.67
CA PRO F 69 -54.62 21.75 -31.53
C PRO F 69 -55.36 20.69 -32.32
N ALA F 70 -54.67 19.80 -32.99
CA ALA F 70 -55.36 18.77 -33.76
C ALA F 70 -56.23 17.92 -32.89
N LEU F 71 -55.74 17.52 -31.73
CA LEU F 71 -56.54 16.70 -30.84
C LEU F 71 -57.79 17.44 -30.41
N ALA F 72 -57.67 18.70 -30.08
CA ALA F 72 -58.81 19.48 -29.67
C ALA F 72 -59.80 19.65 -30.78
N GLU F 73 -59.32 19.81 -32.01
CA GLU F 73 -60.21 20.00 -33.13
C GLU F 73 -61.16 18.84 -33.33
N ASP F 74 -60.72 17.61 -33.09
CA ASP F 74 -61.54 16.45 -33.30
C ASP F 74 -62.36 16.01 -32.13
N GLY F 75 -62.51 16.84 -31.14
CA GLY F 75 -63.40 16.54 -30.05
C GLY F 75 -62.92 16.01 -28.73
N TYR F 76 -61.63 15.85 -28.60
CA TYR F 76 -61.08 15.30 -27.36
C TYR F 76 -60.85 16.42 -26.35
N ARG F 77 -60.99 16.09 -25.07
CA ARG F 77 -60.71 17.03 -23.99
C ARG F 77 -59.23 16.89 -23.62
N VAL F 78 -58.41 17.83 -24.12
CA VAL F 78 -56.96 17.72 -23.98
C VAL F 78 -56.52 18.21 -22.62
N VAL F 79 -55.68 17.41 -21.95
CA VAL F 79 -55.11 17.80 -20.65
C VAL F 79 -53.61 17.51 -20.70
N ALA F 80 -52.81 18.56 -20.89
CA ALA F 80 -51.35 18.47 -20.90
C ALA F 80 -50.81 18.97 -19.56
N VAL F 81 -50.19 18.07 -18.80
CA VAL F 81 -49.83 18.32 -17.40
C VAL F 81 -48.33 18.53 -17.28
N ASP F 82 -47.95 19.52 -16.48
CA ASP F 82 -46.61 19.58 -15.91
C ASP F 82 -46.61 18.68 -14.69
N TYR F 83 -45.91 17.54 -14.75
CA TYR F 83 -45.99 16.63 -13.62
C TYR F 83 -45.22 17.21 -12.42
N ARG F 84 -45.33 16.52 -11.29
CA ARG F 84 -44.76 16.97 -10.03
C ARG F 84 -43.31 17.39 -10.20
N GLY F 85 -43.02 18.65 -9.83
CA GLY F 85 -41.68 19.17 -9.87
C GLY F 85 -41.29 19.88 -11.16
N ALA F 86 -42.10 19.77 -12.21
CA ALA F 86 -41.77 20.31 -13.52
C ALA F 86 -42.66 21.51 -13.85
N GLY F 87 -42.15 22.38 -14.73
CA GLY F 87 -42.95 23.50 -15.22
C GLY F 87 -43.39 24.41 -14.09
N GLU F 88 -44.67 24.79 -14.10
CA GLU F 88 -45.24 25.67 -13.09
C GLU F 88 -45.81 24.91 -11.89
N SER F 89 -45.60 23.61 -11.80
CA SER F 89 -46.14 22.83 -10.71
C SER F 89 -45.25 22.94 -9.47
N ASP F 90 -45.81 22.57 -8.32
CA ASP F 90 -45.06 22.63 -7.09
C ASP F 90 -43.84 21.71 -7.18
N LYS F 91 -42.86 21.98 -6.31
CA LYS F 91 -41.62 21.22 -6.25
C LYS F 91 -41.49 20.66 -4.84
N PRO F 92 -42.26 19.62 -4.50
CA PRO F 92 -42.21 19.09 -3.14
C PRO F 92 -40.91 18.38 -2.83
N LEU F 93 -40.75 17.96 -1.58
CA LEU F 93 -39.53 17.28 -1.14
C LEU F 93 -39.36 15.94 -1.85
N GLY F 94 -40.44 15.15 -1.95
CA GLY F 94 -40.36 13.82 -2.51
C GLY F 94 -41.52 13.41 -3.39
N GLY F 95 -41.70 12.09 -3.56
CA GLY F 95 -42.76 11.58 -4.39
C GLY F 95 -42.43 11.54 -5.86
N TYR F 96 -41.15 11.44 -6.21
CA TYR F 96 -40.72 11.49 -7.60
C TYR F 96 -40.49 10.11 -8.20
N ASP F 97 -40.79 9.04 -7.46
CA ASP F 97 -40.90 7.74 -8.09
C ASP F 97 -42.11 7.74 -9.03
N LYS F 98 -41.99 7.01 -10.14
CA LYS F 98 -43.00 7.12 -11.20
C LYS F 98 -44.35 6.56 -10.77
N ALA F 99 -44.37 5.58 -9.86
CA ALA F 99 -45.64 5.02 -9.40
C ALA F 99 -46.46 6.07 -8.66
N SER F 100 -45.83 6.80 -7.73
CA SER F 100 -46.56 7.83 -6.99
C SER F 100 -46.94 9.01 -7.86
N MET F 101 -46.08 9.36 -8.82
CA MET F 101 -46.41 10.44 -9.75
C MET F 101 -47.60 10.08 -10.63
N ALA F 102 -47.74 8.80 -10.98
CA ALA F 102 -48.94 8.38 -11.70
C ALA F 102 -50.19 8.62 -10.88
N GLY F 103 -50.11 8.41 -9.56
CA GLY F 103 -51.24 8.71 -8.70
C GLY F 103 -51.61 10.17 -8.71
N ASP F 104 -50.60 11.06 -8.77
CA ASP F 104 -50.85 12.50 -8.86
C ASP F 104 -51.67 12.83 -10.11
N ILE F 105 -51.29 12.26 -11.25
CA ILE F 105 -52.02 12.54 -12.48
C ILE F 105 -53.44 12.00 -12.36
N ARG F 106 -53.60 10.86 -11.67
CA ARG F 106 -54.92 10.28 -11.45
C ARG F 106 -55.78 11.16 -10.57
N ALA F 107 -55.22 11.70 -9.49
CA ALA F 107 -56.00 12.56 -8.62
C ALA F 107 -56.51 13.80 -9.36
N LEU F 108 -55.72 14.29 -10.32
CA LEU F 108 -56.13 15.44 -11.13
C LEU F 108 -57.22 15.06 -12.13
N VAL F 109 -57.12 13.86 -12.72
CA VAL F 109 -58.15 13.38 -13.64
C VAL F 109 -59.48 13.22 -12.91
N HIS F 110 -59.41 12.73 -11.69
CA HIS F 110 -60.56 12.53 -10.84
C HIS F 110 -61.16 13.86 -10.43
N GLN F 111 -60.34 14.88 -10.25
CA GLN F 111 -60.80 16.23 -9.94
C GLN F 111 -61.46 16.93 -11.12
N LEU F 112 -61.11 16.52 -12.32
CA LEU F 112 -61.71 17.09 -13.50
C LEU F 112 -62.92 16.29 -13.89
N GLY F 113 -63.39 15.47 -12.95
CA GLY F 113 -64.55 14.65 -13.18
C GLY F 113 -64.42 13.65 -14.30
N ALA F 114 -63.40 12.84 -14.29
CA ALA F 114 -63.26 11.84 -15.32
C ALA F 114 -62.70 10.58 -14.73
N THR F 115 -62.66 9.50 -15.49
CA THR F 115 -62.11 8.30 -14.92
C THR F 115 -61.42 7.54 -15.98
N ARG F 116 -61.93 7.64 -17.18
CA ARG F 116 -61.37 6.90 -18.32
C ARG F 116 -60.78 7.88 -19.34
N ILE F 117 -59.48 7.79 -19.50
CA ILE F 117 -58.77 8.68 -20.33
C ILE F 117 -57.88 7.97 -21.26
N HIS F 118 -57.31 8.74 -22.14
CA HIS F 118 -56.35 8.28 -23.10
C HIS F 118 -55.03 8.81 -22.59
N LEU F 119 -53.96 8.08 -22.81
CA LEU F 119 -52.70 8.50 -22.26
C LEU F 119 -51.61 8.44 -23.25
N VAL F 120 -50.86 9.53 -23.34
CA VAL F 120 -49.68 9.65 -24.19
C VAL F 120 -48.55 10.19 -23.33
N GLY F 121 -47.40 9.52 -23.37
CA GLY F 121 -46.26 9.94 -22.59
C GLY F 121 -44.97 9.73 -23.35
N ARG F 122 -43.96 10.52 -23.00
CA ARG F 122 -42.61 10.37 -23.52
C ARG F 122 -41.60 10.63 -22.40
N SER F 123 -40.41 10.06 -22.56
CA SER F 123 -39.30 10.18 -21.59
C SER F 123 -39.84 9.87 -20.19
N ILE F 124 -39.62 10.70 -19.19
CA ILE F 124 -40.11 10.42 -17.84
C ILE F 124 -41.63 10.24 -17.85
N GLY F 125 -42.33 10.96 -18.73
CA GLY F 125 -43.79 10.88 -18.75
C GLY F 125 -44.31 9.53 -19.19
N VAL F 126 -43.60 8.85 -20.09
CA VAL F 126 -44.04 7.52 -20.52
C VAL F 126 -43.80 6.49 -19.42
N MET F 127 -42.86 6.76 -18.53
CA MET F 127 -42.67 5.90 -17.36
C MET F 127 -43.80 6.11 -16.37
N VAL F 128 -44.18 7.37 -16.12
CA VAL F 128 -45.37 7.67 -15.34
C VAL F 128 -46.61 7.09 -16.00
N ALA F 129 -46.71 7.21 -17.33
CA ALA F 129 -47.88 6.70 -18.05
C ALA F 129 -47.99 5.18 -17.91
N TYR F 130 -46.86 4.47 -17.97
CA TYR F 130 -46.89 3.04 -17.78
C TYR F 130 -47.30 2.69 -16.35
N ALA F 131 -46.75 3.40 -15.36
CA ALA F 131 -47.13 3.14 -13.98
C ALA F 131 -48.61 3.44 -13.74
N TYR F 132 -49.18 4.27 -14.57
CA TYR F 132 -50.57 4.59 -14.46
C TYR F 132 -51.33 3.41 -14.97
N ALA F 133 -51.01 2.96 -16.16
CA ALA F 133 -51.70 1.83 -16.76
C ALA F 133 -51.46 0.54 -15.99
N ALA F 134 -50.29 0.39 -15.37
CA ALA F 134 -50.02 -0.83 -14.61
C ALA F 134 -50.81 -0.87 -13.32
N GLN F 135 -50.98 0.28 -12.66
CA GLN F 135 -51.67 0.30 -11.37
C GLN F 135 -53.19 0.31 -11.52
N TRP F 136 -53.70 0.92 -12.58
CA TRP F 136 -55.13 1.04 -12.83
C TRP F 136 -55.40 0.73 -14.29
N PRO F 137 -55.24 -0.54 -14.68
CA PRO F 137 -55.36 -0.88 -16.11
C PRO F 137 -56.74 -0.57 -16.68
N THR F 138 -57.78 -0.69 -15.85
CA THR F 138 -59.13 -0.42 -16.31
C THR F 138 -59.33 1.02 -16.74
N GLU F 139 -58.58 1.95 -16.12
CA GLU F 139 -58.82 3.38 -16.33
C GLU F 139 -58.13 3.94 -17.57
N ILE F 140 -57.28 3.17 -18.19
CA ILE F 140 -56.59 3.68 -19.32
C ILE F 140 -57.17 3.04 -20.50
N VAL F 141 -57.93 3.80 -21.26
CA VAL F 141 -58.54 3.29 -22.43
C VAL F 141 -57.57 2.90 -23.47
N LYS F 142 -56.60 3.75 -23.74
CA LYS F 142 -55.56 3.48 -24.73
C LYS F 142 -54.24 4.09 -24.26
N LEU F 143 -53.09 3.65 -24.74
CA LEU F 143 -51.83 4.16 -24.23
C LEU F 143 -50.83 4.33 -25.37
N ALA F 144 -50.23 5.52 -25.45
CA ALA F 144 -49.25 5.82 -26.48
C ALA F 144 -47.90 6.05 -25.83
N MET F 145 -46.88 5.36 -26.33
CA MET F 145 -45.54 5.35 -25.73
C MET F 145 -44.57 5.93 -26.75
N LEU F 146 -43.87 6.99 -26.35
CA LEU F 146 -43.03 7.76 -27.26
C LEU F 146 -41.58 7.74 -26.80
N ASP F 147 -40.67 7.51 -27.75
CA ASP F 147 -39.27 7.94 -27.70
C ASP F 147 -38.37 7.19 -26.73
N VAL F 148 -38.85 6.84 -25.53
CA VAL F 148 -37.96 6.37 -24.47
C VAL F 148 -38.42 5.05 -23.86
N PRO F 149 -37.51 4.11 -23.57
CA PRO F 149 -37.91 2.88 -22.87
C PRO F 149 -38.13 3.11 -21.38
N VAL F 150 -38.97 2.25 -20.79
CA VAL F 150 -39.29 2.39 -19.37
C VAL F 150 -38.40 1.46 -18.56
N PRO F 151 -38.13 1.78 -17.29
CA PRO F 151 -37.31 0.89 -16.47
C PRO F 151 -37.94 -0.50 -16.40
N GLY F 152 -37.07 -1.50 -16.27
CA GLY F 152 -37.50 -2.87 -16.19
C GLY F 152 -37.45 -3.63 -17.50
N THR F 153 -37.45 -2.94 -18.61
CA THR F 153 -37.43 -3.64 -19.83
C THR F 153 -36.06 -4.04 -20.24
N ARG F 154 -35.99 -4.91 -21.22
CA ARG F 154 -34.75 -5.38 -21.74
C ARG F 154 -34.01 -4.27 -22.42
N ILE F 155 -34.70 -3.41 -23.12
CA ILE F 155 -34.05 -2.29 -23.76
C ILE F 155 -33.39 -1.38 -22.71
N TRP F 156 -34.07 -1.15 -21.61
CA TRP F 156 -33.56 -0.35 -20.55
C TRP F 156 -32.39 -1.03 -19.95
N ASP F 157 -32.51 -2.30 -19.61
CA ASP F 157 -31.42 -2.98 -19.00
C ASP F 157 -30.18 -3.01 -19.88
N GLU F 158 -30.39 -3.21 -21.15
CA GLU F 158 -29.33 -3.27 -22.12
C GLU F 158 -28.56 -1.98 -22.29
N ALA F 159 -29.26 -0.86 -22.27
CA ALA F 159 -28.61 0.41 -22.41
C ALA F 159 -27.69 0.62 -21.25
N LYS F 160 -28.14 0.21 -20.09
CA LYS F 160 -27.33 0.30 -18.88
C LYS F 160 -26.08 -0.58 -19.00
N ALA F 161 -26.23 -1.81 -19.49
CA ALA F 161 -25.08 -2.71 -19.57
C ALA F 161 -24.15 -2.35 -20.72
N SER F 162 -24.68 -1.76 -21.80
CA SER F 162 -23.88 -1.28 -22.93
C SER F 162 -23.05 -0.05 -22.60
N ALA F 163 -23.31 0.60 -21.46
CA ALA F 163 -22.83 1.95 -21.20
C ALA F 163 -23.16 2.87 -22.38
N ASP F 164 -24.44 2.84 -22.77
CA ASP F 164 -24.91 3.61 -23.90
C ASP F 164 -24.58 5.09 -23.67
N PRO F 165 -23.89 5.74 -24.62
CA PRO F 165 -23.50 7.15 -24.42
C PRO F 165 -24.66 8.08 -24.15
N GLN F 166 -25.85 7.69 -24.61
CA GLN F 166 -27.05 8.52 -24.47
C GLN F 166 -27.54 8.71 -23.05
N ILE F 167 -27.21 7.76 -22.19
CA ILE F 167 -27.65 7.82 -20.79
C ILE F 167 -26.43 8.19 -19.96
N TRP F 168 -25.47 8.92 -20.56
CA TRP F 168 -24.31 9.40 -19.80
C TRP F 168 -24.72 10.24 -18.61
N HIS F 169 -25.83 10.97 -18.73
CA HIS F 169 -26.25 11.93 -17.73
C HIS F 169 -26.90 11.29 -16.52
N PHE F 170 -27.25 10.00 -16.60
CA PHE F 170 -27.86 9.32 -15.47
C PHE F 170 -26.97 9.43 -14.24
N GLY F 171 -25.67 9.18 -14.41
CA GLY F 171 -24.76 9.27 -13.28
C GLY F 171 -24.73 10.65 -12.66
N LEU F 172 -24.46 11.69 -13.47
CA LEU F 172 -24.39 13.05 -12.96
C LEU F 172 -25.71 13.44 -12.28
N HIS F 173 -26.84 13.16 -12.95
CA HIS F 173 -28.13 13.56 -12.39
C HIS F 173 -28.41 12.86 -11.06
N GLN F 174 -27.82 11.69 -10.83
CA GLN F 174 -28.03 10.98 -9.59
C GLN F 174 -27.12 11.46 -8.46
N GLN F 175 -26.23 12.42 -8.72
CA GLN F 175 -25.39 12.96 -7.65
C GLN F 175 -26.14 14.12 -7.01
N ARG F 176 -26.73 13.86 -5.84
CA ARG F 176 -27.50 14.89 -5.16
C ARG F 176 -26.59 16.05 -4.77
N ASP F 177 -27.09 17.27 -4.99
CA ASP F 177 -26.42 18.53 -4.68
C ASP F 177 -25.31 18.86 -5.66
N ILE F 178 -24.54 17.84 -6.07
CA ILE F 178 -23.46 18.07 -7.03
C ILE F 178 -24.01 18.48 -8.39
N ALA F 179 -25.06 17.80 -8.85
CA ALA F 179 -25.65 18.15 -10.14
C ALA F 179 -26.21 19.56 -10.12
N GLU F 180 -26.96 19.91 -9.07
CA GLU F 180 -27.52 21.25 -8.95
C GLU F 180 -26.42 22.32 -8.87
N MET F 181 -25.35 22.04 -8.12
CA MET F 181 -24.28 23.02 -7.96
C MET F 181 -23.58 23.31 -9.28
N LEU F 182 -23.40 22.28 -10.11
CA LEU F 182 -22.70 22.45 -11.38
C LEU F 182 -23.57 23.18 -12.39
N ILE F 183 -24.85 22.85 -12.45
CA ILE F 183 -25.70 23.31 -13.55
C ILE F 183 -26.47 24.60 -13.21
N ALA F 184 -26.64 24.92 -11.93
CA ALA F 184 -27.33 26.16 -11.58
C ALA F 184 -26.61 27.34 -12.24
N GLY F 185 -27.38 28.18 -12.90
CA GLY F 185 -26.83 29.28 -13.65
C GLY F 185 -26.36 28.95 -15.05
N LYS F 186 -26.34 27.66 -15.42
CA LYS F 186 -25.94 27.23 -16.75
C LYS F 186 -27.02 26.37 -17.39
N GLU F 187 -28.26 26.58 -16.99
CA GLU F 187 -29.37 25.74 -17.46
C GLU F 187 -29.53 25.83 -18.98
N ARG F 188 -29.44 27.04 -19.52
CA ARG F 188 -29.63 27.24 -20.95
C ARG F 188 -28.55 26.51 -21.75
N ALA F 189 -27.29 26.68 -21.36
CA ALA F 189 -26.20 26.04 -22.08
C ALA F 189 -26.30 24.52 -21.99
N TYR F 190 -26.64 24.00 -20.80
CA TYR F 190 -26.71 22.57 -20.58
C TYR F 190 -27.88 21.95 -21.35
N ILE F 191 -29.05 22.60 -21.31
CA ILE F 191 -30.25 21.99 -21.88
C ILE F 191 -30.28 22.17 -23.39
N LEU F 192 -29.85 23.31 -23.91
CA LEU F 192 -29.81 23.50 -25.36
C LEU F 192 -28.87 22.47 -26.00
N ASP F 193 -27.72 22.24 -25.37
CA ASP F 193 -26.80 21.24 -25.90
C ASP F 193 -27.40 19.85 -25.84
N PHE F 194 -28.01 19.51 -24.70
CA PHE F 194 -28.68 18.22 -24.53
C PHE F 194 -29.74 17.99 -25.61
N TYR F 195 -30.52 19.01 -25.93
CA TYR F 195 -31.54 18.89 -26.94
C TYR F 195 -31.02 18.75 -28.33
N LYS F 196 -30.07 19.56 -28.72
CA LYS F 196 -29.58 19.57 -30.09
C LYS F 196 -28.77 18.32 -30.43
N LYS F 197 -28.10 17.73 -29.44
CA LYS F 197 -27.35 16.50 -29.72
C LYS F 197 -28.27 15.33 -30.04
N ARG F 198 -29.53 15.37 -29.60
CA ARG F 198 -30.46 14.26 -29.79
C ARG F 198 -31.54 14.55 -30.80
N THR F 199 -31.59 15.76 -31.34
CA THR F 199 -32.55 16.09 -32.38
C THR F 199 -31.94 15.80 -33.74
N HIS F 200 -32.81 15.60 -34.71
CA HIS F 200 -32.41 15.59 -36.11
C HIS F 200 -33.08 16.69 -36.91
N VAL F 201 -34.35 16.99 -36.63
CA VAL F 201 -35.00 18.16 -37.21
C VAL F 201 -34.49 19.40 -36.49
N ALA F 202 -34.10 20.42 -37.27
CA ALA F 202 -33.60 21.66 -36.67
C ALA F 202 -34.72 22.38 -35.93
N LEU F 203 -34.48 22.68 -34.66
CA LEU F 203 -35.44 23.40 -33.84
C LEU F 203 -34.93 24.80 -33.53
N SER F 204 -35.86 25.67 -33.14
CA SER F 204 -35.51 27.05 -32.87
C SER F 204 -35.04 27.17 -31.43
N ASN F 205 -33.97 27.98 -31.23
CA ASN F 205 -33.43 28.16 -29.88
C ASN F 205 -34.50 28.70 -28.93
N ASP F 206 -35.37 29.57 -29.44
CA ASP F 206 -36.41 30.17 -28.60
C ASP F 206 -37.36 29.13 -28.05
N ASP F 207 -37.62 28.05 -28.79
CA ASP F 207 -38.50 27.00 -28.29
C ASP F 207 -37.79 26.20 -27.22
N ILE F 208 -36.55 25.80 -27.47
CA ILE F 208 -35.80 25.05 -26.46
C ILE F 208 -35.56 25.92 -25.23
N ALA F 209 -35.40 27.23 -25.42
CA ALA F 209 -35.17 28.12 -24.29
C ALA F 209 -36.37 28.16 -23.35
N VAL F 210 -37.57 27.85 -23.86
CA VAL F 210 -38.73 27.77 -22.98
C VAL F 210 -38.52 26.68 -21.94
N TYR F 211 -38.02 25.53 -22.37
CA TYR F 211 -37.68 24.46 -21.43
C TYR F 211 -36.57 24.90 -20.49
N ALA F 212 -35.47 25.41 -21.06
CA ALA F 212 -34.32 25.74 -20.23
C ALA F 212 -34.69 26.75 -19.15
N ASP F 213 -35.48 27.76 -19.51
CA ASP F 213 -35.87 28.75 -18.51
C ASP F 213 -36.74 28.15 -17.42
N ALA F 214 -37.60 27.18 -17.76
CA ALA F 214 -38.40 26.53 -16.73
C ALA F 214 -37.52 25.79 -15.74
N TYR F 215 -36.47 25.12 -16.23
CA TYR F 215 -35.62 24.37 -15.32
C TYR F 215 -34.63 25.25 -14.57
N ALA F 216 -34.56 26.56 -14.88
CA ALA F 216 -33.76 27.49 -14.09
C ALA F 216 -34.51 28.05 -12.88
N ALA F 217 -35.82 27.87 -12.81
CA ALA F 217 -36.61 28.41 -11.71
C ALA F 217 -36.23 27.75 -10.39
N PRO F 218 -36.49 28.42 -9.26
CA PRO F 218 -36.08 27.86 -7.97
C PRO F 218 -36.67 26.47 -7.72
N GLY F 219 -35.79 25.52 -7.41
CA GLY F 219 -36.19 24.15 -7.12
C GLY F 219 -36.37 23.27 -8.33
N ALA F 220 -36.39 23.84 -9.53
CA ALA F 220 -36.69 23.04 -10.72
C ALA F 220 -35.58 22.06 -11.04
N LEU F 221 -34.32 22.44 -10.80
CA LEU F 221 -33.22 21.48 -11.01
C LEU F 221 -33.33 20.32 -10.03
N ARG F 222 -33.49 20.62 -8.73
CA ARG F 222 -33.56 19.57 -7.72
C ARG F 222 -34.70 18.59 -8.02
N ALA F 223 -35.89 19.11 -8.30
CA ALA F 223 -37.06 18.25 -8.50
C ALA F 223 -36.89 17.36 -9.73
N GLY F 224 -36.40 17.93 -10.83
CA GLY F 224 -36.17 17.13 -12.04
C GLY F 224 -35.10 16.06 -11.85
N PHE F 225 -34.04 16.38 -11.11
CA PHE F 225 -32.96 15.41 -10.88
C PHE F 225 -33.40 14.31 -9.92
N GLU F 226 -34.35 14.61 -9.03
CA GLU F 226 -34.87 13.57 -8.15
C GLU F 226 -35.63 12.51 -8.93
N LEU F 227 -36.11 12.83 -10.14
CA LEU F 227 -36.66 11.79 -11.00
C LEU F 227 -35.61 10.73 -11.31
N TYR F 228 -34.37 11.16 -11.53
CA TYR F 228 -33.30 10.22 -11.83
C TYR F 228 -32.83 9.50 -10.60
N ARG F 229 -32.86 10.16 -9.43
CA ARG F 229 -32.41 9.52 -8.20
C ARG F 229 -33.36 8.44 -7.75
N ALA F 230 -34.58 8.42 -8.27
CA ALA F 230 -35.57 7.40 -7.97
C ALA F 230 -35.55 6.23 -8.95
N PHE F 231 -34.67 6.27 -9.97
CA PHE F 231 -34.61 5.19 -10.96
C PHE F 231 -34.42 3.81 -10.34
N PRO F 232 -33.53 3.59 -9.36
CA PRO F 232 -33.46 2.24 -8.76
C PRO F 232 -34.77 1.82 -8.13
N GLN F 233 -35.46 2.72 -7.42
CA GLN F 233 -36.76 2.39 -6.86
C GLN F 233 -37.78 2.11 -7.95
N ASP F 234 -37.72 2.87 -9.06
CA ASP F 234 -38.63 2.61 -10.17
C ASP F 234 -38.36 1.25 -10.81
N GLU F 235 -37.08 0.86 -10.92
CA GLU F 235 -36.73 -0.40 -11.58
C GLU F 235 -37.33 -1.60 -10.87
N THR F 236 -37.12 -1.70 -9.56
CA THR F 236 -37.71 -2.81 -8.82
C THR F 236 -39.22 -2.78 -8.90
N ARG F 237 -39.83 -1.61 -8.72
CA ARG F 237 -41.29 -1.52 -8.73
C ARG F 237 -41.85 -1.81 -10.13
N PHE F 238 -41.16 -1.36 -11.18
CA PHE F 238 -41.64 -1.59 -12.55
C PHE F 238 -41.45 -3.04 -12.98
N LYS F 239 -40.36 -3.67 -12.54
CA LYS F 239 -40.13 -5.08 -12.86
C LYS F 239 -41.27 -5.92 -12.33
N ALA F 240 -41.77 -5.55 -11.15
CA ALA F 240 -42.91 -6.25 -10.56
C ALA F 240 -44.19 -6.04 -11.34
N PHE F 241 -44.42 -4.85 -11.88
CA PHE F 241 -45.63 -4.55 -12.62
C PHE F 241 -45.76 -5.30 -13.90
N MET F 242 -44.67 -5.60 -14.52
CA MET F 242 -44.70 -6.28 -15.81
C MET F 242 -44.76 -7.76 -15.72
N LYS F 243 -44.99 -8.32 -14.55
CA LYS F 243 -45.30 -9.73 -14.51
C LYS F 243 -46.79 -9.92 -14.82
N HIS F 244 -47.49 -8.81 -15.11
CA HIS F 244 -48.86 -8.75 -15.59
C HIS F 244 -48.84 -7.79 -16.77
N LYS F 245 -48.93 -8.32 -17.98
CA LYS F 245 -48.90 -7.50 -19.18
C LYS F 245 -50.14 -6.64 -19.28
N LEU F 246 -49.99 -5.49 -19.93
CA LEU F 246 -51.10 -4.54 -20.01
C LEU F 246 -52.19 -5.06 -20.94
N PRO F 247 -53.47 -4.90 -20.57
CA PRO F 247 -54.55 -5.43 -21.41
C PRO F 247 -55.05 -4.44 -22.45
N MET F 248 -54.92 -3.14 -22.19
CA MET F 248 -55.44 -2.14 -23.12
C MET F 248 -54.53 -2.00 -24.33
N PRO F 249 -55.04 -1.46 -25.44
CA PRO F 249 -54.17 -1.19 -26.59
C PRO F 249 -53.10 -0.15 -26.26
N VAL F 250 -51.87 -0.39 -26.74
CA VAL F 250 -50.70 0.46 -26.45
C VAL F 250 -50.01 0.77 -27.76
N LEU F 251 -49.66 2.05 -28.01
CA LEU F 251 -49.00 2.47 -29.25
C LEU F 251 -47.59 2.97 -28.97
N ALA F 252 -46.62 2.51 -29.77
CA ALA F 252 -45.21 2.82 -29.59
C ALA F 252 -44.67 3.56 -30.80
N LEU F 253 -44.03 4.71 -30.55
CA LEU F 253 -43.45 5.56 -31.60
C LEU F 253 -42.09 6.07 -31.18
N ALA F 254 -41.18 6.19 -32.16
CA ALA F 254 -39.88 6.80 -31.93
C ALA F 254 -39.26 7.15 -33.28
N GLY F 255 -38.31 8.09 -33.26
CA GLY F 255 -37.67 8.53 -34.49
C GLY F 255 -36.57 7.59 -34.94
N ASP F 256 -36.36 7.55 -36.26
CA ASP F 256 -35.38 6.64 -36.84
C ASP F 256 -33.93 7.03 -36.52
N LYS F 257 -33.68 8.28 -36.16
CA LYS F 257 -32.33 8.71 -35.83
C LYS F 257 -32.03 8.59 -34.34
N SER F 258 -32.95 8.00 -33.58
CA SER F 258 -32.69 7.74 -32.18
C SER F 258 -33.02 6.30 -31.86
N ASN F 259 -34.06 6.06 -31.05
CA ASN F 259 -34.29 4.69 -30.61
C ASN F 259 -35.07 3.88 -31.65
N GLY F 260 -35.87 4.53 -32.49
CA GLY F 260 -36.47 3.84 -33.62
C GLY F 260 -37.29 2.63 -33.20
N ALA F 261 -36.98 1.49 -33.80
CA ALA F 261 -37.74 0.25 -33.59
C ALA F 261 -37.65 -0.30 -32.18
N LYS F 262 -36.69 0.15 -31.37
CA LYS F 262 -36.57 -0.39 -30.02
C LYS F 262 -37.72 0.06 -29.12
N GLU F 263 -38.46 1.09 -29.53
CA GLU F 263 -39.66 1.46 -28.76
C GLU F 263 -40.73 0.39 -28.89
N LEU F 264 -40.84 -0.27 -30.04
CA LEU F 264 -41.74 -1.42 -30.17
C LEU F 264 -41.25 -2.66 -29.47
N ASP F 265 -39.96 -2.96 -29.57
CA ASP F 265 -39.44 -4.09 -28.82
C ASP F 265 -39.68 -3.88 -27.34
N MET F 266 -39.44 -2.66 -26.86
CA MET F 266 -39.72 -2.33 -25.47
C MET F 266 -41.21 -2.44 -25.17
N ALA F 267 -42.06 -1.96 -26.09
CA ALA F 267 -43.48 -1.96 -25.82
C ALA F 267 -44.04 -3.39 -25.77
N ARG F 268 -43.44 -4.32 -26.53
CA ARG F 268 -43.97 -5.67 -26.56
C ARG F 268 -43.70 -6.45 -25.28
N GLU F 269 -42.80 -5.97 -24.41
CA GLU F 269 -42.63 -6.59 -23.10
C GLU F 269 -43.68 -6.17 -22.09
N LEU F 270 -44.48 -5.14 -22.38
CA LEU F 270 -45.40 -4.61 -21.38
C LEU F 270 -46.86 -4.88 -21.65
N ALA F 271 -47.25 -5.10 -22.89
CA ALA F 271 -48.67 -5.23 -23.21
C ALA F 271 -48.84 -6.28 -24.30
N LEU F 272 -50.01 -6.91 -24.32
CA LEU F 272 -50.28 -7.95 -25.31
C LEU F 272 -50.69 -7.36 -26.65
N ASP F 273 -51.36 -6.22 -26.63
CA ASP F 273 -51.94 -5.59 -27.81
C ASP F 273 -51.13 -4.34 -28.14
N VAL F 274 -50.11 -4.51 -28.97
CA VAL F 274 -49.28 -3.39 -29.35
C VAL F 274 -49.02 -3.31 -30.83
N ARG F 275 -48.94 -2.07 -31.30
CA ARG F 275 -48.65 -1.73 -32.66
C ARG F 275 -47.68 -0.55 -32.65
N GLY F 276 -46.90 -0.37 -33.68
CA GLY F 276 -45.94 0.72 -33.71
C GLY F 276 -45.54 1.20 -35.09
N ALA F 277 -44.82 2.32 -35.10
CA ALA F 277 -44.30 2.93 -36.31
C ALA F 277 -43.04 3.68 -35.91
N VAL F 278 -42.19 3.96 -36.90
CA VAL F 278 -40.96 4.69 -36.71
C VAL F 278 -41.03 5.94 -37.57
N ALA F 279 -40.81 7.09 -36.95
CA ALA F 279 -40.91 8.37 -37.65
C ALA F 279 -39.70 8.56 -38.55
N PRO F 280 -39.90 8.91 -39.81
CA PRO F 280 -38.75 9.09 -40.72
C PRO F 280 -38.03 10.41 -40.46
N ASN F 281 -36.70 10.36 -40.56
CA ASN F 281 -35.83 11.52 -40.40
C ASN F 281 -36.21 12.35 -39.16
N THR F 282 -36.33 11.66 -38.04
CA THR F 282 -36.76 12.25 -36.79
C THR F 282 -35.86 11.72 -35.69
N GLY F 283 -35.45 12.62 -34.79
CA GLY F 283 -34.63 12.24 -33.66
C GLY F 283 -35.43 11.88 -32.42
N HIS F 284 -34.94 12.34 -31.27
CA HIS F 284 -35.44 11.93 -29.96
C HIS F 284 -36.69 12.65 -29.52
N TRP F 285 -36.97 13.83 -30.08
CA TRP F 285 -38.04 14.70 -29.57
C TRP F 285 -39.18 14.70 -30.58
N LEU F 286 -39.98 13.63 -30.55
CA LEU F 286 -41.05 13.48 -31.54
C LEU F 286 -42.02 14.66 -31.55
N PRO F 287 -42.60 15.11 -30.44
CA PRO F 287 -43.54 16.24 -30.51
C PRO F 287 -42.92 17.51 -31.03
N ASP F 288 -41.63 17.76 -30.75
CA ASP F 288 -40.96 18.95 -31.25
C ASP F 288 -40.57 18.81 -32.71
N GLU F 289 -40.09 17.63 -33.11
CA GLU F 289 -39.47 17.46 -34.41
C GLU F 289 -40.46 17.12 -35.52
N ASN F 290 -41.39 16.20 -35.27
CA ASN F 290 -42.33 15.73 -36.29
C ASN F 290 -43.73 15.60 -35.69
N PRO F 291 -44.35 16.73 -35.33
CA PRO F 291 -45.71 16.66 -34.76
C PRO F 291 -46.76 16.26 -35.78
N ALA F 292 -46.52 16.48 -37.04
CA ALA F 292 -47.45 16.08 -38.05
C ALA F 292 -47.57 14.56 -38.00
N PHE F 293 -46.45 13.86 -38.06
CA PHE F 293 -46.46 12.43 -38.02
C PHE F 293 -47.01 11.94 -36.73
N LEU F 294 -46.65 12.57 -35.64
CA LEU F 294 -47.16 12.14 -34.40
C LEU F 294 -48.65 12.28 -34.31
N THR F 295 -49.20 13.38 -34.80
CA THR F 295 -50.62 13.61 -34.65
C THR F 295 -51.45 12.59 -35.36
N ARG F 296 -51.04 12.27 -36.57
CA ARG F 296 -51.73 11.32 -37.37
C ARG F 296 -51.80 10.02 -36.63
N GLN F 297 -50.65 9.50 -36.25
CA GLN F 297 -50.54 8.23 -35.53
C GLN F 297 -51.45 8.19 -34.31
N LEU F 298 -51.55 9.29 -33.57
CA LEU F 298 -52.44 9.30 -32.41
C LEU F 298 -53.90 9.34 -32.83
N LEU F 299 -54.23 10.11 -33.88
CA LEU F 299 -55.61 10.17 -34.34
C LEU F 299 -56.06 8.84 -34.94
N ASP F 300 -55.26 8.23 -35.78
CA ASP F 300 -55.60 6.94 -36.33
C ASP F 300 -55.71 5.92 -35.23
N PHE F 301 -54.77 5.92 -34.33
CA PHE F 301 -54.78 5.01 -33.21
C PHE F 301 -55.98 5.26 -32.30
N PHE F 302 -56.35 6.51 -32.09
CA PHE F 302 -57.47 6.77 -31.23
C PHE F 302 -58.78 6.35 -31.86
N ARG F 303 -58.82 6.31 -33.18
CA ARG F 303 -59.94 5.81 -33.94
C ARG F 303 -59.92 4.28 -34.11
N PRO G 11 27.94 -24.62 -15.17
CA PRO G 11 27.55 -24.65 -16.57
C PRO G 11 27.78 -25.96 -17.31
N GLY G 12 28.98 -26.51 -17.38
CA GLY G 12 29.20 -27.76 -18.08
C GLY G 12 29.53 -27.83 -19.57
N MET G 13 29.73 -29.06 -20.03
CA MET G 13 30.13 -29.38 -21.38
C MET G 13 29.16 -29.10 -22.49
N PRO G 14 29.67 -28.77 -23.68
CA PRO G 14 28.78 -28.46 -24.82
C PRO G 14 27.83 -29.62 -25.14
N ALA G 15 26.58 -29.25 -25.43
CA ALA G 15 25.55 -30.22 -25.78
C ALA G 15 25.26 -30.16 -27.27
N PRO G 16 25.74 -31.11 -28.07
CA PRO G 16 25.55 -31.01 -29.52
C PRO G 16 24.14 -31.34 -29.98
N GLY G 17 23.80 -30.85 -31.17
CA GLY G 17 22.55 -31.17 -31.83
C GLY G 17 21.50 -30.09 -31.66
N LEU G 18 20.34 -30.34 -32.25
CA LEU G 18 19.20 -29.45 -32.11
C LEU G 18 18.66 -29.51 -30.68
N PRO G 19 18.06 -28.42 -30.19
CA PRO G 19 17.49 -28.44 -28.83
C PRO G 19 16.34 -29.44 -28.74
N ALA G 20 16.08 -29.90 -27.51
CA ALA G 20 15.06 -30.91 -27.26
C ALA G 20 13.70 -30.42 -27.76
N GLY G 21 12.98 -31.33 -28.44
CA GLY G 21 11.68 -31.02 -28.97
C GLY G 21 11.70 -30.33 -30.31
N PHE G 22 12.90 -29.97 -30.82
CA PHE G 22 13.00 -29.22 -32.07
C PHE G 22 12.37 -29.96 -33.24
N GLU G 23 12.47 -31.29 -33.27
CA GLU G 23 11.98 -32.00 -34.44
C GLU G 23 10.51 -31.68 -34.70
N ARG G 24 9.75 -31.73 -33.61
CA ARG G 24 8.32 -31.51 -33.62
C ARG G 24 7.81 -30.18 -34.03
N ARG G 25 8.59 -29.14 -33.89
CA ARG G 25 8.08 -27.82 -34.11
C ARG G 25 8.47 -27.07 -35.36
N PHE G 26 9.41 -27.59 -36.15
CA PHE G 26 9.85 -26.85 -37.30
C PHE G 26 9.85 -27.72 -38.52
N SER G 27 9.73 -27.12 -39.67
CA SER G 27 9.77 -27.88 -40.88
C SER G 27 10.67 -27.36 -42.02
N ARG G 28 11.19 -28.28 -42.81
CA ARG G 28 12.03 -27.96 -43.94
C ARG G 28 11.16 -27.86 -45.15
N ARG G 29 11.39 -26.84 -45.92
CA ARG G 29 10.56 -26.53 -47.07
C ARG G 29 11.46 -26.01 -48.18
N TYR G 30 10.95 -26.05 -49.40
CA TYR G 30 11.64 -25.50 -50.55
C TYR G 30 10.76 -24.44 -51.20
N ALA G 31 11.40 -23.45 -51.80
CA ALA G 31 10.70 -22.44 -52.58
C ALA G 31 11.37 -22.30 -53.93
N GLN G 32 10.64 -22.60 -54.99
CA GLN G 32 11.16 -22.49 -56.35
C GLN G 32 11.02 -21.05 -56.79
N LEU G 33 12.09 -20.38 -57.12
CA LEU G 33 11.96 -19.05 -57.70
C LEU G 33 12.28 -19.16 -59.18
N ASP G 34 12.42 -18.07 -59.90
CA ASP G 34 12.71 -18.19 -61.32
C ASP G 34 13.96 -19.01 -61.67
N ASP G 35 15.11 -18.58 -61.18
CA ASP G 35 16.27 -19.35 -61.50
C ASP G 35 16.50 -20.47 -60.50
N VAL G 36 16.43 -20.08 -59.25
CA VAL G 36 16.81 -20.90 -58.11
C VAL G 36 15.80 -21.45 -57.12
N ARG G 37 16.05 -22.64 -56.61
CA ARG G 37 15.25 -23.18 -55.55
C ARG G 37 15.99 -22.97 -54.23
N LEU G 38 15.30 -22.40 -53.25
CA LEU G 38 15.88 -22.14 -51.94
C LEU G 38 15.32 -23.08 -50.88
N HIS G 39 16.20 -23.53 -50.00
CA HIS G 39 15.80 -24.34 -48.86
C HIS G 39 15.70 -23.44 -47.63
N TYR G 40 14.70 -23.70 -46.78
CA TYR G 40 14.52 -22.92 -45.57
C TYR G 40 13.81 -23.78 -44.55
N VAL G 41 13.97 -23.40 -43.28
CA VAL G 41 13.35 -24.08 -42.15
C VAL G 41 12.41 -23.09 -41.47
N THR G 42 11.23 -23.60 -41.11
CA THR G 42 10.21 -22.85 -40.40
C THR G 42 9.42 -23.61 -39.32
N GLY G 43 8.85 -22.84 -38.40
CA GLY G 43 8.09 -23.33 -37.27
C GLY G 43 7.30 -22.21 -36.63
N GLY G 44 6.42 -22.53 -35.70
CA GLY G 44 5.60 -21.54 -35.05
C GLY G 44 4.32 -21.27 -35.81
N PRO G 45 3.43 -20.43 -35.26
CA PRO G 45 2.16 -20.08 -35.87
C PRO G 45 2.35 -19.36 -37.16
N ASP G 46 1.56 -19.72 -38.15
CA ASP G 46 1.58 -19.18 -39.50
C ASP G 46 1.25 -17.77 -39.69
N ASP G 47 0.35 -17.27 -38.89
CA ASP G 47 -0.16 -15.91 -39.00
C ASP G 47 0.67 -14.85 -38.33
N GLY G 48 1.65 -15.27 -37.57
CA GLY G 48 2.48 -14.35 -36.84
C GLY G 48 3.43 -13.49 -37.64
N GLU G 49 3.95 -12.47 -37.00
CA GLU G 49 4.96 -11.65 -37.65
C GLU G 49 6.13 -12.52 -38.06
N MET G 50 6.59 -12.34 -39.27
CA MET G 50 7.67 -13.17 -39.75
C MET G 50 9.03 -12.68 -39.40
N VAL G 51 9.87 -13.56 -38.89
CA VAL G 51 11.25 -13.24 -38.59
C VAL G 51 12.18 -14.00 -39.51
N VAL G 52 12.88 -13.29 -40.37
CA VAL G 52 13.79 -13.88 -41.35
C VAL G 52 15.21 -13.86 -40.78
N LEU G 53 15.87 -15.00 -40.89
CA LEU G 53 17.21 -15.25 -40.39
C LEU G 53 18.14 -15.60 -41.55
N LEU G 54 19.27 -14.89 -41.66
CA LEU G 54 20.23 -15.08 -42.75
C LEU G 54 21.60 -15.41 -42.15
N HIS G 55 22.04 -16.65 -42.37
CA HIS G 55 23.35 -17.11 -41.90
C HIS G 55 24.47 -16.51 -42.75
N GLY G 56 25.71 -16.89 -42.46
CA GLY G 56 26.84 -16.46 -43.24
C GLY G 56 27.72 -17.62 -43.66
N TRP G 57 29.02 -17.30 -43.87
CA TRP G 57 30.02 -18.29 -44.21
C TRP G 57 30.85 -18.60 -43.00
N PRO G 58 31.13 -19.89 -42.69
CA PRO G 58 30.63 -21.07 -43.40
C PRO G 58 29.48 -21.75 -42.67
N GLN G 59 28.26 -21.28 -42.87
CA GLN G 59 27.15 -21.75 -42.05
C GLN G 59 25.95 -22.15 -42.90
N THR G 60 24.92 -22.68 -42.23
CA THR G 60 23.61 -22.90 -42.82
C THR G 60 22.54 -22.38 -41.85
N TRP G 61 21.26 -22.64 -42.15
CA TRP G 61 20.18 -22.29 -41.22
C TRP G 61 20.46 -22.83 -39.82
N TYR G 62 21.21 -23.93 -39.73
CA TYR G 62 21.44 -24.65 -38.48
C TYR G 62 22.06 -23.78 -37.39
N THR G 63 22.64 -22.63 -37.77
CA THR G 63 23.26 -21.75 -36.78
C THR G 63 22.22 -21.08 -35.87
N TRP G 64 20.95 -21.04 -36.27
CA TRP G 64 19.90 -20.44 -35.48
C TRP G 64 19.15 -21.45 -34.63
N ARG G 65 19.68 -22.67 -34.48
CA ARG G 65 18.92 -23.74 -33.86
C ARG G 65 18.48 -23.39 -32.43
N HIS G 66 19.25 -22.56 -31.74
CA HIS G 66 18.94 -22.18 -30.37
C HIS G 66 18.21 -20.85 -30.27
N VAL G 67 18.01 -20.16 -31.38
CA VAL G 67 17.31 -18.88 -31.39
C VAL G 67 15.87 -19.02 -31.88
N MET G 68 15.66 -19.89 -32.88
CA MET G 68 14.34 -20.01 -33.48
C MET G 68 13.25 -20.54 -32.55
N PRO G 69 13.50 -21.50 -31.64
CA PRO G 69 12.38 -21.97 -30.79
C PRO G 69 11.78 -20.87 -29.94
N ALA G 70 12.60 -20.24 -29.14
CA ALA G 70 12.11 -19.24 -28.25
C ALA G 70 11.46 -18.16 -29.04
N LEU G 71 11.95 -17.92 -30.23
CA LEU G 71 11.41 -16.85 -31.01
C LEU G 71 9.99 -16.98 -31.40
N ALA G 72 9.64 -18.20 -31.72
CA ALA G 72 8.33 -18.41 -32.18
C ALA G 72 7.44 -19.05 -31.12
N GLU G 73 7.94 -19.10 -29.90
CA GLU G 73 7.15 -19.47 -28.76
C GLU G 73 6.35 -18.26 -28.28
N ASP G 74 6.79 -17.08 -28.72
CA ASP G 74 6.27 -15.76 -28.59
C ASP G 74 5.46 -15.43 -29.80
N GLY G 75 5.12 -16.40 -30.64
CA GLY G 75 4.36 -16.15 -31.83
C GLY G 75 4.91 -15.48 -33.05
N TYR G 76 6.17 -15.70 -33.32
CA TYR G 76 6.74 -15.11 -34.52
C TYR G 76 6.76 -16.14 -35.68
N ARG G 77 6.78 -15.73 -36.93
CA ARG G 77 6.89 -16.72 -37.99
C ARG G 77 8.35 -16.86 -38.42
N VAL G 78 9.02 -17.85 -37.91
CA VAL G 78 10.44 -18.03 -38.23
C VAL G 78 10.77 -18.72 -39.56
N VAL G 79 11.50 -18.00 -40.42
CA VAL G 79 11.92 -18.45 -41.73
C VAL G 79 13.44 -18.31 -41.69
N ALA G 80 14.14 -19.44 -41.51
CA ALA G 80 15.60 -19.47 -41.53
C ALA G 80 16.02 -20.02 -42.88
N VAL G 81 16.69 -19.19 -43.68
CA VAL G 81 16.93 -19.46 -45.09
C VAL G 81 18.37 -19.90 -45.28
N ASP G 82 18.56 -20.95 -46.08
CA ASP G 82 19.83 -21.18 -46.75
C ASP G 82 19.85 -20.29 -47.99
N TYR G 83 20.67 -19.25 -48.01
CA TYR G 83 20.63 -18.38 -49.18
C TYR G 83 21.23 -19.08 -50.40
N ARG G 84 21.15 -18.42 -51.54
CA ARG G 84 21.65 -18.95 -52.80
C ARG G 84 23.06 -19.51 -52.63
N GLY G 85 23.23 -20.80 -52.93
CA GLY G 85 24.51 -21.47 -52.88
C GLY G 85 24.85 -22.21 -51.60
N ALA G 86 24.09 -22.04 -50.52
CA ALA G 86 24.45 -22.63 -49.24
C ALA G 86 23.48 -23.73 -48.81
N GLY G 87 23.99 -24.67 -48.01
CA GLY G 87 23.13 -25.69 -47.43
C GLY G 87 22.48 -26.52 -48.52
N GLU G 88 21.17 -26.73 -48.38
CA GLU G 88 20.39 -27.52 -49.32
C GLU G 88 19.83 -26.71 -50.48
N SER G 89 20.21 -25.45 -50.62
CA SER G 89 19.73 -24.64 -51.72
C SER G 89 20.53 -24.92 -53.00
N ASP G 90 19.98 -24.48 -54.13
CA ASP G 90 20.64 -24.63 -55.41
C ASP G 90 21.98 -23.90 -55.42
N LYS G 91 22.85 -24.30 -56.35
CA LYS G 91 24.15 -23.67 -56.55
C LYS G 91 24.25 -23.19 -57.99
N PRO G 92 23.57 -22.10 -58.33
CA PRO G 92 23.62 -21.60 -59.71
C PRO G 92 24.97 -20.99 -60.07
N LEU G 93 25.12 -20.60 -61.34
CA LEU G 93 26.36 -20.03 -61.84
C LEU G 93 26.65 -18.66 -61.23
N GLY G 94 25.64 -17.79 -61.13
CA GLY G 94 25.87 -16.43 -60.69
C GLY G 94 24.85 -15.90 -59.71
N GLY G 95 24.76 -14.57 -59.58
CA GLY G 95 23.85 -13.99 -58.62
C GLY G 95 24.39 -13.95 -57.20
N TYR G 96 25.71 -13.92 -57.04
CA TYR G 96 26.30 -13.99 -55.70
C TYR G 96 26.71 -12.64 -55.15
N ASP G 97 26.44 -11.55 -55.86
CA ASP G 97 26.46 -10.23 -55.24
C ASP G 97 25.32 -10.14 -54.23
N LYS G 98 25.58 -9.46 -53.12
CA LYS G 98 24.65 -9.52 -51.98
C LYS G 98 23.32 -8.84 -52.28
N ALA G 99 23.31 -7.82 -53.16
CA ALA G 99 22.06 -7.15 -53.50
C ALA G 99 21.09 -8.11 -54.19
N SER G 100 21.57 -8.87 -55.19
CA SER G 100 20.70 -9.81 -55.88
C SER G 100 20.27 -10.94 -54.95
N MET G 101 21.15 -11.34 -54.03
CA MET G 101 20.76 -12.34 -53.06
C MET G 101 19.66 -11.83 -52.15
N ALA G 102 19.65 -10.54 -51.85
CA ALA G 102 18.52 -9.97 -51.12
C ALA G 102 17.24 -10.10 -51.92
N GLY G 103 17.31 -9.87 -53.23
CA GLY G 103 16.13 -10.05 -54.07
C GLY G 103 15.59 -11.46 -54.04
N ASP G 104 16.48 -12.45 -53.98
CA ASP G 104 16.04 -13.84 -53.82
C ASP G 104 15.27 -14.01 -52.51
N ILE G 105 15.77 -13.42 -51.42
CA ILE G 105 15.09 -13.55 -50.13
C ILE G 105 13.73 -12.88 -50.18
N ARG G 106 13.63 -11.74 -50.88
CA ARG G 106 12.35 -11.06 -50.97
C ARG G 106 11.35 -11.89 -51.75
N ALA G 107 11.77 -12.48 -52.86
CA ALA G 107 10.86 -13.29 -53.66
C ALA G 107 10.36 -14.49 -52.87
N LEU G 108 11.19 -15.05 -51.98
CA LEU G 108 10.72 -16.15 -51.13
C LEU G 108 9.74 -15.64 -50.08
N VAL G 109 9.97 -14.44 -49.56
CA VAL G 109 9.10 -13.84 -48.55
C VAL G 109 7.71 -13.59 -49.14
N HIS G 110 7.70 -13.09 -50.37
CA HIS G 110 6.49 -12.83 -51.10
C HIS G 110 5.72 -14.13 -51.38
N GLN G 111 6.45 -15.20 -51.58
CA GLN G 111 5.88 -16.49 -51.85
C GLN G 111 5.16 -17.05 -50.67
N LEU G 112 5.70 -16.75 -49.51
CA LEU G 112 5.16 -17.28 -48.27
C LEU G 112 3.98 -16.52 -47.77
N GLY G 113 3.56 -15.54 -48.55
CA GLY G 113 2.43 -14.71 -48.25
C GLY G 113 2.68 -13.47 -47.45
N ALA G 114 3.88 -13.31 -46.94
CA ALA G 114 4.22 -12.12 -46.20
C ALA G 114 4.66 -11.00 -47.11
N THR G 115 4.80 -9.82 -46.57
CA THR G 115 5.22 -8.69 -47.36
C THR G 115 5.86 -7.60 -46.59
N ARG G 116 6.12 -7.84 -45.31
CA ARG G 116 6.87 -6.96 -44.44
C ARG G 116 7.36 -7.84 -43.33
N ILE G 117 8.65 -7.76 -43.00
CA ILE G 117 9.20 -8.64 -41.97
C ILE G 117 10.35 -8.07 -41.16
N HIS G 118 10.77 -8.89 -40.19
CA HIS G 118 11.87 -8.62 -39.30
C HIS G 118 13.09 -9.39 -39.74
N LEU G 119 14.17 -8.66 -39.98
CA LEU G 119 15.33 -9.31 -40.54
C LEU G 119 16.54 -9.34 -39.64
N VAL G 120 17.08 -10.53 -39.45
CA VAL G 120 18.29 -10.73 -38.69
C VAL G 120 19.41 -11.43 -39.48
N GLY G 121 20.57 -10.80 -39.61
CA GLY G 121 21.66 -11.42 -40.33
C GLY G 121 23.06 -11.33 -39.78
N ARG G 122 23.88 -12.36 -40.00
CA ARG G 122 25.29 -12.34 -39.61
C ARG G 122 26.18 -12.74 -40.77
N SER G 123 27.41 -12.25 -40.75
CA SER G 123 28.44 -12.50 -41.77
C SER G 123 27.87 -12.15 -43.14
N ILE G 124 27.93 -13.05 -44.12
CA ILE G 124 27.37 -12.77 -45.45
C ILE G 124 25.90 -12.42 -45.37
N GLY G 125 25.17 -13.03 -44.43
CA GLY G 125 23.75 -12.74 -44.32
C GLY G 125 23.48 -11.32 -43.87
N VAL G 126 24.38 -10.74 -43.08
CA VAL G 126 24.13 -9.36 -42.68
C VAL G 126 24.36 -8.42 -43.83
N MET G 127 25.18 -8.81 -44.82
CA MET G 127 25.30 -8.01 -46.03
C MET G 127 24.06 -8.17 -46.88
N VAL G 128 23.55 -9.41 -47.02
CA VAL G 128 22.27 -9.61 -47.68
C VAL G 128 21.18 -8.86 -46.93
N ALA G 129 21.15 -9.00 -45.59
CA ALA G 129 20.10 -8.35 -44.82
C ALA G 129 20.14 -6.83 -44.97
N TYR G 130 21.34 -6.24 -44.99
CA TYR G 130 21.44 -4.81 -45.23
C TYR G 130 20.98 -4.46 -46.64
N ALA G 131 21.42 -5.25 -47.63
CA ALA G 131 21.00 -4.97 -49.01
C ALA G 131 19.49 -5.09 -49.19
N TYR G 132 18.85 -5.90 -48.39
CA TYR G 132 17.43 -6.01 -48.44
C TYR G 132 16.84 -4.70 -47.95
N ALA G 133 17.25 -4.26 -46.76
CA ALA G 133 16.73 -3.03 -46.20
C ALA G 133 17.08 -1.83 -47.06
N ALA G 134 18.22 -1.86 -47.74
CA ALA G 134 18.62 -0.72 -48.54
C ALA G 134 17.77 -0.59 -49.81
N GLN G 135 17.41 -1.72 -50.43
CA GLN G 135 16.69 -1.67 -51.70
C GLN G 135 15.18 -1.48 -51.50
N TRP G 136 14.63 -2.01 -50.41
CA TRP G 136 13.20 -1.94 -50.13
C TRP G 136 13.03 -1.55 -48.67
N PRO G 137 13.32 -0.30 -48.33
CA PRO G 137 13.24 0.14 -46.93
C PRO G 137 11.90 -0.13 -46.23
N THR G 138 10.85 0.02 -47.00
CA THR G 138 9.50 -0.17 -46.50
C THR G 138 9.19 -1.53 -46.00
N GLU G 139 9.78 -2.55 -46.61
CA GLU G 139 9.49 -3.90 -46.24
C GLU G 139 10.16 -4.41 -45.00
N ILE G 140 11.17 -3.72 -44.51
CA ILE G 140 11.81 -4.20 -43.30
C ILE G 140 11.36 -3.40 -42.11
N VAL G 141 10.70 -4.08 -41.21
CA VAL G 141 10.18 -3.46 -40.03
C VAL G 141 11.35 -3.05 -39.16
N LYS G 142 12.22 -4.02 -38.88
CA LYS G 142 13.40 -3.82 -38.07
C LYS G 142 14.55 -4.64 -38.63
N LEU G 143 15.74 -4.43 -38.10
CA LEU G 143 16.91 -5.17 -38.55
C LEU G 143 18.01 -5.39 -37.51
N ALA G 144 18.40 -6.62 -37.25
CA ALA G 144 19.45 -6.96 -36.31
C ALA G 144 20.71 -7.44 -37.01
N MET G 145 21.75 -6.61 -36.94
CA MET G 145 23.07 -6.89 -37.54
C MET G 145 23.96 -7.57 -36.51
N LEU G 146 24.46 -8.75 -36.86
CA LEU G 146 25.26 -9.57 -35.95
C LEU G 146 26.67 -9.76 -36.50
N ASP G 147 27.67 -9.59 -35.63
CA ASP G 147 28.99 -10.21 -35.74
C ASP G 147 29.96 -9.63 -36.77
N VAL G 148 29.48 -9.21 -37.93
CA VAL G 148 30.39 -8.85 -39.02
C VAL G 148 30.05 -7.48 -39.59
N PRO G 149 31.03 -6.64 -39.93
CA PRO G 149 30.73 -5.39 -40.63
C PRO G 149 30.39 -5.63 -42.10
N VAL G 150 29.63 -4.68 -42.66
CA VAL G 150 29.20 -4.80 -44.05
C VAL G 150 30.16 -4.02 -44.94
N PRO G 151 30.31 -4.40 -46.21
CA PRO G 151 31.18 -3.63 -47.11
C PRO G 151 30.73 -2.18 -47.23
N GLY G 152 31.70 -1.30 -47.49
CA GLY G 152 31.46 0.11 -47.64
C GLY G 152 31.67 0.92 -46.37
N THR G 153 31.53 0.29 -45.20
CA THR G 153 31.70 0.97 -43.94
C THR G 153 33.18 1.15 -43.62
N ARG G 154 33.45 1.97 -42.63
CA ARG G 154 34.77 2.31 -42.24
C ARG G 154 35.43 1.15 -41.60
N ILE G 155 34.74 0.45 -40.76
CA ILE G 155 35.25 -0.73 -40.09
C ILE G 155 35.68 -1.76 -41.12
N TRP G 156 34.89 -1.90 -42.20
CA TRP G 156 35.27 -2.80 -43.28
C TRP G 156 36.54 -2.31 -43.95
N ASP G 157 36.61 -1.01 -44.24
CA ASP G 157 37.76 -0.48 -44.94
C ASP G 157 39.00 -0.49 -44.07
N GLU G 158 38.83 -0.42 -42.74
CA GLU G 158 39.98 -0.42 -41.85
C GLU G 158 40.51 -1.83 -41.61
N ALA G 159 39.64 -2.85 -41.65
CA ALA G 159 40.12 -4.21 -41.61
C ALA G 159 41.00 -4.50 -42.82
N LYS G 160 40.65 -3.93 -43.98
CA LYS G 160 41.44 -4.14 -45.19
C LYS G 160 42.77 -3.40 -45.11
N ALA G 161 42.76 -2.16 -44.62
CA ALA G 161 43.99 -1.38 -44.57
C ALA G 161 44.92 -1.89 -43.47
N SER G 162 44.35 -2.39 -42.37
CA SER G 162 45.15 -2.97 -41.29
C SER G 162 45.82 -4.28 -41.68
N ALA G 163 45.41 -4.90 -42.78
CA ALA G 163 45.72 -6.30 -43.04
C ALA G 163 45.35 -7.11 -41.80
N ASP G 164 44.11 -6.92 -41.37
CA ASP G 164 43.60 -7.58 -40.18
C ASP G 164 43.81 -9.10 -40.29
N PRO G 165 44.43 -9.72 -39.30
CA PRO G 165 44.70 -11.18 -39.41
C PRO G 165 43.47 -12.03 -39.65
N GLN G 166 42.30 -11.53 -39.26
CA GLN G 166 41.06 -12.28 -39.37
C GLN G 166 40.47 -12.45 -40.77
N ILE G 167 40.83 -11.53 -41.67
CA ILE G 167 40.29 -11.60 -43.03
C ILE G 167 41.40 -12.13 -43.94
N TRP G 168 42.32 -12.94 -43.36
CA TRP G 168 43.37 -13.57 -44.15
C TRP G 168 42.77 -14.39 -45.30
N HIS G 169 41.59 -14.97 -45.10
CA HIS G 169 40.99 -15.87 -46.06
C HIS G 169 40.35 -15.14 -47.23
N PHE G 170 40.22 -13.81 -47.18
CA PHE G 170 39.64 -13.10 -48.32
C PHE G 170 40.45 -13.40 -49.58
N GLY G 171 41.77 -13.31 -49.49
CA GLY G 171 42.61 -13.56 -50.65
C GLY G 171 42.42 -14.94 -51.25
N LEU G 172 42.56 -15.99 -50.43
CA LEU G 172 42.44 -17.36 -50.93
C LEU G 172 41.07 -17.60 -51.54
N HIS G 173 40.01 -17.23 -50.83
CA HIS G 173 38.66 -17.47 -51.31
C HIS G 173 38.40 -16.77 -52.63
N GLN G 174 39.12 -15.70 -52.92
CA GLN G 174 38.94 -14.98 -54.17
C GLN G 174 39.75 -15.56 -55.33
N GLN G 175 40.50 -16.64 -55.11
CA GLN G 175 41.22 -17.32 -56.20
C GLN G 175 40.31 -18.40 -56.79
N ARG G 176 39.71 -18.11 -57.95
CA ARG G 176 38.80 -19.07 -58.57
C ARG G 176 39.54 -20.36 -58.95
N ASP G 177 38.92 -21.50 -58.63
CA ASP G 177 39.42 -22.84 -58.91
C ASP G 177 40.55 -23.23 -57.96
N ILE G 178 41.44 -22.28 -57.64
CA ILE G 178 42.54 -22.58 -56.72
C ILE G 178 42.01 -22.90 -55.34
N ALA G 179 41.08 -22.07 -54.84
CA ALA G 179 40.53 -22.33 -53.52
C ALA G 179 39.80 -23.66 -53.47
N GLU G 180 38.97 -23.94 -54.50
CA GLU G 180 38.24 -25.21 -54.52
C GLU G 180 39.19 -26.39 -54.61
N MET G 181 40.24 -26.27 -55.41
CA MET G 181 41.17 -27.38 -55.57
C MET G 181 41.90 -27.69 -54.27
N LEU G 182 42.27 -26.65 -53.50
CA LEU G 182 43.01 -26.88 -52.26
C LEU G 182 42.11 -27.46 -51.18
N ILE G 183 40.87 -26.99 -51.09
CA ILE G 183 40.02 -27.33 -49.95
C ILE G 183 39.10 -28.53 -50.23
N ALA G 184 38.85 -28.87 -51.49
CA ALA G 184 38.01 -30.04 -51.79
C ALA G 184 38.58 -31.29 -51.11
N GLY G 185 37.75 -31.98 -50.35
CA GLY G 185 38.19 -33.12 -49.56
C GLY G 185 38.76 -32.77 -48.20
N LYS G 186 38.99 -31.49 -47.90
CA LYS G 186 39.52 -31.04 -46.61
C LYS G 186 38.57 -30.02 -45.98
N GLU G 187 37.27 -30.13 -46.31
CA GLU G 187 36.30 -29.17 -45.81
C GLU G 187 36.18 -29.22 -44.28
N ARG G 188 36.18 -30.43 -43.72
CA ARG G 188 36.02 -30.57 -42.27
C ARG G 188 37.21 -29.96 -41.51
N ALA G 189 38.42 -30.31 -41.92
CA ALA G 189 39.61 -29.77 -41.25
C ALA G 189 39.72 -28.26 -41.43
N TYR G 190 39.40 -27.77 -42.64
CA TYR G 190 39.49 -26.34 -42.91
C TYR G 190 38.43 -25.57 -42.12
N ILE G 191 37.20 -26.10 -42.06
CA ILE G 191 36.10 -25.35 -41.46
C ILE G 191 36.13 -25.45 -39.94
N LEU G 192 36.50 -26.61 -39.39
CA LEU G 192 36.62 -26.73 -37.95
C LEU G 192 37.70 -25.78 -37.42
N ASP G 193 38.83 -25.66 -38.13
CA ASP G 193 39.88 -24.74 -37.70
C ASP G 193 39.45 -23.29 -37.86
N PHE G 194 38.85 -22.94 -39.00
CA PHE G 194 38.33 -21.60 -39.20
C PHE G 194 37.38 -21.22 -38.08
N TYR G 195 36.56 -22.16 -37.63
CA TYR G 195 35.59 -21.92 -36.58
C TYR G 195 36.19 -21.79 -35.22
N LYS G 196 37.06 -22.70 -34.85
CA LYS G 196 37.57 -22.70 -33.49
C LYS G 196 38.51 -21.51 -33.24
N LYS G 197 39.21 -21.05 -34.28
CA LYS G 197 40.08 -19.90 -34.11
C LYS G 197 39.31 -18.62 -33.81
N ARG G 198 38.02 -18.58 -34.14
CA ARG G 198 37.21 -17.39 -33.96
C ARG G 198 36.19 -17.51 -32.84
N THR G 199 36.08 -18.66 -32.19
CA THR G 199 35.17 -18.84 -31.07
C THR G 199 35.84 -18.54 -29.74
N HIS G 200 35.02 -18.24 -28.73
CA HIS G 200 35.48 -18.20 -27.35
C HIS G 200 34.81 -19.23 -26.46
N VAL G 201 33.49 -19.45 -26.60
CA VAL G 201 32.84 -20.55 -25.91
C VAL G 201 33.18 -21.85 -26.62
N ALA G 202 33.56 -22.87 -25.84
CA ALA G 202 33.89 -24.16 -26.41
C ALA G 202 32.65 -24.78 -27.05
N LEU G 203 32.76 -25.17 -28.32
CA LEU G 203 31.67 -25.78 -29.05
C LEU G 203 31.98 -27.23 -29.38
N SER G 204 30.93 -27.97 -29.70
CA SER G 204 31.09 -29.39 -29.99
C SER G 204 31.50 -29.58 -31.45
N ASN G 205 32.42 -30.51 -31.67
CA ASN G 205 32.84 -30.82 -33.04
C ASN G 205 31.64 -31.26 -33.87
N ASP G 206 30.72 -32.03 -33.26
CA ASP G 206 29.57 -32.57 -33.99
C ASP G 206 28.70 -31.47 -34.57
N ASP G 207 28.60 -30.33 -33.89
CA ASP G 207 27.83 -29.22 -34.41
C ASP G 207 28.57 -28.52 -35.55
N ILE G 208 29.88 -28.30 -35.39
CA ILE G 208 30.65 -27.67 -36.46
C ILE G 208 30.70 -28.56 -37.69
N ALA G 209 30.71 -29.88 -37.50
CA ALA G 209 30.76 -30.82 -38.62
C ALA G 209 29.53 -30.74 -39.51
N VAL G 210 28.39 -30.29 -38.95
CA VAL G 210 27.19 -30.10 -39.75
C VAL G 210 27.43 -29.05 -40.83
N TYR G 211 28.06 -27.94 -40.46
CA TYR G 211 28.43 -26.92 -41.44
C TYR G 211 29.42 -27.47 -42.45
N ALA G 212 30.47 -28.14 -41.94
CA ALA G 212 31.53 -28.62 -42.82
C ALA G 212 30.98 -29.59 -43.85
N ASP G 213 30.09 -30.49 -43.42
CA ASP G 213 29.55 -31.48 -44.35
C ASP G 213 28.72 -30.82 -45.45
N ALA G 214 27.98 -29.74 -45.14
CA ALA G 214 27.25 -29.04 -46.18
C ALA G 214 28.20 -28.45 -47.21
N TYR G 215 29.32 -27.87 -46.77
CA TYR G 215 30.24 -27.24 -47.71
C TYR G 215 31.07 -28.27 -48.46
N ALA G 216 31.02 -29.55 -48.07
CA ALA G 216 31.62 -30.62 -48.86
C ALA G 216 30.72 -31.08 -50.00
N ALA G 217 29.45 -30.68 -50.02
CA ALA G 217 28.51 -31.09 -51.05
C ALA G 217 28.89 -30.50 -52.41
N PRO G 218 28.47 -31.14 -53.51
CA PRO G 218 28.88 -30.69 -54.85
C PRO G 218 28.51 -29.24 -55.12
N GLY G 219 29.51 -28.44 -55.48
CA GLY G 219 29.28 -27.05 -55.79
C GLY G 219 29.22 -26.10 -54.60
N ALA G 220 29.15 -26.63 -53.37
CA ALA G 220 28.98 -25.76 -52.20
C ALA G 220 30.24 -24.94 -51.91
N LEU G 221 31.43 -25.49 -52.17
CA LEU G 221 32.65 -24.71 -52.04
C LEU G 221 32.66 -23.57 -53.04
N ARG G 222 32.40 -23.89 -54.31
CA ARG G 222 32.39 -22.86 -55.34
C ARG G 222 31.38 -21.76 -55.03
N ALA G 223 30.17 -22.16 -54.65
CA ALA G 223 29.12 -21.16 -54.43
C ALA G 223 29.47 -20.23 -53.27
N GLY G 224 29.98 -20.77 -52.17
CA GLY G 224 30.39 -19.93 -51.06
C GLY G 224 31.54 -19.01 -51.42
N PHE G 225 32.51 -19.52 -52.20
CA PHE G 225 33.66 -18.70 -52.55
C PHE G 225 33.30 -17.58 -53.51
N GLU G 226 32.26 -17.79 -54.33
CA GLU G 226 31.79 -16.73 -55.21
C GLU G 226 31.18 -15.58 -54.42
N LEU G 227 30.74 -15.85 -53.18
CA LEU G 227 30.35 -14.76 -52.30
C LEU G 227 31.52 -13.81 -52.05
N TYR G 228 32.72 -14.37 -51.85
CA TYR G 228 33.91 -13.54 -51.65
C TYR G 228 34.41 -12.93 -52.95
N ARG G 229 34.23 -13.64 -54.07
CA ARG G 229 34.67 -13.12 -55.35
C ARG G 229 33.85 -11.93 -55.81
N ALA G 230 32.66 -11.74 -55.24
CA ALA G 230 31.82 -10.59 -55.58
C ALA G 230 32.06 -9.38 -54.67
N PHE G 231 32.94 -9.50 -53.67
CA PHE G 231 33.17 -8.41 -52.73
C PHE G 231 33.46 -7.08 -53.40
N PRO G 232 34.34 -6.97 -54.42
CA PRO G 232 34.51 -5.65 -55.04
C PRO G 232 33.23 -5.08 -55.61
N GLN G 233 32.40 -5.91 -56.24
CA GLN G 233 31.12 -5.42 -56.74
C GLN G 233 30.22 -4.97 -55.60
N ASP G 234 30.24 -5.70 -54.49
CA ASP G 234 29.42 -5.33 -53.34
C ASP G 234 29.87 -4.00 -52.74
N GLU G 235 31.19 -3.74 -52.73
CA GLU G 235 31.71 -2.50 -52.15
C GLU G 235 31.15 -1.28 -52.89
N THR G 236 31.22 -1.31 -54.22
CA THR G 236 30.64 -0.22 -55.01
C THR G 236 29.14 -0.09 -54.74
N ARG G 237 28.42 -1.22 -54.73
CA ARG G 237 26.97 -1.20 -54.60
C ARG G 237 26.52 -0.71 -53.22
N PHE G 238 27.22 -1.13 -52.16
CA PHE G 238 26.81 -0.78 -50.80
C PHE G 238 27.09 0.68 -50.50
N LYS G 239 28.20 1.20 -51.05
CA LYS G 239 28.56 2.61 -50.94
C LYS G 239 27.46 3.49 -51.51
N ALA G 240 26.85 3.05 -52.60
CA ALA G 240 25.68 3.76 -53.13
C ALA G 240 24.51 3.69 -52.16
N PHE G 241 24.29 2.54 -51.54
CA PHE G 241 23.18 2.36 -50.61
C PHE G 241 23.34 3.20 -49.35
N MET G 242 24.57 3.39 -48.90
CA MET G 242 24.76 4.09 -47.66
C MET G 242 24.64 5.58 -47.70
N LYS G 243 24.50 6.12 -48.90
CA LYS G 243 24.25 7.55 -49.05
C LYS G 243 22.81 7.90 -48.67
N HIS G 244 22.02 6.88 -48.34
CA HIS G 244 20.67 7.02 -47.83
C HIS G 244 20.67 6.11 -46.60
N LYS G 245 20.76 6.76 -45.43
CA LYS G 245 20.84 6.13 -44.13
C LYS G 245 19.48 5.43 -43.89
N LEU G 246 19.48 4.27 -43.21
CA LEU G 246 18.25 3.46 -43.05
C LEU G 246 17.28 4.11 -42.06
N PRO G 247 15.95 4.06 -42.35
CA PRO G 247 14.95 4.73 -41.48
C PRO G 247 14.44 3.87 -40.33
N MET G 248 14.55 2.55 -40.49
CA MET G 248 14.06 1.56 -39.55
C MET G 248 14.91 1.49 -38.30
N PRO G 249 14.37 0.98 -37.19
CA PRO G 249 15.22 0.68 -36.02
C PRO G 249 16.16 -0.46 -36.36
N VAL G 250 17.41 -0.33 -35.91
CA VAL G 250 18.48 -1.30 -36.17
C VAL G 250 19.16 -1.64 -34.87
N LEU G 251 19.40 -2.94 -34.65
CA LEU G 251 20.11 -3.46 -33.49
C LEU G 251 21.40 -4.11 -33.94
N ALA G 252 22.50 -3.77 -33.27
CA ALA G 252 23.83 -4.28 -33.60
C ALA G 252 24.38 -5.07 -32.43
N LEU G 253 24.85 -6.29 -32.69
CA LEU G 253 25.38 -7.17 -31.66
C LEU G 253 26.65 -7.83 -32.16
N ALA G 254 27.59 -8.04 -31.25
CA ALA G 254 28.83 -8.77 -31.52
C ALA G 254 29.45 -9.16 -30.20
N GLY G 255 30.32 -10.17 -30.26
CA GLY G 255 30.98 -10.63 -29.06
C GLY G 255 32.16 -9.75 -28.69
N ASP G 256 32.43 -9.66 -27.38
CA ASP G 256 33.48 -8.75 -26.92
C ASP G 256 34.87 -9.22 -27.33
N LYS G 257 35.01 -10.50 -27.63
CA LYS G 257 36.31 -11.06 -28.01
C LYS G 257 36.60 -10.96 -29.51
N SER G 258 35.64 -10.50 -30.30
CA SER G 258 35.84 -10.38 -31.73
C SER G 258 35.64 -8.93 -32.13
N ASN G 259 34.57 -8.61 -32.86
CA ASN G 259 34.43 -7.24 -33.35
C ASN G 259 33.85 -6.29 -32.30
N GLY G 260 33.36 -6.83 -31.23
CA GLY G 260 32.83 -6.02 -30.17
C GLY G 260 31.95 -4.85 -30.50
N ALA G 261 32.41 -3.67 -30.18
CA ALA G 261 31.62 -2.48 -30.35
C ALA G 261 31.67 -1.83 -31.69
N LYS G 262 32.64 -2.18 -32.49
CA LYS G 262 32.61 -1.60 -33.82
C LYS G 262 31.51 -2.20 -34.68
N GLU G 263 30.89 -3.29 -34.24
CA GLU G 263 29.66 -3.73 -34.89
C GLU G 263 28.58 -2.67 -34.69
N LEU G 264 28.62 -1.99 -33.57
CA LEU G 264 27.70 -0.91 -33.29
C LEU G 264 28.14 0.30 -34.07
N ASP G 265 29.41 0.60 -34.04
CA ASP G 265 29.93 1.72 -34.83
C ASP G 265 29.62 1.53 -36.31
N MET G 266 29.78 0.31 -36.81
CA MET G 266 29.49 0.04 -38.22
C MET G 266 28.02 0.32 -38.53
N ALA G 267 27.12 -0.08 -37.63
CA ALA G 267 25.70 0.11 -37.88
C ALA G 267 25.32 1.59 -37.88
N ARG G 268 26.06 2.44 -37.14
CA ARG G 268 25.71 3.86 -37.10
C ARG G 268 26.03 4.56 -38.39
N GLU G 269 26.89 3.94 -39.17
CA GLU G 269 27.27 4.48 -40.45
C GLU G 269 26.15 4.32 -41.42
N LEU G 270 25.37 3.27 -41.23
CA LEU G 270 24.27 2.92 -42.10
C LEU G 270 22.88 3.34 -41.70
N ALA G 271 22.58 3.28 -40.41
CA ALA G 271 21.24 3.55 -39.88
C ALA G 271 21.11 4.50 -38.69
N LEU G 272 20.11 5.36 -38.82
CA LEU G 272 19.72 6.40 -37.85
C LEU G 272 19.30 5.97 -36.47
N ASP G 273 18.36 5.07 -36.41
CA ASP G 273 17.80 4.58 -35.15
C ASP G 273 18.49 3.26 -34.84
N VAL G 274 19.56 3.34 -34.06
CA VAL G 274 20.43 2.21 -33.75
C VAL G 274 20.61 2.13 -32.24
N ARG G 275 20.65 0.91 -31.76
CA ARG G 275 20.97 0.58 -30.40
C ARG G 275 21.84 -0.68 -30.48
N GLY G 276 22.63 -0.93 -29.46
CA GLY G 276 23.48 -2.09 -29.52
C GLY G 276 23.88 -2.55 -28.15
N ALA G 277 24.50 -3.72 -28.13
CA ALA G 277 25.03 -4.34 -26.94
C ALA G 277 26.20 -5.19 -27.41
N VAL G 278 27.06 -5.53 -26.46
CA VAL G 278 28.22 -6.36 -26.68
C VAL G 278 28.09 -7.58 -25.77
N ALA G 279 28.19 -8.77 -26.36
CA ALA G 279 28.01 -10.03 -25.61
C ALA G 279 29.26 -10.36 -24.80
N PRO G 280 29.12 -10.67 -23.51
CA PRO G 280 30.31 -10.99 -22.69
C PRO G 280 30.85 -12.41 -22.88
N ASN G 281 32.17 -12.53 -22.85
CA ASN G 281 32.89 -13.75 -23.00
C ASN G 281 32.46 -14.62 -24.16
N THR G 282 32.23 -14.01 -25.32
CA THR G 282 31.79 -14.65 -26.55
C THR G 282 32.56 -14.10 -27.75
N GLY G 283 32.93 -15.01 -28.65
CA GLY G 283 33.68 -14.71 -29.85
C GLY G 283 32.85 -14.33 -31.06
N HIS G 284 33.24 -14.85 -32.23
CA HIS G 284 32.67 -14.39 -33.51
C HIS G 284 31.29 -14.96 -33.83
N TRP G 285 30.90 -16.09 -33.24
CA TRP G 285 29.70 -16.83 -33.66
C TRP G 285 28.60 -16.67 -32.61
N LEU G 286 27.95 -15.51 -32.62
CA LEU G 286 26.94 -15.24 -31.59
C LEU G 286 25.84 -16.28 -31.53
N PRO G 287 25.20 -16.68 -32.64
CA PRO G 287 24.12 -17.69 -32.52
C PRO G 287 24.62 -19.01 -31.97
N ASP G 288 25.86 -19.37 -32.28
CA ASP G 288 26.43 -20.62 -31.77
C ASP G 288 26.94 -20.49 -30.34
N GLU G 289 27.56 -19.36 -30.00
CA GLU G 289 28.30 -19.27 -28.75
C GLU G 289 27.41 -18.86 -27.58
N ASN G 290 26.62 -17.83 -27.78
CA ASN G 290 25.73 -17.36 -26.77
C ASN G 290 24.36 -17.01 -27.35
N PRO G 291 23.56 -18.03 -27.63
CA PRO G 291 22.20 -17.97 -28.12
C PRO G 291 21.30 -17.35 -27.05
N ALA G 292 21.60 -17.70 -25.82
CA ALA G 292 20.87 -17.26 -24.67
C ALA G 292 20.86 -15.76 -24.56
N PHE G 293 22.02 -15.14 -24.69
CA PHE G 293 22.14 -13.71 -24.66
C PHE G 293 21.46 -13.18 -25.86
N LEU G 294 21.68 -13.84 -26.98
CA LEU G 294 21.10 -13.39 -28.24
C LEU G 294 19.60 -13.42 -28.37
N THR G 295 18.95 -14.49 -27.95
CA THR G 295 17.52 -14.56 -28.08
C THR G 295 16.92 -13.52 -27.20
N ARG G 296 17.32 -13.53 -25.93
CA ARG G 296 16.92 -12.55 -24.96
C ARG G 296 17.12 -11.17 -25.53
N GLN G 297 18.24 -10.87 -26.17
CA GLN G 297 18.39 -9.57 -26.79
C GLN G 297 17.42 -9.37 -27.93
N LEU G 298 17.20 -10.40 -28.73
CA LEU G 298 16.29 -10.29 -29.88
C LEU G 298 14.83 -10.12 -29.47
N LEU G 299 14.40 -10.94 -28.53
CA LEU G 299 13.04 -10.89 -28.07
C LEU G 299 12.75 -9.53 -27.49
N ASP G 300 13.64 -8.94 -26.70
CA ASP G 300 13.35 -7.59 -26.17
C ASP G 300 13.27 -6.59 -27.29
N PHE G 301 14.17 -6.69 -28.23
CA PHE G 301 14.22 -5.74 -29.32
C PHE G 301 12.95 -5.81 -30.10
N PHE G 302 12.37 -6.99 -30.04
CA PHE G 302 11.16 -7.34 -30.72
C PHE G 302 9.92 -7.23 -29.83
N ARG G 303 9.80 -6.09 -29.14
CA ARG G 303 8.69 -5.74 -28.28
C ARG G 303 8.44 -4.29 -28.57
N PRO H 11 -7.66 40.43 30.45
CA PRO H 11 -7.59 39.25 29.59
C PRO H 11 -6.83 39.42 28.29
N GLY H 12 -7.53 39.77 27.23
CA GLY H 12 -6.86 39.90 25.97
C GLY H 12 -7.78 39.61 24.85
N MET H 13 -7.23 39.75 23.66
CA MET H 13 -7.99 39.55 22.48
C MET H 13 -8.31 38.08 22.28
N PRO H 14 -9.40 37.81 21.55
CA PRO H 14 -9.81 36.43 21.22
C PRO H 14 -8.68 35.68 20.52
N ALA H 15 -8.50 34.42 20.92
CA ALA H 15 -7.47 33.56 20.36
C ALA H 15 -8.11 32.51 19.46
N PRO H 16 -8.00 32.62 18.14
CA PRO H 16 -8.71 31.68 17.25
C PRO H 16 -8.04 30.32 17.20
N GLY H 17 -8.82 29.33 16.79
CA GLY H 17 -8.30 28.00 16.52
C GLY H 17 -8.52 27.06 17.69
N LEU H 18 -8.06 25.82 17.47
CA LEU H 18 -8.11 24.81 18.51
C LEU H 18 -7.11 25.13 19.62
N PRO H 19 -7.42 24.74 20.86
CA PRO H 19 -6.47 24.93 21.95
C PRO H 19 -5.21 24.10 21.75
N ALA H 20 -4.14 24.55 22.40
CA ALA H 20 -2.84 23.91 22.28
C ALA H 20 -2.91 22.44 22.68
N GLY H 21 -2.26 21.60 21.88
CA GLY H 21 -2.19 20.18 22.18
C GLY H 21 -3.40 19.38 21.76
N PHE H 22 -4.48 20.06 21.33
CA PHE H 22 -5.70 19.35 20.95
C PHE H 22 -5.40 18.31 19.88
N GLU H 23 -4.47 18.66 19.03
CA GLU H 23 -4.11 17.86 17.88
C GLU H 23 -3.44 16.57 18.19
N ARG H 24 -2.63 16.55 19.21
CA ARG H 24 -1.95 15.32 19.56
C ARG H 24 -2.85 14.41 20.42
N ARG H 25 -3.99 14.90 20.84
CA ARG H 25 -4.83 14.18 21.76
C ARG H 25 -6.20 13.79 21.27
N PHE H 26 -6.57 14.24 20.09
CA PHE H 26 -7.88 13.95 19.52
C PHE H 26 -7.77 13.54 18.06
N SER H 27 -8.81 12.88 17.56
CA SER H 27 -8.78 12.30 16.23
C SER H 27 -10.13 12.44 15.52
N ARG H 28 -10.07 12.57 14.20
CA ARG H 28 -11.26 12.57 13.35
C ARG H 28 -11.54 11.14 12.89
N ARG H 29 -12.82 10.74 12.96
CA ARG H 29 -13.22 9.38 12.64
C ARG H 29 -14.54 9.42 11.89
N TYR H 30 -14.86 8.30 11.25
CA TYR H 30 -16.15 8.13 10.60
C TYR H 30 -16.86 6.91 11.13
N ALA H 31 -18.18 6.97 11.15
CA ALA H 31 -19.01 5.82 11.52
C ALA H 31 -20.03 5.63 10.42
N GLN H 32 -20.02 4.48 9.80
CA GLN H 32 -20.97 4.20 8.78
C GLN H 32 -22.18 3.53 9.30
N LEU H 33 -23.32 4.18 9.12
CA LEU H 33 -24.61 3.63 9.44
C LEU H 33 -25.18 2.96 8.19
N ASP H 34 -26.43 2.57 8.20
CA ASP H 34 -26.92 1.76 7.08
C ASP H 34 -26.81 2.35 5.69
N ASP H 35 -27.05 3.64 5.54
CA ASP H 35 -26.79 4.30 4.27
C ASP H 35 -26.02 5.62 4.47
N VAL H 36 -25.97 6.10 5.72
CA VAL H 36 -25.37 7.36 6.06
C VAL H 36 -24.11 7.35 6.89
N ARG H 37 -23.08 8.09 6.50
CA ARG H 37 -21.85 8.13 7.27
C ARG H 37 -21.79 9.41 8.08
N LEU H 38 -21.50 9.29 9.37
CA LEU H 38 -21.37 10.41 10.27
C LEU H 38 -19.90 10.61 10.62
N HIS H 39 -19.49 11.86 10.70
CA HIS H 39 -18.14 12.27 11.10
C HIS H 39 -18.18 12.69 12.57
N TYR H 40 -17.12 12.36 13.31
CA TYR H 40 -17.02 12.75 14.71
C TYR H 40 -15.56 12.85 15.10
N VAL H 41 -15.31 13.61 16.16
CA VAL H 41 -13.98 13.79 16.74
C VAL H 41 -14.02 13.26 18.16
N THR H 42 -13.04 12.43 18.50
CA THR H 42 -13.10 11.72 19.76
C THR H 42 -11.71 11.70 20.39
N GLY H 43 -11.70 11.65 21.72
CA GLY H 43 -10.47 11.57 22.51
C GLY H 43 -10.83 11.18 23.93
N GLY H 44 -9.79 11.03 24.75
CA GLY H 44 -9.97 10.55 26.10
C GLY H 44 -9.84 9.04 26.20
N PRO H 45 -10.05 8.51 27.41
CA PRO H 45 -9.85 7.06 27.62
C PRO H 45 -10.87 6.21 26.86
N ASP H 46 -10.36 5.14 26.25
CA ASP H 46 -11.24 4.20 25.55
C ASP H 46 -12.19 3.52 26.53
N ASP H 47 -11.79 3.40 27.78
CA ASP H 47 -12.55 2.74 28.82
C ASP H 47 -13.44 3.69 29.63
N GLY H 48 -13.26 5.00 29.48
CA GLY H 48 -13.97 5.94 30.32
C GLY H 48 -15.44 6.05 29.96
N GLU H 49 -16.20 6.67 30.86
CA GLU H 49 -17.60 6.95 30.57
C GLU H 49 -17.68 7.89 29.38
N MET H 50 -18.51 7.53 28.40
CA MET H 50 -18.58 8.28 27.16
C MET H 50 -19.52 9.48 27.31
N VAL H 51 -19.03 10.65 26.90
CA VAL H 51 -19.82 11.88 26.88
C VAL H 51 -19.96 12.33 25.43
N VAL H 52 -21.20 12.37 24.93
CA VAL H 52 -21.48 12.77 23.56
C VAL H 52 -21.93 14.22 23.54
N LEU H 53 -21.29 15.04 22.69
CA LEU H 53 -21.58 16.46 22.58
C LEU H 53 -22.15 16.74 21.19
N LEU H 54 -23.32 17.37 21.15
CA LEU H 54 -24.07 17.58 19.91
C LEU H 54 -24.25 19.07 19.70
N HIS H 55 -23.65 19.59 18.63
CA HIS H 55 -23.77 20.98 18.25
C HIS H 55 -25.16 21.27 17.69
N GLY H 56 -25.37 22.51 17.29
CA GLY H 56 -26.59 22.95 16.62
C GLY H 56 -26.26 23.68 15.33
N TRP H 57 -27.18 24.56 14.93
CA TRP H 57 -27.09 25.38 13.73
C TRP H 57 -26.68 26.81 14.09
N PRO H 58 -25.73 27.42 13.35
CA PRO H 58 -24.98 26.80 12.26
C PRO H 58 -23.60 26.35 12.69
N GLN H 59 -23.48 25.13 13.22
CA GLN H 59 -22.24 24.70 13.86
C GLN H 59 -21.82 23.33 13.36
N THR H 60 -20.65 22.92 13.82
CA THR H 60 -20.12 21.56 13.68
C THR H 60 -19.58 21.14 15.05
N TRP H 61 -18.92 19.97 15.10
CA TRP H 61 -18.24 19.55 16.32
C TRP H 61 -17.29 20.62 16.84
N TYR H 62 -16.79 21.47 15.94
CA TYR H 62 -15.75 22.44 16.27
C TYR H 62 -16.16 23.38 17.40
N THR H 63 -17.46 23.50 17.69
CA THR H 63 -17.90 24.41 18.73
C THR H 63 -17.49 23.95 20.13
N TRP H 64 -17.17 22.66 20.31
CA TRP H 64 -16.78 22.11 21.59
C TRP H 64 -15.28 22.12 21.82
N ARG H 65 -14.53 22.84 20.97
CA ARG H 65 -13.07 22.74 20.98
C ARG H 65 -12.45 23.12 22.32
N HIS H 66 -13.10 24.01 23.07
CA HIS H 66 -12.59 24.45 24.36
C HIS H 66 -13.18 23.67 25.52
N VAL H 67 -14.12 22.78 25.26
CA VAL H 67 -14.74 21.96 26.29
C VAL H 67 -14.22 20.53 26.27
N MET H 68 -13.97 19.98 25.08
CA MET H 68 -13.54 18.59 24.97
C MET H 68 -12.23 18.26 25.67
N PRO H 69 -11.24 19.12 25.65
CA PRO H 69 -10.01 18.73 26.31
C PRO H 69 -10.17 18.49 27.80
N ALA H 70 -10.85 19.38 28.48
CA ALA H 70 -11.01 19.24 29.88
C ALA H 70 -11.77 18.01 30.24
N LEU H 71 -12.81 17.68 29.51
CA LEU H 71 -13.56 16.49 29.81
C LEU H 71 -12.69 15.31 29.69
N ALA H 72 -11.85 15.32 28.69
CA ALA H 72 -10.93 14.20 28.55
C ALA H 72 -9.86 14.18 29.63
N GLU H 73 -9.49 15.30 30.20
CA GLU H 73 -8.42 15.28 31.18
C GLU H 73 -8.90 14.64 32.47
N ASP H 74 -10.20 14.58 32.62
CA ASP H 74 -10.89 14.00 33.75
C ASP H 74 -11.36 12.57 33.50
N GLY H 75 -10.81 11.91 32.47
CA GLY H 75 -11.08 10.51 32.26
C GLY H 75 -12.32 10.18 31.47
N TYR H 76 -12.99 11.17 30.89
CA TYR H 76 -14.18 10.90 30.08
C TYR H 76 -13.80 10.61 28.64
N ARG H 77 -14.59 9.74 28.00
CA ARG H 77 -14.44 9.41 26.58
C ARG H 77 -15.31 10.37 25.77
N VAL H 78 -14.68 11.38 25.19
CA VAL H 78 -15.40 12.46 24.51
C VAL H 78 -15.74 12.06 23.08
N VAL H 79 -17.00 12.26 22.70
CA VAL H 79 -17.45 11.97 21.34
C VAL H 79 -18.24 13.19 20.86
N ALA H 80 -17.62 14.03 20.04
CA ALA H 80 -18.26 15.22 19.46
C ALA H 80 -18.64 14.90 18.02
N VAL H 81 -19.94 14.87 17.74
CA VAL H 81 -20.48 14.35 16.48
C VAL H 81 -20.99 15.50 15.62
N ASP H 82 -20.67 15.44 14.32
CA ASP H 82 -21.41 16.15 13.30
C ASP H 82 -22.67 15.35 12.98
N TYR H 83 -23.83 15.85 13.38
CA TYR H 83 -25.03 15.06 13.13
C TYR H 83 -25.35 15.02 11.63
N ARG H 84 -26.35 14.20 11.30
CA ARG H 84 -26.77 14.00 9.91
C ARG H 84 -26.94 15.32 9.17
N GLY H 85 -26.18 15.46 8.07
CA GLY H 85 -26.28 16.62 7.21
C GLY H 85 -25.32 17.76 7.51
N ALA H 86 -24.63 17.74 8.65
CA ALA H 86 -23.76 18.83 9.06
C ALA H 86 -22.28 18.42 8.98
N GLY H 87 -21.43 19.42 8.82
CA GLY H 87 -19.99 19.18 8.86
C GLY H 87 -19.55 18.22 7.77
N GLU H 88 -18.70 17.26 8.16
CA GLU H 88 -18.17 16.28 7.23
C GLU H 88 -19.04 15.03 7.11
N SER H 89 -20.22 15.04 7.71
CA SER H 89 -21.13 13.90 7.57
C SER H 89 -21.91 13.97 6.26
N ASP H 90 -22.47 12.84 5.88
CA ASP H 90 -23.24 12.72 4.65
C ASP H 90 -24.45 13.63 4.70
N LYS H 91 -24.98 13.94 3.53
CA LYS H 91 -26.13 14.82 3.36
C LYS H 91 -27.23 14.03 2.65
N PRO H 92 -27.91 13.16 3.37
CA PRO H 92 -28.96 12.35 2.74
C PRO H 92 -30.18 13.18 2.39
N LEU H 93 -31.15 12.56 1.72
CA LEU H 93 -32.36 13.26 1.33
C LEU H 93 -33.21 13.63 2.53
N GLY H 94 -33.37 12.71 3.48
CA GLY H 94 -34.28 12.95 4.59
C GLY H 94 -33.76 12.48 5.93
N GLY H 95 -34.69 12.28 6.88
CA GLY H 95 -34.30 11.86 8.20
C GLY H 95 -33.87 12.99 9.10
N TYR H 96 -34.38 14.20 8.86
CA TYR H 96 -33.93 15.37 9.61
C TYR H 96 -34.86 15.74 10.75
N ASP H 97 -35.90 14.95 11.02
CA ASP H 97 -36.64 15.09 12.27
C ASP H 97 -35.75 14.68 13.45
N LYS H 98 -35.91 15.39 14.56
CA LYS H 98 -34.95 15.24 15.66
C LYS H 98 -35.02 13.86 16.29
N ALA H 99 -36.19 13.22 16.25
CA ALA H 99 -36.32 11.89 16.82
C ALA H 99 -35.45 10.88 16.07
N SER H 100 -35.54 10.89 14.73
CA SER H 100 -34.75 9.95 13.94
C SER H 100 -33.26 10.26 14.00
N MET H 101 -32.90 11.55 14.06
CA MET H 101 -31.50 11.91 14.21
C MET H 101 -30.93 11.45 15.54
N ALA H 102 -31.77 11.39 16.58
CA ALA H 102 -31.34 10.78 17.83
C ALA H 102 -31.00 9.30 17.61
N GLY H 103 -31.77 8.63 16.75
CA GLY H 103 -31.47 7.25 16.41
C GLY H 103 -30.11 7.10 15.75
N ASP H 104 -29.73 8.08 14.91
CA ASP H 104 -28.41 8.06 14.30
C ASP H 104 -27.32 8.07 15.37
N ILE H 105 -27.44 8.96 16.35
CA ILE H 105 -26.43 9.07 17.40
C ILE H 105 -26.42 7.82 18.25
N ARG H 106 -27.58 7.22 18.48
CA ARG H 106 -27.62 5.98 19.25
C ARG H 106 -26.91 4.86 18.49
N ALA H 107 -27.14 4.77 17.19
CA ALA H 107 -26.48 3.74 16.39
C ALA H 107 -24.96 3.90 16.44
N LEU H 108 -24.50 5.15 16.43
CA LEU H 108 -23.05 5.37 16.53
C LEU H 108 -22.54 5.03 17.92
N VAL H 109 -23.32 5.34 18.96
CA VAL H 109 -22.91 5.01 20.32
C VAL H 109 -22.80 3.50 20.49
N HIS H 110 -23.75 2.75 19.95
CA HIS H 110 -23.67 1.30 20.04
C HIS H 110 -22.50 0.77 19.22
N GLN H 111 -22.22 1.39 18.08
CA GLN H 111 -21.13 0.94 17.23
C GLN H 111 -19.76 1.12 17.88
N LEU H 112 -19.65 2.05 18.83
CA LEU H 112 -18.40 2.25 19.56
C LEU H 112 -18.30 1.38 20.81
N GLY H 113 -19.24 0.46 21.01
CA GLY H 113 -19.14 -0.46 22.12
C GLY H 113 -19.76 0.00 23.41
N ALA H 114 -20.38 1.18 23.43
CA ALA H 114 -20.96 1.77 24.65
C ALA H 114 -22.46 1.52 24.75
N THR H 115 -23.01 1.74 25.96
CA THR H 115 -24.44 1.53 26.19
C THR H 115 -25.11 2.65 26.96
N ARG H 116 -24.40 3.21 27.93
CA ARG H 116 -24.88 4.30 28.75
C ARG H 116 -23.92 5.45 28.62
N ILE H 117 -24.45 6.62 28.29
CA ILE H 117 -23.63 7.82 28.13
C ILE H 117 -24.15 9.10 28.73
N HIS H 118 -23.24 10.02 28.97
CA HIS H 118 -23.53 11.34 29.44
C HIS H 118 -23.69 12.17 28.14
N LEU H 119 -24.76 12.93 28.03
CA LEU H 119 -25.11 13.70 26.83
C LEU H 119 -25.29 15.23 26.96
N VAL H 120 -24.69 16.01 26.05
CA VAL H 120 -24.71 17.47 26.07
C VAL H 120 -25.12 17.97 24.69
N GLY H 121 -26.12 18.84 24.64
CA GLY H 121 -26.59 19.36 23.37
C GLY H 121 -26.98 20.83 23.47
N ARG H 122 -26.88 21.51 22.34
CA ARG H 122 -27.29 22.91 22.22
C ARG H 122 -27.93 23.13 20.86
N SER H 123 -28.79 24.15 20.78
CA SER H 123 -29.55 24.52 19.57
C SER H 123 -30.22 23.26 19.02
N ILE H 124 -30.04 22.93 17.74
CA ILE H 124 -30.67 21.74 17.16
C ILE H 124 -30.25 20.48 17.89
N GLY H 125 -29.01 20.44 18.38
CA GLY H 125 -28.51 19.25 19.06
C GLY H 125 -29.20 18.96 20.38
N VAL H 126 -29.67 19.99 21.08
CA VAL H 126 -30.39 19.71 22.31
C VAL H 126 -31.77 19.15 22.02
N MET H 127 -32.25 19.31 20.82
CA MET H 127 -33.50 18.74 20.49
C MET H 127 -33.28 17.25 20.24
N VAL H 128 -32.20 16.90 19.58
CA VAL H 128 -31.87 15.48 19.39
C VAL H 128 -31.48 14.83 20.70
N ALA H 129 -30.78 15.59 21.53
CA ALA H 129 -30.39 15.10 22.79
C ALA H 129 -31.62 14.85 23.61
N TYR H 130 -32.63 15.69 23.51
CA TYR H 130 -33.86 15.37 24.24
C TYR H 130 -34.57 14.17 23.62
N ALA H 131 -34.64 14.11 22.29
CA ALA H 131 -35.27 12.98 21.63
C ALA H 131 -34.56 11.66 21.94
N TYR H 132 -33.33 11.73 22.34
CA TYR H 132 -32.63 10.54 22.68
C TYR H 132 -33.14 10.12 24.01
N ALA H 133 -33.09 11.03 24.95
CA ALA H 133 -33.55 10.72 26.30
C ALA H 133 -35.04 10.35 26.32
N ALA H 134 -35.84 10.91 25.42
CA ALA H 134 -37.27 10.60 25.45
C ALA H 134 -37.54 9.19 24.91
N GLN H 135 -36.75 8.73 23.97
CA GLN H 135 -36.98 7.43 23.39
C GLN H 135 -36.32 6.25 24.12
N TRP H 136 -35.14 6.49 24.69
CA TRP H 136 -34.35 5.51 25.42
C TRP H 136 -33.82 6.11 26.70
N PRO H 137 -34.71 6.55 27.62
CA PRO H 137 -34.32 7.19 28.87
C PRO H 137 -33.35 6.35 29.68
N THR H 138 -33.43 5.03 29.56
CA THR H 138 -32.57 4.16 30.27
C THR H 138 -31.20 4.26 29.72
N GLU H 139 -31.03 4.91 28.56
CA GLU H 139 -29.67 4.89 28.04
C GLU H 139 -28.84 6.15 28.32
N ILE H 140 -29.47 7.17 28.86
CA ILE H 140 -28.74 8.36 29.17
C ILE H 140 -28.73 8.57 30.65
N VAL H 141 -27.55 8.50 31.21
CA VAL H 141 -27.35 8.65 32.64
C VAL H 141 -27.67 10.08 33.08
N LYS H 142 -27.08 11.07 32.41
CA LYS H 142 -27.31 12.48 32.71
C LYS H 142 -27.43 13.22 31.39
N LEU H 143 -28.20 14.30 31.40
CA LEU H 143 -28.41 15.07 30.20
C LEU H 143 -28.29 16.54 30.43
N ALA H 144 -27.54 17.23 29.58
CA ALA H 144 -27.34 18.66 29.71
C ALA H 144 -27.90 19.48 28.55
N MET H 145 -28.80 20.38 28.87
CA MET H 145 -29.47 21.18 27.90
C MET H 145 -28.89 22.57 27.90
N LEU H 146 -28.56 23.09 26.72
CA LEU H 146 -27.86 24.36 26.60
C LEU H 146 -28.61 25.32 25.68
N ASP H 147 -28.75 26.56 26.12
CA ASP H 147 -28.93 27.72 25.25
C ASP H 147 -30.30 27.84 24.60
N VAL H 148 -30.88 26.74 24.16
CA VAL H 148 -32.06 26.81 23.30
C VAL H 148 -33.19 25.96 23.87
N PRO H 149 -34.43 26.44 23.85
CA PRO H 149 -35.57 25.60 24.23
C PRO H 149 -35.93 24.62 23.13
N VAL H 150 -36.53 23.50 23.55
CA VAL H 150 -36.88 22.44 22.61
C VAL H 150 -38.34 22.62 22.19
N PRO H 151 -38.72 22.15 21.01
CA PRO H 151 -40.12 22.28 20.57
C PRO H 151 -41.09 21.61 21.53
N GLY H 152 -42.30 22.14 21.60
CA GLY H 152 -43.36 21.61 22.43
C GLY H 152 -43.49 22.26 23.80
N THR H 153 -42.43 22.82 24.35
CA THR H 153 -42.49 23.49 25.64
C THR H 153 -43.14 24.87 25.49
N ARG H 154 -43.50 25.47 26.59
CA ARG H 154 -44.10 26.76 26.54
C ARG H 154 -43.10 27.80 26.06
N ILE H 155 -41.86 27.71 26.49
CA ILE H 155 -40.86 28.69 26.11
C ILE H 155 -40.71 28.69 24.59
N TRP H 156 -40.81 27.52 23.99
CA TRP H 156 -40.77 27.42 22.53
C TRP H 156 -41.99 28.06 21.91
N ASP H 157 -43.19 27.74 22.41
CA ASP H 157 -44.40 28.25 21.79
C ASP H 157 -44.60 29.74 22.02
N GLU H 158 -44.03 30.29 23.10
CA GLU H 158 -44.19 31.70 23.37
C GLU H 158 -43.26 32.57 22.54
N ALA H 159 -42.07 32.07 22.18
CA ALA H 159 -41.27 32.77 21.21
C ALA H 159 -41.98 32.83 19.85
N LYS H 160 -42.71 31.76 19.51
CA LYS H 160 -43.42 31.74 18.24
C LYS H 160 -44.64 32.65 18.25
N ALA H 161 -45.44 32.63 19.33
CA ALA H 161 -46.64 33.46 19.36
C ALA H 161 -46.31 34.93 19.57
N SER H 162 -45.22 35.21 20.29
CA SER H 162 -44.73 36.57 20.44
C SER H 162 -44.20 37.17 19.15
N ALA H 163 -44.00 36.35 18.12
CA ALA H 163 -43.19 36.73 16.96
C ALA H 163 -41.84 37.25 17.43
N ASP H 164 -41.18 36.45 18.24
CA ASP H 164 -39.92 36.85 18.82
C ASP H 164 -38.99 37.23 17.68
N PRO H 165 -38.47 38.47 17.66
CA PRO H 165 -37.56 38.85 16.58
C PRO H 165 -36.33 37.96 16.52
N GLN H 166 -35.98 37.31 17.62
CA GLN H 166 -34.75 36.55 17.73
C GLN H 166 -34.84 35.19 17.08
N ILE H 167 -36.01 34.79 16.58
CA ILE H 167 -36.18 33.58 15.79
C ILE H 167 -36.78 33.93 14.42
N TRP H 168 -36.49 35.13 13.93
CA TRP H 168 -36.97 35.58 12.62
C TRP H 168 -36.66 34.61 11.49
N HIS H 169 -35.55 33.87 11.58
CA HIS H 169 -35.06 33.06 10.47
C HIS H 169 -35.83 31.77 10.25
N PHE H 170 -36.70 31.38 11.19
CA PHE H 170 -37.47 30.15 10.99
C PHE H 170 -38.24 30.19 9.67
N GLY H 171 -38.88 31.32 9.39
CA GLY H 171 -39.64 31.44 8.14
C GLY H 171 -38.80 31.23 6.90
N LEU H 172 -37.70 31.98 6.78
CA LEU H 172 -36.87 31.87 5.59
C LEU H 172 -36.33 30.44 5.42
N HIS H 173 -35.76 29.88 6.50
CA HIS H 173 -35.16 28.55 6.40
C HIS H 173 -36.19 27.50 6.00
N GLN H 174 -37.47 27.74 6.27
CA GLN H 174 -38.51 26.80 5.93
C GLN H 174 -39.00 26.93 4.49
N GLN H 175 -38.45 27.87 3.73
CA GLN H 175 -38.77 28.01 2.31
C GLN H 175 -37.82 27.12 1.53
N ARG H 176 -38.32 25.97 1.07
CA ARG H 176 -37.48 25.05 0.32
C ARG H 176 -37.01 25.69 -0.98
N ASP H 177 -35.72 25.54 -1.27
CA ASP H 177 -35.04 26.06 -2.46
C ASP H 177 -34.82 27.57 -2.41
N ILE H 178 -35.78 28.32 -1.89
CA ILE H 178 -35.66 29.77 -1.83
C ILE H 178 -34.52 30.17 -0.90
N ALA H 179 -34.46 29.55 0.28
CA ALA H 179 -33.38 29.86 1.21
C ALA H 179 -32.02 29.51 0.61
N GLU H 180 -31.92 28.34 -0.04
CA GLU H 180 -30.67 27.93 -0.64
C GLU H 180 -30.25 28.88 -1.76
N MET H 181 -31.20 29.31 -2.58
CA MET H 181 -30.87 30.20 -3.69
C MET H 181 -30.36 31.56 -3.19
N LEU H 182 -30.95 32.09 -2.11
CA LEU H 182 -30.55 33.40 -1.63
C LEU H 182 -29.19 33.37 -0.96
N ILE H 183 -28.94 32.35 -0.18
CA ILE H 183 -27.75 32.27 0.62
C ILE H 183 -26.52 31.61 0.06
N ALA H 184 -26.66 30.81 -0.97
CA ALA H 184 -25.55 30.15 -1.55
C ALA H 184 -24.62 31.17 -2.08
N GLY H 185 -23.37 31.04 -1.70
CA GLY H 185 -22.37 31.99 -2.09
C GLY H 185 -22.16 33.12 -1.13
N LYS H 186 -23.06 33.26 -0.18
CA LYS H 186 -22.97 34.31 0.82
C LYS H 186 -23.07 33.72 2.22
N GLU H 187 -22.60 32.48 2.37
CA GLU H 187 -22.67 31.80 3.66
C GLU H 187 -21.85 32.54 4.71
N ARG H 188 -20.72 33.05 4.33
CA ARG H 188 -19.89 33.72 5.26
C ARG H 188 -20.54 34.98 5.74
N ALA H 189 -21.11 35.75 4.86
CA ALA H 189 -21.76 36.95 5.28
C ALA H 189 -22.93 36.66 6.13
N TYR H 190 -23.72 35.69 5.77
CA TYR H 190 -24.92 35.36 6.49
C TYR H 190 -24.69 34.74 7.80
N ILE H 191 -23.71 33.86 7.93
CA ILE H 191 -23.51 33.17 9.19
C ILE H 191 -22.75 34.03 10.19
N LEU H 192 -21.77 34.81 9.74
CA LEU H 192 -21.05 35.69 10.65
C LEU H 192 -22.00 36.70 11.30
N ASP H 193 -22.91 37.27 10.50
CA ASP H 193 -23.89 38.21 11.04
C ASP H 193 -24.84 37.51 12.02
N PHE H 194 -25.34 36.33 11.65
CA PHE H 194 -26.18 35.56 12.56
C PHE H 194 -25.46 35.31 13.88
N TYR H 195 -24.20 34.99 13.80
CA TYR H 195 -23.45 34.70 14.97
C TYR H 195 -23.17 35.90 15.87
N LYS H 196 -22.69 37.00 15.31
CA LYS H 196 -22.29 38.15 16.10
C LYS H 196 -23.50 38.89 16.66
N LYS H 197 -24.64 38.82 15.99
CA LYS H 197 -25.85 39.47 16.49
C LYS H 197 -26.34 38.84 17.79
N ARG H 198 -25.97 37.59 18.07
CA ARG H 198 -26.43 36.86 19.24
C ARG H 198 -25.35 36.63 20.29
N THR H 199 -24.11 37.01 20.03
CA THR H 199 -23.03 36.84 20.99
C THR H 199 -22.93 38.05 21.90
N HIS H 200 -22.30 37.83 23.06
CA HIS H 200 -21.87 38.93 23.93
C HIS H 200 -20.37 38.95 24.13
N VAL H 201 -19.73 37.80 24.29
CA VAL H 201 -18.27 37.74 24.32
C VAL H 201 -17.76 37.88 22.90
N ALA H 202 -16.74 38.72 22.72
CA ALA H 202 -16.17 38.93 21.40
C ALA H 202 -15.52 37.64 20.90
N LEU H 203 -15.91 37.20 19.71
CA LEU H 203 -15.36 36.00 19.10
C LEU H 203 -14.50 36.38 17.90
N SER H 204 -13.64 35.44 17.51
CA SER H 204 -12.72 35.67 16.40
C SER H 204 -13.42 35.31 15.09
N ASN H 205 -13.22 36.15 14.07
CA ASN H 205 -13.80 35.88 12.76
C ASN H 205 -13.31 34.55 12.22
N ASP H 206 -12.04 34.22 12.50
CA ASP H 206 -11.47 32.97 11.99
C ASP H 206 -12.20 31.76 12.55
N ASP H 207 -12.71 31.86 13.79
CA ASP H 207 -13.44 30.73 14.36
C ASP H 207 -14.83 30.61 13.75
N ILE H 208 -15.55 31.73 13.63
CA ILE H 208 -16.88 31.69 13.03
C ILE H 208 -16.79 31.28 11.56
N ALA H 209 -15.68 31.63 10.90
CA ALA H 209 -15.52 31.25 9.51
C ALA H 209 -15.43 29.75 9.31
N VAL H 210 -14.99 29.01 10.34
CA VAL H 210 -14.96 27.55 10.24
C VAL H 210 -16.37 27.01 10.07
N TYR H 211 -17.33 27.54 10.82
CA TYR H 211 -18.72 27.13 10.65
C TYR H 211 -19.23 27.49 9.25
N ALA H 212 -19.03 28.74 8.84
CA ALA H 212 -19.58 29.21 7.57
C ALA H 212 -19.05 28.40 6.40
N ASP H 213 -17.74 28.11 6.40
CA ASP H 213 -17.15 27.36 5.30
C ASP H 213 -17.71 25.94 5.22
N ALA H 214 -18.03 25.34 6.37
CA ALA H 214 -18.67 24.02 6.36
C ALA H 214 -20.04 24.08 5.71
N TYR H 215 -20.82 25.12 6.01
CA TYR H 215 -22.15 25.21 5.43
C TYR H 215 -22.13 25.70 4.00
N ALA H 216 -20.97 26.10 3.47
CA ALA H 216 -20.85 26.40 2.05
C ALA H 216 -20.63 25.15 1.20
N ALA H 217 -20.30 24.02 1.83
CA ALA H 217 -20.02 22.79 1.12
C ALA H 217 -21.28 22.27 0.43
N PRO H 218 -21.12 21.47 -0.63
CA PRO H 218 -22.28 21.00 -1.39
C PRO H 218 -23.29 20.27 -0.51
N GLY H 219 -24.54 20.72 -0.56
CA GLY H 219 -25.62 20.12 0.19
C GLY H 219 -25.73 20.59 1.64
N ALA H 220 -24.72 21.29 2.16
CA ALA H 220 -24.73 21.64 3.57
C ALA H 220 -25.82 22.66 3.91
N LEU H 221 -26.09 23.58 3.00
CA LEU H 221 -27.20 24.51 3.20
C LEU H 221 -28.54 23.78 3.20
N ARG H 222 -28.77 22.93 2.20
CA ARG H 222 -30.04 22.20 2.14
C ARG H 222 -30.25 21.36 3.40
N ALA H 223 -29.24 20.59 3.79
CA ALA H 223 -29.39 19.70 4.94
C ALA H 223 -29.63 20.48 6.23
N GLY H 224 -28.94 21.60 6.41
CA GLY H 224 -29.19 22.44 7.57
C GLY H 224 -30.59 23.01 7.60
N PHE H 225 -31.10 23.41 6.44
CA PHE H 225 -32.44 24.00 6.37
C PHE H 225 -33.52 22.95 6.55
N GLU H 226 -33.25 21.69 6.19
CA GLU H 226 -34.24 20.65 6.40
C GLU H 226 -34.51 20.40 7.87
N LEU H 227 -33.57 20.74 8.75
CA LEU H 227 -33.84 20.69 10.18
C LEU H 227 -34.96 21.66 10.56
N TYR H 228 -34.97 22.84 9.96
CA TYR H 228 -36.03 23.81 10.24
C TYR H 228 -37.34 23.42 9.57
N ARG H 229 -37.26 22.82 8.37
CA ARG H 229 -38.48 22.43 7.68
C ARG H 229 -39.18 21.27 8.37
N ALA H 230 -38.48 20.54 9.23
CA ALA H 230 -39.05 19.43 10.00
C ALA H 230 -39.61 19.88 11.34
N PHE H 231 -39.53 21.18 11.67
CA PHE H 231 -40.02 21.67 12.94
C PHE H 231 -41.47 21.31 13.23
N PRO H 232 -42.43 21.44 12.31
CA PRO H 232 -43.81 21.02 12.65
C PRO H 232 -43.91 19.56 13.07
N GLN H 233 -43.24 18.65 12.37
CA GLN H 233 -43.26 17.25 12.77
C GLN H 233 -42.60 17.05 14.12
N ASP H 234 -41.50 17.76 14.37
CA ASP H 234 -40.83 17.67 15.67
C ASP H 234 -41.77 18.16 16.78
N GLU H 235 -42.52 19.23 16.52
CA GLU H 235 -43.43 19.77 17.53
C GLU H 235 -44.48 18.74 17.92
N THR H 236 -45.14 18.13 16.93
CA THR H 236 -46.14 17.10 17.21
C THR H 236 -45.53 15.97 18.02
N ARG H 237 -44.38 15.47 17.59
CA ARG H 237 -43.73 14.36 18.26
C ARG H 237 -43.25 14.70 19.65
N PHE H 238 -42.73 15.91 19.84
CA PHE H 238 -42.16 16.25 21.14
C PHE H 238 -43.24 16.37 22.19
N LYS H 239 -44.42 16.74 21.75
CA LYS H 239 -45.53 16.86 22.60
C LYS H 239 -45.76 15.51 23.24
N ALA H 240 -45.76 14.47 22.43
CA ALA H 240 -45.91 13.11 22.91
C ALA H 240 -44.88 12.77 23.95
N PHE H 241 -43.63 13.03 23.65
CA PHE H 241 -42.59 12.72 24.60
C PHE H 241 -42.83 13.52 25.83
N MET H 242 -43.54 14.62 25.68
CA MET H 242 -43.70 15.47 26.83
C MET H 242 -44.66 14.96 27.87
N LYS H 243 -45.62 14.14 27.47
CA LYS H 243 -46.49 13.49 28.42
C LYS H 243 -45.68 12.80 29.53
N HIS H 244 -44.64 12.07 29.17
CA HIS H 244 -43.84 11.47 30.21
C HIS H 244 -42.60 12.27 30.56
N LYS H 245 -42.47 12.61 31.80
CA LYS H 245 -41.35 13.42 32.24
C LYS H 245 -40.08 12.58 32.34
N LEU H 246 -38.94 13.22 32.10
CA LEU H 246 -37.68 12.49 32.05
C LEU H 246 -37.23 12.09 33.45
N PRO H 247 -36.71 10.86 33.64
CA PRO H 247 -36.30 10.41 34.98
C PRO H 247 -34.86 10.71 35.36
N MET H 248 -33.98 10.84 34.38
CA MET H 248 -32.57 11.05 34.66
C MET H 248 -32.30 12.48 35.11
N PRO H 249 -31.19 12.72 35.80
CA PRO H 249 -30.82 14.09 36.18
C PRO H 249 -30.59 14.94 34.94
N VAL H 250 -31.03 16.19 35.00
CA VAL H 250 -30.94 17.11 33.90
C VAL H 250 -30.32 18.42 34.32
N LEU H 251 -29.41 18.94 33.52
CA LEU H 251 -28.77 20.23 33.76
C LEU H 251 -29.15 21.17 32.62
N ALA H 252 -29.61 22.38 32.97
CA ALA H 252 -30.02 23.37 31.99
C ALA H 252 -29.20 24.64 32.20
N LEU H 253 -28.57 25.13 31.13
CA LEU H 253 -27.67 26.28 31.19
C LEU H 253 -27.93 27.20 30.01
N ALA H 254 -27.75 28.51 30.23
CA ALA H 254 -27.85 29.51 29.18
C ALA H 254 -27.22 30.81 29.65
N GLY H 255 -26.88 31.66 28.68
CA GLY H 255 -26.27 32.94 28.99
C GLY H 255 -27.29 34.00 29.37
N ASP H 256 -26.87 34.91 30.24
CA ASP H 256 -27.77 35.93 30.77
C ASP H 256 -28.19 36.95 29.71
N LYS H 257 -27.39 37.12 28.65
CA LYS H 257 -27.70 38.06 27.60
C LYS H 257 -28.50 37.43 26.47
N SER H 258 -28.95 36.19 26.64
CA SER H 258 -29.85 35.59 25.66
C SER H 258 -31.01 34.92 26.38
N ASN H 259 -31.05 33.59 26.37
CA ASN H 259 -32.21 32.90 26.93
C ASN H 259 -32.13 32.82 28.46
N GLY H 260 -30.93 32.84 29.03
CA GLY H 260 -30.76 32.96 30.46
C GLY H 260 -31.52 31.91 31.24
N ALA H 261 -32.31 32.37 32.23
CA ALA H 261 -33.04 31.49 33.14
C ALA H 261 -34.14 30.71 32.45
N LYS H 262 -34.52 31.09 31.23
CA LYS H 262 -35.60 30.40 30.53
C LYS H 262 -35.20 29.01 30.05
N GLU H 263 -33.90 28.67 30.10
CA GLU H 263 -33.51 27.28 29.84
C GLU H 263 -33.97 26.35 30.97
N LEU H 264 -33.96 26.85 32.21
CA LEU H 264 -34.40 26.02 33.32
C LEU H 264 -35.91 25.88 33.37
N ASP H 265 -36.64 26.96 33.07
CA ASP H 265 -38.09 26.86 33.00
C ASP H 265 -38.52 25.86 31.92
N MET H 266 -37.86 25.90 30.77
CA MET H 266 -38.15 24.96 29.70
C MET H 266 -37.83 23.53 30.11
N ALA H 267 -36.70 23.35 30.81
CA ALA H 267 -36.25 21.99 31.14
C ALA H 267 -37.15 21.29 32.14
N ARG H 268 -37.71 22.03 33.11
CA ARG H 268 -38.53 21.39 34.14
C ARG H 268 -39.89 20.93 33.62
N GLU H 269 -40.23 21.39 32.45
CA GLU H 269 -41.43 20.97 31.82
C GLU H 269 -41.25 19.55 31.37
N LEU H 270 -40.02 19.11 31.17
CA LEU H 270 -39.76 17.76 30.70
C LEU H 270 -39.02 16.77 31.61
N ALA H 271 -38.48 17.19 32.74
CA ALA H 271 -37.79 16.33 33.68
C ALA H 271 -38.10 16.76 35.11
N LEU H 272 -38.05 15.77 36.01
CA LEU H 272 -38.32 16.01 37.43
C LEU H 272 -37.09 16.44 38.22
N ASP H 273 -35.91 15.95 37.84
CA ASP H 273 -34.67 16.21 38.56
C ASP H 273 -33.87 17.20 37.70
N VAL H 274 -34.06 18.48 37.97
CA VAL H 274 -33.49 19.55 37.16
C VAL H 274 -32.74 20.51 38.07
N ARG H 275 -31.57 20.94 37.64
CA ARG H 275 -30.80 21.97 38.33
C ARG H 275 -30.27 22.86 37.23
N GLY H 276 -30.14 24.14 37.52
CA GLY H 276 -29.75 25.06 36.50
C GLY H 276 -28.76 26.13 36.91
N ALA H 277 -28.30 26.86 35.93
CA ALA H 277 -27.41 27.97 36.12
C ALA H 277 -27.53 28.93 34.96
N VAL H 278 -26.95 30.10 35.12
CA VAL H 278 -26.99 31.11 34.11
C VAL H 278 -25.65 31.75 34.06
N ALA H 279 -25.04 31.71 32.89
CA ALA H 279 -23.67 32.19 32.74
C ALA H 279 -23.66 33.72 32.72
N PRO H 280 -22.81 34.36 33.51
CA PRO H 280 -22.79 35.83 33.53
C PRO H 280 -22.09 36.40 32.30
N ASN H 281 -22.64 37.51 31.79
CA ASN H 281 -22.11 38.22 30.63
C ASN H 281 -21.83 37.28 29.45
N THR H 282 -22.84 36.51 29.10
CA THR H 282 -22.72 35.51 28.05
C THR H 282 -23.93 35.54 27.15
N GLY H 283 -23.70 35.40 25.84
CA GLY H 283 -24.78 35.39 24.89
C GLY H 283 -25.33 34.01 24.57
N HIS H 284 -25.60 33.78 23.28
CA HIS H 284 -26.30 32.60 22.83
C HIS H 284 -25.39 31.39 22.66
N TRP H 285 -24.09 31.57 22.48
CA TRP H 285 -23.17 30.50 22.10
C TRP H 285 -22.29 30.15 23.31
N LEU H 286 -22.86 29.35 24.21
CA LEU H 286 -22.15 29.01 25.45
C LEU H 286 -20.78 28.36 25.20
N PRO H 287 -20.65 27.31 24.38
CA PRO H 287 -19.32 26.74 24.17
C PRO H 287 -18.34 27.70 23.54
N ASP H 288 -18.82 28.62 22.70
CA ASP H 288 -17.92 29.59 22.08
C ASP H 288 -17.54 30.71 23.04
N GLU H 289 -18.50 31.22 23.81
CA GLU H 289 -18.29 32.45 24.56
C GLU H 289 -17.65 32.22 25.94
N ASN H 290 -18.14 31.22 26.68
CA ASN H 290 -17.69 30.99 28.07
C ASN H 290 -17.50 29.50 28.30
N PRO H 291 -16.46 28.90 27.71
CA PRO H 291 -16.21 27.47 27.96
C PRO H 291 -15.77 27.17 29.38
N ALA H 292 -15.12 28.12 30.05
CA ALA H 292 -14.69 27.89 31.43
C ALA H 292 -15.87 27.69 32.35
N PHE H 293 -16.89 28.54 32.23
CA PHE H 293 -18.12 28.35 33.01
C PHE H 293 -18.79 27.03 32.65
N LEU H 294 -18.88 26.72 31.36
CA LEU H 294 -19.56 25.51 30.92
C LEU H 294 -18.81 24.28 31.38
N THR H 295 -17.50 24.33 31.33
CA THR H 295 -16.70 23.19 31.70
C THR H 295 -16.98 22.74 33.13
N ARG H 296 -16.80 23.62 34.10
CA ARG H 296 -17.05 23.23 35.48
C ARG H 296 -18.46 22.82 35.71
N GLN H 297 -19.43 23.50 35.15
CA GLN H 297 -20.79 23.08 35.40
C GLN H 297 -21.16 21.66 35.01
N LEU H 298 -20.68 21.22 33.86
CA LEU H 298 -20.95 19.89 33.33
C LEU H 298 -20.22 18.87 34.15
N LEU H 299 -19.02 19.24 34.48
CA LEU H 299 -18.17 18.31 35.23
C LEU H 299 -18.72 18.10 36.62
N ASP H 300 -19.16 19.18 37.27
CA ASP H 300 -19.82 19.03 38.56
C ASP H 300 -21.11 18.25 38.42
N PHE H 301 -21.80 18.44 37.31
CA PHE H 301 -23.02 17.69 37.08
C PHE H 301 -22.69 16.20 36.97
N PHE H 302 -21.49 15.93 36.50
CA PHE H 302 -21.10 14.57 36.31
C PHE H 302 -20.53 14.00 37.56
N ARG H 303 -19.78 14.82 38.29
CA ARG H 303 -19.12 14.44 39.52
C ARG H 303 -20.02 14.04 40.69
N GLU H 304 -21.25 14.53 40.67
CA GLU H 304 -22.23 14.24 41.69
C GLU H 304 -22.30 12.82 42.21
#